data_6NKK
#
_entry.id   6NKK
#
_cell.length_a   209.586
_cell.length_b   117.248
_cell.length_c   64.809
_cell.angle_alpha   90.000
_cell.angle_beta   107.960
_cell.angle_gamma   90.000
#
_symmetry.space_group_name_H-M   'C 1 2 1'
#
loop_
_entity.id
_entity.type
_entity.pdbx_description
1 polymer 'Short chain dehydrogenase'
2 non-polymer 'NADP NICOTINAMIDE-ADENINE-DINUCLEOTIDE PHOSPHATE'
3 non-polymer (5aS,12aS,13aS)-12,12-dimethyl-2,3,11,12,12a,13-hexahydro-1H,5H,6H-5a,13a-(epiminomethano)indolizino[7,6-b]carbazol-14-one
4 water water
#
_entity_poly.entity_id   1
_entity_poly.type   'polypeptide(L)'
_entity_poly.pdbx_seq_one_letter_code
;MTPAPTPRTDQLHGSRVLVIGGTSGIGFAVCAAALGHGAIVTIVGSNAQKLKDSVARLKSSFPSTDPDDIVAVRCDLSNS
DTVEQDIEKALQLAAGNSKINHIVITAADMTAPPPLEDLTVDSVQRPGIIRLVAPLMVAKHLPKYMNKCPQSSLTLTSGA
HCLRPDPGWTVISGYCGAVEAMSRGLAIDLKPLRVNVVAPGAVLTEAVKDILGDAYDAAVEMAEAKSTVGQTGSPESVAQ
AYIYLMKDHYASGSVVSTNGGMLLV
;
_entity_poly.pdbx_strand_id   A,B,C,D,E,F
#
# COMPACT_ATOMS: atom_id res chain seq x y z
N THR A 9 20.07 24.62 29.89
CA THR A 9 18.82 23.91 30.19
C THR A 9 18.25 23.30 28.90
N ASP A 10 18.53 23.94 27.76
CA ASP A 10 17.99 23.51 26.47
C ASP A 10 19.01 22.64 25.75
N GLN A 11 18.54 21.55 25.15
CA GLN A 11 19.41 20.58 24.51
C GLN A 11 19.52 20.80 23.00
N LEU A 12 18.92 21.86 22.47
CA LEU A 12 19.14 22.28 21.08
C LEU A 12 20.03 23.50 21.00
N HIS A 13 20.63 23.92 22.11
CA HIS A 13 21.42 25.15 22.12
C HIS A 13 22.65 25.06 21.23
N GLY A 14 23.60 24.18 21.58
CA GLY A 14 24.79 24.10 20.78
C GLY A 14 24.72 23.26 19.52
N SER A 15 23.55 22.78 19.13
CA SER A 15 23.47 21.77 18.09
C SER A 15 23.46 22.40 16.70
N ARG A 16 23.96 21.64 15.73
CA ARG A 16 24.12 22.12 14.35
C ARG A 16 22.97 21.57 13.52
N VAL A 17 22.20 22.48 12.91
CA VAL A 17 21.03 22.11 12.14
C VAL A 17 21.24 22.54 10.70
N LEU A 18 21.08 21.59 9.78
CA LEU A 18 21.16 21.84 8.35
C LEU A 18 19.77 21.66 7.76
N VAL A 19 19.19 22.74 7.25
CA VAL A 19 17.84 22.73 6.69
C VAL A 19 17.97 22.83 5.17
N ILE A 20 17.94 21.69 4.50
CA ILE A 20 17.98 21.67 3.04
C ILE A 20 16.60 22.07 2.53
N GLY A 21 16.49 23.30 2.04
CA GLY A 21 15.21 23.88 1.69
C GLY A 21 14.66 24.88 2.69
N GLY A 22 15.53 25.62 3.38
CA GLY A 22 15.14 26.57 4.39
C GLY A 22 14.96 27.99 3.91
N THR A 23 14.91 28.22 2.59
CA THR A 23 14.78 29.57 2.05
C THR A 23 13.34 30.04 1.98
N SER A 24 12.36 29.15 2.13
CA SER A 24 10.97 29.55 2.02
C SER A 24 10.08 28.56 2.76
N GLY A 25 8.92 29.05 3.19
CA GLY A 25 7.84 28.15 3.56
C GLY A 25 8.13 27.37 4.83
N ILE A 26 7.84 26.06 4.75
CA ILE A 26 7.94 25.20 5.92
C ILE A 26 9.38 25.12 6.41
N GLY A 27 10.32 24.83 5.49
CA GLY A 27 11.71 24.74 5.88
C GLY A 27 12.23 26.03 6.50
N PHE A 28 11.74 27.17 6.02
CA PHE A 28 12.15 28.45 6.59
C PHE A 28 11.67 28.58 8.03
N ALA A 29 10.42 28.21 8.28
CA ALA A 29 9.90 28.24 9.65
C ALA A 29 10.67 27.31 10.57
N VAL A 30 11.23 26.22 10.03
CA VAL A 30 12.02 25.32 10.84
C VAL A 30 13.32 25.99 11.28
N CYS A 31 13.89 26.85 10.42
CA CYS A 31 15.10 27.56 10.83
C CYS A 31 14.78 28.65 11.83
N ALA A 32 13.59 29.25 11.73
CA ALA A 32 13.15 30.22 12.71
C ALA A 32 12.97 29.55 14.07
N ALA A 33 12.28 28.41 14.10
CA ALA A 33 12.11 27.68 15.35
C ALA A 33 13.44 27.21 15.91
N ALA A 34 14.32 26.68 15.04
CA ALA A 34 15.63 26.23 15.48
C ALA A 34 16.44 27.36 16.10
N LEU A 35 16.39 28.56 15.50
CA LEU A 35 17.12 29.68 16.07
C LEU A 35 16.51 30.16 17.39
N GLY A 36 15.22 29.92 17.58
CA GLY A 36 14.60 30.23 18.85
C GLY A 36 15.16 29.41 20.00
N HIS A 37 15.62 28.20 19.71
CA HIS A 37 16.28 27.35 20.69
C HIS A 37 17.80 27.54 20.70
N GLY A 38 18.31 28.50 19.94
CA GLY A 38 19.73 28.80 19.94
C GLY A 38 20.58 27.92 19.05
N ALA A 39 19.97 27.17 18.13
CA ALA A 39 20.75 26.27 17.29
C ALA A 39 21.55 27.06 16.26
N ILE A 40 22.57 26.40 15.73
CA ILE A 40 23.39 26.92 14.64
C ILE A 40 22.80 26.39 13.34
N VAL A 41 22.32 27.28 12.48
CA VAL A 41 21.50 26.90 11.34
C VAL A 41 22.27 27.19 10.05
N THR A 42 22.36 26.17 9.20
CA THR A 42 22.86 26.30 7.84
C THR A 42 21.70 26.14 6.88
N ILE A 43 21.53 27.11 5.98
CA ILE A 43 20.39 27.15 5.08
C ILE A 43 20.87 26.81 3.67
N VAL A 44 20.09 25.99 2.97
CA VAL A 44 20.45 25.56 1.62
C VAL A 44 19.28 25.87 0.69
N GLY A 45 19.58 26.51 -0.44
CA GLY A 45 18.56 26.83 -1.42
C GLY A 45 19.19 26.91 -2.79
N SER A 46 18.36 27.20 -3.79
CA SER A 46 18.80 27.33 -5.17
C SER A 46 18.70 28.74 -5.70
N ASN A 47 18.00 29.60 -4.99
CA ASN A 47 17.76 30.97 -5.44
C ASN A 47 18.65 31.89 -4.63
N ALA A 48 19.66 32.47 -5.28
CA ALA A 48 20.62 33.31 -4.57
C ALA A 48 19.91 34.47 -3.89
N GLN A 49 18.79 34.92 -4.46
CA GLN A 49 18.06 36.06 -3.91
C GLN A 49 17.18 35.64 -2.75
N LYS A 50 16.50 34.49 -2.87
CA LYS A 50 15.72 33.99 -1.76
C LYS A 50 16.60 33.45 -0.64
N LEU A 51 17.89 33.26 -0.91
CA LEU A 51 18.84 32.87 0.12
C LEU A 51 19.47 34.04 0.86
N LYS A 52 19.70 35.17 0.19
CA LYS A 52 20.14 36.36 0.92
C LYS A 52 18.99 36.98 1.71
N ASP A 53 17.78 36.96 1.14
CA ASP A 53 16.61 37.48 1.84
C ASP A 53 16.29 36.65 3.08
N SER A 54 16.45 35.34 3.00
CA SER A 54 16.14 34.48 4.15
C SER A 54 17.12 34.70 5.29
N VAL A 55 18.42 34.84 4.99
CA VAL A 55 19.37 35.08 6.05
C VAL A 55 19.19 36.49 6.62
N ALA A 56 18.76 37.43 5.79
CA ALA A 56 18.49 38.78 6.27
C ALA A 56 17.25 38.80 7.16
N ARG A 57 16.19 38.09 6.77
CA ARG A 57 14.96 38.08 7.55
C ARG A 57 15.14 37.33 8.87
N LEU A 58 16.19 36.53 8.99
CA LEU A 58 16.48 35.81 10.23
C LEU A 58 17.43 36.56 11.14
N LYS A 59 18.11 37.59 10.63
CA LYS A 59 18.93 38.46 11.45
C LYS A 59 18.19 39.72 11.88
N SER A 60 16.94 39.89 11.44
CA SER A 60 16.06 40.92 11.98
C SER A 60 15.03 40.37 12.94
N SER A 61 14.78 39.06 12.94
CA SER A 61 13.96 38.43 13.96
C SER A 61 14.77 37.88 15.13
N PHE A 62 16.08 37.70 14.97
CA PHE A 62 16.95 37.32 16.08
C PHE A 62 18.22 38.16 16.05
N PRO A 63 18.14 39.43 16.46
CA PRO A 63 19.33 40.28 16.42
C PRO A 63 20.38 39.94 17.47
N SER A 64 20.03 39.21 18.53
CA SER A 64 21.02 38.83 19.53
C SER A 64 21.85 37.62 19.10
N THR A 65 21.32 36.80 18.20
CA THR A 65 22.06 35.64 17.71
C THR A 65 23.36 36.05 17.02
N ASP A 66 24.42 35.31 17.33
CA ASP A 66 25.70 35.49 16.66
C ASP A 66 25.52 35.35 15.16
N PRO A 67 26.07 36.26 14.34
CA PRO A 67 25.90 36.15 12.89
C PRO A 67 26.38 34.83 12.31
N ASP A 68 27.32 34.17 12.98
CA ASP A 68 27.83 32.89 12.49
C ASP A 68 26.88 31.73 12.76
N ASP A 69 25.79 31.96 13.50
CA ASP A 69 24.78 30.92 13.63
C ASP A 69 23.80 30.90 12.47
N ILE A 70 23.88 31.88 11.55
CA ILE A 70 23.00 31.88 10.38
C ILE A 70 23.84 32.01 9.12
N VAL A 71 24.32 30.88 8.59
CA VAL A 71 25.11 30.86 7.38
C VAL A 71 24.34 30.10 6.31
N ALA A 72 24.54 30.49 5.06
CA ALA A 72 23.77 29.92 3.97
C ALA A 72 24.70 29.45 2.85
N VAL A 73 24.21 28.46 2.11
CA VAL A 73 24.96 27.89 1.00
C VAL A 73 23.98 27.67 -0.15
N ARG A 74 24.45 28.01 -1.34
CA ARG A 74 23.67 27.92 -2.56
C ARG A 74 23.89 26.55 -3.22
N CYS A 75 22.80 25.82 -3.44
CA CYS A 75 22.87 24.47 -4.03
C CYS A 75 21.72 24.32 -5.02
N ASP A 76 21.99 23.77 -6.20
CA ASP A 76 20.93 23.38 -7.12
C ASP A 76 20.89 21.85 -7.09
N LEU A 77 19.86 21.32 -6.44
CA LEU A 77 19.73 19.88 -6.23
C LEU A 77 18.80 19.24 -7.25
N SER A 78 18.27 20.03 -8.17
CA SER A 78 17.48 19.54 -9.29
C SER A 78 18.35 19.02 -10.44
N ASN A 79 19.67 19.10 -10.35
CA ASN A 79 20.51 18.71 -11.48
C ASN A 79 21.39 17.55 -11.08
N SER A 80 21.39 16.50 -11.92
CA SER A 80 22.02 15.24 -11.57
C SER A 80 23.53 15.30 -11.61
N ASP A 81 24.09 16.13 -12.50
CA ASP A 81 25.54 16.22 -12.68
C ASP A 81 26.28 16.93 -11.56
N THR A 82 25.58 17.46 -10.56
CA THR A 82 26.17 18.16 -9.42
C THR A 82 25.42 18.04 -8.10
N VAL A 83 24.44 17.15 -7.98
CA VAL A 83 23.66 17.10 -6.76
C VAL A 83 24.46 16.37 -5.67
N GLU A 84 25.31 15.43 -6.04
CA GLU A 84 26.14 14.77 -5.06
C GLU A 84 27.19 15.69 -4.50
N GLN A 85 27.84 16.45 -5.36
CA GLN A 85 28.89 17.40 -4.96
C GLN A 85 28.37 18.56 -4.12
N ASP A 86 27.23 19.08 -4.50
CA ASP A 86 26.61 20.14 -3.75
C ASP A 86 26.24 19.69 -2.35
N ILE A 87 25.70 18.50 -2.22
CA ILE A 87 25.34 17.92 -0.96
C ILE A 87 26.55 17.76 -0.12
N GLU A 88 27.62 17.29 -0.71
CA GLU A 88 28.84 17.14 0.01
C GLU A 88 29.32 18.46 0.58
N LYS A 89 29.32 19.54 -0.18
CA LYS A 89 29.78 20.80 0.37
C LYS A 89 28.85 21.34 1.43
N ALA A 90 27.60 21.18 1.22
CA ALA A 90 26.71 21.67 2.23
C ALA A 90 27.02 21.01 3.53
N LEU A 91 27.31 19.71 3.51
CA LEU A 91 27.60 19.01 4.71
C LEU A 91 28.81 19.46 5.40
N GLN A 92 29.84 19.78 4.66
CA GLN A 92 31.13 20.10 5.24
C GLN A 92 31.12 21.41 6.03
N LEU A 93 30.46 22.44 5.48
CA LEU A 93 30.40 23.74 6.17
C LEU A 93 29.35 23.77 7.27
N ALA A 94 28.27 22.97 7.13
CA ALA A 94 27.28 22.91 8.20
C ALA A 94 27.89 22.29 9.45
N ALA A 95 28.73 21.27 9.27
CA ALA A 95 29.44 20.68 10.40
C ALA A 95 30.48 21.66 10.94
N GLY A 96 31.11 22.41 10.06
CA GLY A 96 32.20 23.30 10.44
C GLY A 96 33.33 22.56 11.12
N ASN A 97 33.65 23.07 12.27
CA ASN A 97 34.71 22.59 13.15
C ASN A 97 34.39 21.24 13.70
N SER A 98 33.13 21.11 14.05
CA SER A 98 32.53 19.99 14.69
C SER A 98 31.66 19.08 13.80
N LYS A 99 30.56 18.54 14.31
CA LYS A 99 29.71 17.68 13.55
C LYS A 99 28.33 18.16 13.52
N ILE A 100 27.63 17.74 12.50
CA ILE A 100 26.22 18.12 12.34
C ILE A 100 25.35 17.29 13.27
N ASN A 101 24.35 17.92 13.87
CA ASN A 101 23.45 17.23 14.79
C ASN A 101 22.12 16.84 14.17
N HIS A 102 21.52 17.68 13.33
CA HIS A 102 20.26 17.32 12.67
C HIS A 102 20.20 17.90 11.27
N ILE A 103 19.54 17.16 10.38
CA ILE A 103 19.34 17.54 8.99
C ILE A 103 17.84 17.49 8.72
N VAL A 104 17.33 18.52 8.05
CA VAL A 104 15.91 18.62 7.73
C VAL A 104 15.79 18.89 6.24
N ILE A 105 15.02 18.08 5.53
CA ILE A 105 14.87 18.26 4.09
C ILE A 105 13.40 18.48 3.76
N THR A 106 13.13 19.62 3.12
CA THR A 106 11.81 20.01 2.64
C THR A 106 11.86 20.37 1.17
N ALA A 107 13.03 20.26 0.53
CA ALA A 107 13.22 20.79 -0.81
C ALA A 107 12.33 20.07 -1.82
N ALA A 108 11.66 20.84 -2.66
CA ALA A 108 10.76 20.30 -3.67
C ALA A 108 10.60 21.33 -4.77
N ASP A 109 10.25 20.87 -5.97
CA ASP A 109 10.19 21.77 -7.11
C ASP A 109 8.99 22.71 -7.02
N MET A 110 7.90 22.26 -6.42
CA MET A 110 6.70 23.08 -6.22
C MET A 110 6.23 23.72 -7.53
N THR A 111 6.14 22.89 -8.56
CA THR A 111 5.58 23.30 -9.85
C THR A 111 4.58 22.24 -10.28
N ALA A 112 3.47 22.69 -10.85
CA ALA A 112 2.40 21.77 -11.22
C ALA A 112 2.90 20.77 -12.26
N PRO A 113 2.66 19.47 -12.07
CA PRO A 113 3.04 18.49 -13.07
C PRO A 113 2.10 18.58 -14.26
N PRO A 114 2.48 18.03 -15.41
CA PRO A 114 1.58 18.04 -16.56
C PRO A 114 0.42 17.09 -16.36
N PRO A 115 -0.69 17.31 -17.05
CA PRO A 115 -1.80 16.35 -16.98
C PRO A 115 -1.39 15.01 -17.58
N LEU A 116 -2.22 13.99 -17.32
CA LEU A 116 -1.95 12.64 -17.80
C LEU A 116 -2.02 12.57 -19.32
N GLU A 117 -2.68 13.54 -19.95
CA GLU A 117 -2.71 13.61 -21.41
C GLU A 117 -1.33 13.81 -22.02
N ASP A 118 -0.45 14.52 -21.32
CA ASP A 118 0.88 14.85 -21.83
C ASP A 118 2.01 14.26 -21.00
N LEU A 119 1.73 13.28 -20.14
CA LEU A 119 2.78 12.68 -19.32
C LEU A 119 3.95 12.22 -20.19
N THR A 120 5.17 12.57 -19.77
CA THR A 120 6.40 12.24 -20.46
C THR A 120 7.29 11.43 -19.53
N VAL A 121 8.16 10.61 -20.12
CA VAL A 121 9.12 9.86 -19.32
C VAL A 121 9.95 10.80 -18.45
N ASP A 122 10.22 12.01 -18.95
CA ASP A 122 11.03 12.96 -18.20
C ASP A 122 10.19 13.69 -17.15
N SER A 123 8.92 13.96 -17.45
CA SER A 123 8.03 14.52 -16.43
C SER A 123 8.00 13.65 -15.19
N VAL A 124 8.04 12.34 -15.36
CA VAL A 124 7.95 11.42 -14.23
C VAL A 124 9.30 11.33 -13.51
N GLN A 125 10.40 11.42 -14.25
CA GLN A 125 11.71 11.14 -13.71
C GLN A 125 12.45 12.35 -13.14
N ARG A 126 12.13 13.54 -13.59
CA ARG A 126 12.84 14.70 -13.10
C ARG A 126 12.64 15.00 -11.62
N PRO A 127 11.44 14.91 -11.11
CA PRO A 127 11.23 15.10 -9.66
C PRO A 127 12.05 14.17 -8.78
N GLY A 128 12.44 12.99 -9.27
CA GLY A 128 13.18 12.05 -8.44
C GLY A 128 14.55 12.53 -8.03
N ILE A 129 15.14 13.45 -8.78
CA ILE A 129 16.48 13.92 -8.42
C ILE A 129 16.44 14.71 -7.11
N ILE A 130 15.42 15.57 -6.93
CA ILE A 130 15.37 16.37 -5.71
C ILE A 130 14.61 15.65 -4.60
N ARG A 131 13.63 14.82 -4.96
CA ARG A 131 12.83 14.13 -3.95
C ARG A 131 13.49 12.85 -3.48
N LEU A 132 14.16 12.12 -4.37
CA LEU A 132 14.75 10.83 -4.02
C LEU A 132 16.27 10.81 -4.03
N VAL A 133 16.91 11.41 -5.04
CA VAL A 133 18.36 11.27 -5.16
C VAL A 133 19.08 12.16 -4.15
N ALA A 134 18.59 13.39 -3.97
CA ALA A 134 19.20 14.28 -2.98
C ALA A 134 19.15 13.70 -1.57
N PRO A 135 18.00 13.22 -1.05
CA PRO A 135 18.05 12.59 0.28
C PRO A 135 18.96 11.37 0.35
N LEU A 136 18.97 10.54 -0.68
CA LEU A 136 19.85 9.38 -0.69
C LEU A 136 21.32 9.80 -0.74
N MET A 137 21.61 10.89 -1.46
CA MET A 137 22.97 11.42 -1.45
C MET A 137 23.34 12.00 -0.10
N VAL A 138 22.36 12.54 0.63
CA VAL A 138 22.60 12.99 2.00
C VAL A 138 22.97 11.81 2.89
N ALA A 139 22.22 10.71 2.80
CA ALA A 139 22.52 9.54 3.61
C ALA A 139 23.85 8.91 3.23
N LYS A 140 24.28 9.06 1.98
CA LYS A 140 25.53 8.44 1.54
C LYS A 140 26.74 9.08 2.19
N HIS A 141 26.70 10.40 2.41
CA HIS A 141 27.88 11.15 2.80
C HIS A 141 27.84 11.70 4.23
N LEU A 142 26.68 11.64 4.90
CA LEU A 142 26.60 12.19 6.24
C LEU A 142 27.49 11.49 7.29
N PRO A 143 27.85 10.20 7.18
CA PRO A 143 28.68 9.60 8.24
C PRO A 143 29.96 10.35 8.58
N LYS A 144 30.64 10.99 7.61
CA LYS A 144 31.81 11.79 7.97
C LYS A 144 31.42 13.11 8.63
N TYR A 145 30.16 13.52 8.53
CA TYR A 145 29.73 14.82 9.04
C TYR A 145 28.71 14.74 10.15
N MET A 146 28.24 13.54 10.51
CA MET A 146 27.34 13.35 11.64
C MET A 146 27.79 12.16 12.47
N ASN A 147 27.52 12.22 13.77
CA ASN A 147 27.58 11.03 14.60
C ASN A 147 26.27 10.29 14.39
N LYS A 148 26.36 9.05 13.93
CA LYS A 148 25.16 8.23 13.77
C LYS A 148 24.83 7.64 15.13
N CYS A 149 24.27 8.49 15.97
CA CYS A 149 23.94 8.22 17.36
C CYS A 149 22.48 8.59 17.58
N PRO A 150 21.78 7.95 18.52
CA PRO A 150 20.36 8.30 18.73
C PRO A 150 20.10 9.76 19.08
N GLN A 151 21.09 10.54 19.49
CA GLN A 151 20.72 11.93 19.65
C GLN A 151 20.82 12.69 18.32
N SER A 152 21.15 12.01 17.22
CA SER A 152 21.18 12.64 15.90
C SER A 152 19.92 12.27 15.13
N SER A 153 19.54 13.13 14.20
CA SER A 153 18.27 12.97 13.49
C SER A 153 18.41 13.36 12.03
N LEU A 154 17.68 12.66 11.18
CA LEU A 154 17.44 13.04 9.80
C LEU A 154 15.95 13.05 9.56
N THR A 155 15.41 14.16 9.05
CA THR A 155 13.98 14.29 8.84
C THR A 155 13.69 14.63 7.39
N LEU A 156 12.86 13.80 6.76
CA LEU A 156 12.40 14.03 5.40
C LEU A 156 10.98 14.60 5.45
N THR A 157 10.42 14.85 4.27
CA THR A 157 9.13 15.52 4.17
C THR A 157 8.21 14.76 3.25
N SER A 158 6.94 14.68 3.64
CA SER A 158 5.88 13.93 2.97
C SER A 158 4.64 14.82 2.95
N GLY A 159 3.49 14.21 2.74
CA GLY A 159 2.28 14.98 2.97
C GLY A 159 1.08 14.06 3.11
N ALA A 160 -0.04 14.68 3.51
CA ALA A 160 -1.29 13.95 3.58
C ALA A 160 -1.77 13.51 2.20
N HIS A 161 -1.32 14.22 1.15
CA HIS A 161 -1.62 13.85 -0.22
C HIS A 161 -1.09 12.48 -0.58
N CYS A 162 -0.15 11.93 0.20
CA CYS A 162 0.28 10.56 -0.03
C CYS A 162 -0.84 9.57 0.29
N LEU A 163 -1.78 9.96 1.14
CA LEU A 163 -2.98 9.17 1.41
C LEU A 163 -4.24 9.77 0.83
N ARG A 164 -4.29 11.10 0.66
CA ARG A 164 -5.41 11.78 0.00
C ARG A 164 -4.85 12.62 -1.14
N PRO A 165 -4.45 12.02 -2.19
CA PRO A 165 -3.84 12.77 -3.24
C PRO A 165 -4.81 13.77 -3.93
N ASP A 166 -4.19 14.85 -4.37
CA ASP A 166 -4.84 15.90 -5.07
C ASP A 166 -4.80 15.67 -6.56
N PRO A 167 -5.86 15.99 -7.24
CA PRO A 167 -5.90 15.90 -8.68
C PRO A 167 -5.04 16.98 -9.32
N GLY A 168 -4.45 16.80 -10.48
CA GLY A 168 -3.71 15.66 -10.89
C GLY A 168 -2.27 15.68 -10.50
N TRP A 169 -2.02 15.45 -9.24
CA TRP A 169 -0.70 15.43 -8.71
C TRP A 169 -0.35 14.02 -8.32
N THR A 170 -0.88 13.06 -9.03
CA THR A 170 -0.66 11.65 -8.71
C THR A 170 0.82 11.31 -8.65
N VAL A 171 1.62 11.84 -9.59
CA VAL A 171 3.04 11.49 -9.65
C VAL A 171 3.76 11.99 -8.40
N ILE A 172 3.38 13.18 -7.90
CA ILE A 172 4.06 13.70 -6.73
C ILE A 172 3.55 13.01 -5.47
N SER A 173 2.32 12.50 -5.49
CA SER A 173 1.88 11.61 -4.41
C SER A 173 2.75 10.37 -4.38
N GLY A 174 3.11 9.85 -5.56
CA GLY A 174 4.01 8.71 -5.61
C GLY A 174 5.36 9.01 -4.98
N TYR A 175 5.96 10.14 -5.36
CA TYR A 175 7.28 10.47 -4.83
C TYR A 175 7.25 10.69 -3.33
N CYS A 176 6.20 11.34 -2.83
CA CYS A 176 6.06 11.49 -1.38
C CYS A 176 5.83 10.15 -0.69
N GLY A 177 5.10 9.24 -1.35
CA GLY A 177 5.00 7.88 -0.84
C GLY A 177 6.33 7.16 -0.84
N ALA A 178 7.18 7.45 -1.84
CA ALA A 178 8.51 6.85 -1.88
C ALA A 178 9.39 7.39 -0.76
N VAL A 179 9.25 8.67 -0.42
CA VAL A 179 10.04 9.26 0.64
C VAL A 179 9.74 8.57 1.97
N GLU A 180 8.47 8.22 2.21
CA GLU A 180 8.11 7.60 3.49
C GLU A 180 8.73 6.21 3.62
N ALA A 181 8.66 5.40 2.56
CA ALA A 181 9.24 4.06 2.61
C ALA A 181 10.76 4.10 2.75
N MET A 182 11.43 4.97 1.99
CA MET A 182 12.89 5.04 2.11
C MET A 182 13.30 5.54 3.48
N SER A 183 12.56 6.52 4.03
CA SER A 183 12.72 6.94 5.41
C SER A 183 12.89 5.74 6.34
N ARG A 184 12.01 4.74 6.20
CA ARG A 184 12.11 3.56 7.04
C ARG A 184 13.35 2.76 6.70
N GLY A 185 13.67 2.64 5.41
CA GLY A 185 14.88 1.93 5.01
C GLY A 185 16.15 2.60 5.52
N LEU A 186 16.18 3.93 5.51
CA LEU A 186 17.36 4.64 5.98
C LEU A 186 17.49 4.62 7.50
N ALA A 187 16.38 4.40 8.22
CA ALA A 187 16.50 4.21 9.66
C ALA A 187 17.24 2.92 9.98
N ILE A 188 17.20 1.95 9.07
CA ILE A 188 17.98 0.72 9.23
C ILE A 188 19.35 0.85 8.60
N ASP A 189 19.44 1.48 7.43
CA ASP A 189 20.75 1.73 6.83
C ASP A 189 21.60 2.58 7.75
N LEU A 190 21.01 3.62 8.34
CA LEU A 190 21.74 4.59 9.14
C LEU A 190 21.64 4.35 10.65
N LYS A 191 21.12 3.20 11.09
CA LYS A 191 21.02 2.94 12.52
C LYS A 191 22.40 3.00 13.18
N PRO A 192 22.48 3.47 14.43
CA PRO A 192 21.38 3.87 15.31
C PRO A 192 20.93 5.32 15.13
N LEU A 193 21.38 5.98 14.06
CA LEU A 193 20.88 7.32 13.78
C LEU A 193 19.38 7.25 13.48
N ARG A 194 18.69 8.34 13.77
CA ARG A 194 17.24 8.40 13.69
C ARG A 194 16.84 9.06 12.38
N VAL A 195 15.88 8.44 11.68
CA VAL A 195 15.35 8.95 10.44
C VAL A 195 13.83 8.95 10.55
N ASN A 196 13.21 10.06 10.16
CA ASN A 196 11.76 10.20 10.29
C ASN A 196 11.25 11.11 9.19
N VAL A 197 9.93 11.20 9.11
CA VAL A 197 9.25 11.98 8.09
C VAL A 197 8.14 12.79 8.75
N VAL A 198 7.92 14.01 8.24
CA VAL A 198 6.77 14.84 8.61
C VAL A 198 5.83 14.90 7.41
N ALA A 199 4.54 14.68 7.65
CA ALA A 199 3.52 14.70 6.60
C ALA A 199 2.56 15.86 6.85
N PRO A 200 2.88 17.06 6.37
CA PRO A 200 1.97 18.19 6.56
C PRO A 200 0.73 18.05 5.70
N GLY A 201 -0.29 18.84 6.04
CA GLY A 201 -1.55 18.82 5.33
C GLY A 201 -1.67 19.98 4.37
N ALA A 202 -2.38 21.03 4.79
CA ALA A 202 -2.56 22.24 4.00
C ALA A 202 -1.86 23.40 4.70
N VAL A 203 -0.73 23.82 4.14
CA VAL A 203 0.03 24.96 4.66
C VAL A 203 0.08 26.00 3.55
N LEU A 204 -0.41 27.19 3.84
CA LEU A 204 -0.52 28.24 2.82
C LEU A 204 0.83 28.96 2.70
N THR A 205 1.82 28.24 2.18
CA THR A 205 3.07 28.92 1.95
C THR A 205 3.01 29.75 0.67
N GLU A 206 4.04 30.60 0.49
CA GLU A 206 4.12 31.46 -0.70
C GLU A 206 4.22 30.69 -2.02
N ALA A 207 4.75 29.46 -1.98
CA ALA A 207 4.75 28.60 -3.16
C ALA A 207 3.35 28.14 -3.54
N VAL A 208 2.49 27.91 -2.53
CA VAL A 208 1.14 27.39 -2.78
C VAL A 208 0.23 28.43 -3.41
N LYS A 209 0.34 29.70 -3.00
CA LYS A 209 -0.44 30.70 -3.72
C LYS A 209 -0.03 30.80 -5.15
N ASP A 210 1.26 30.60 -5.45
CA ASP A 210 1.72 30.71 -6.85
C ASP A 210 1.12 29.63 -7.73
N ILE A 211 0.93 28.43 -7.18
CA ILE A 211 0.39 27.32 -7.95
C ILE A 211 -1.11 27.52 -8.18
N LEU A 212 -1.81 28.10 -7.21
CA LEU A 212 -3.26 28.20 -7.29
C LEU A 212 -3.75 29.43 -8.04
N GLY A 213 -2.90 30.44 -8.21
CA GLY A 213 -3.24 31.62 -8.97
C GLY A 213 -4.55 32.26 -8.54
N ASP A 214 -5.55 32.24 -9.42
CA ASP A 214 -6.84 32.85 -9.13
C ASP A 214 -7.78 31.94 -8.34
N ALA A 215 -7.60 30.62 -8.43
CA ALA A 215 -8.41 29.68 -7.68
C ALA A 215 -7.98 29.57 -6.23
N TYR A 216 -7.12 30.50 -5.76
CA TYR A 216 -6.56 30.39 -4.43
C TYR A 216 -7.64 30.53 -3.37
N ASP A 217 -8.46 31.57 -3.51
CA ASP A 217 -9.42 31.85 -2.46
C ASP A 217 -10.46 30.74 -2.38
N ALA A 218 -10.89 30.22 -3.53
CA ALA A 218 -11.85 29.11 -3.51
C ALA A 218 -11.23 27.84 -2.95
N ALA A 219 -9.92 27.68 -3.12
CA ALA A 219 -9.25 26.49 -2.62
C ALA A 219 -9.03 26.57 -1.12
N VAL A 220 -8.82 27.77 -0.57
CA VAL A 220 -8.64 27.91 0.87
C VAL A 220 -9.93 27.63 1.62
N GLU A 221 -11.02 28.06 1.09
CA GLU A 221 -12.25 27.72 1.72
C GLU A 221 -12.44 26.26 1.68
N MET A 222 -12.08 25.66 0.57
CA MET A 222 -12.31 24.27 0.37
C MET A 222 -11.55 23.48 1.43
N ALA A 223 -10.31 23.82 1.64
CA ALA A 223 -9.47 23.16 2.63
C ALA A 223 -9.91 23.41 4.03
N GLU A 224 -10.28 24.64 4.32
CA GLU A 224 -10.71 25.05 5.64
C GLU A 224 -11.92 24.29 6.03
N ALA A 225 -12.82 24.14 5.11
CA ALA A 225 -13.99 23.40 5.39
C ALA A 225 -13.70 21.98 5.61
N LYS A 226 -12.73 21.45 4.86
CA LYS A 226 -12.40 20.04 4.92
C LYS A 226 -11.33 19.66 5.88
N SER A 227 -11.57 20.05 7.08
CA SER A 227 -10.71 19.83 8.15
C SER A 227 -11.52 19.87 9.43
N THR A 228 -11.02 19.22 10.44
CA THR A 228 -11.71 19.26 11.73
C THR A 228 -11.51 20.60 12.42
N VAL A 229 -10.27 21.08 12.48
CA VAL A 229 -10.03 22.49 12.80
C VAL A 229 -10.58 23.33 11.65
N GLY A 230 -10.95 24.56 11.96
CA GLY A 230 -11.45 25.40 10.88
C GLY A 230 -10.36 26.20 10.18
N GLN A 231 -9.18 25.61 10.01
CA GLN A 231 -8.01 26.37 9.59
C GLN A 231 -7.14 25.57 8.64
N THR A 232 -6.25 26.31 7.95
CA THR A 232 -5.07 25.72 7.34
C THR A 232 -3.92 25.76 8.35
N GLY A 233 -2.83 25.06 8.01
CA GLY A 233 -1.73 24.96 8.94
C GLY A 233 -0.82 26.18 8.87
N SER A 234 -0.53 26.74 10.04
CA SER A 234 0.52 27.75 10.13
C SER A 234 1.87 27.11 9.83
N PRO A 235 2.74 27.80 9.09
CA PRO A 235 4.13 27.34 8.99
C PRO A 235 4.82 27.16 10.34
N GLU A 236 4.45 27.97 11.35
CA GLU A 236 5.10 27.84 12.65
C GLU A 236 4.57 26.65 13.44
N SER A 237 3.35 26.18 13.13
CA SER A 237 2.85 24.99 13.80
C SER A 237 3.40 23.72 13.19
N VAL A 238 3.44 23.64 11.86
CA VAL A 238 4.04 22.47 11.23
C VAL A 238 5.50 22.35 11.61
N ALA A 239 6.18 23.48 11.79
CA ALA A 239 7.58 23.47 12.20
C ALA A 239 7.79 22.77 13.54
N GLN A 240 6.73 22.64 14.35
CA GLN A 240 6.85 21.93 15.62
C GLN A 240 7.15 20.46 15.44
N ALA A 241 6.71 19.88 14.31
CA ALA A 241 6.96 18.48 14.05
C ALA A 241 8.44 18.21 13.81
N TYR A 242 9.12 19.08 13.08
CA TYR A 242 10.56 18.91 12.86
C TYR A 242 11.35 19.12 14.15
N ILE A 243 11.02 20.16 14.92
CA ILE A 243 11.69 20.40 16.19
C ILE A 243 11.46 19.24 17.15
N TYR A 244 10.25 18.70 17.15
CA TYR A 244 9.95 17.55 18.02
C TYR A 244 10.88 16.38 17.72
N LEU A 245 11.01 16.03 16.44
CA LEU A 245 11.83 14.87 16.06
C LEU A 245 13.30 15.07 16.39
N MET A 246 13.73 16.30 16.61
CA MET A 246 15.09 16.55 17.10
C MET A 246 15.18 16.35 18.61
N LYS A 247 14.08 16.60 19.34
CA LYS A 247 14.09 16.51 20.79
C LYS A 247 13.81 15.12 21.31
N ASP A 248 13.07 14.31 20.55
CA ASP A 248 12.71 12.96 20.99
C ASP A 248 13.78 12.00 20.46
N HIS A 249 14.69 11.61 21.34
CA HIS A 249 15.79 10.72 20.95
C HIS A 249 15.35 9.28 20.80
N TYR A 250 14.05 8.99 20.93
CA TYR A 250 13.51 7.65 20.72
C TYR A 250 12.67 7.55 19.46
N ALA A 251 12.35 8.66 18.81
CA ALA A 251 11.51 8.62 17.63
C ALA A 251 12.36 8.22 16.44
N SER A 252 12.02 7.09 15.81
CA SER A 252 12.71 6.64 14.63
C SER A 252 11.79 5.77 13.79
N GLY A 253 11.94 5.88 12.47
CA GLY A 253 11.07 5.14 11.57
C GLY A 253 9.64 5.63 11.55
N SER A 254 9.38 6.82 12.04
CA SER A 254 8.02 7.30 12.28
C SER A 254 7.61 8.34 11.24
N VAL A 255 6.30 8.54 11.16
CA VAL A 255 5.68 9.58 10.34
C VAL A 255 4.87 10.47 11.27
N VAL A 256 5.26 11.74 11.36
CA VAL A 256 4.52 12.72 12.15
C VAL A 256 3.57 13.45 11.20
N SER A 257 2.27 13.18 11.36
CA SER A 257 1.23 13.70 10.48
C SER A 257 0.61 14.94 11.10
N THR A 258 0.62 16.04 10.34
CA THR A 258 0.00 17.30 10.77
C THR A 258 -0.95 17.73 9.66
N ASN A 259 -2.24 17.47 9.86
CA ASN A 259 -3.20 17.60 8.78
C ASN A 259 -4.49 18.32 9.17
N GLY A 260 -4.61 18.82 10.40
CA GLY A 260 -5.84 19.49 10.79
C GLY A 260 -7.04 18.59 10.74
N GLY A 261 -6.85 17.28 10.90
CA GLY A 261 -7.95 16.34 10.80
C GLY A 261 -8.55 16.21 9.41
N MET A 262 -7.84 16.66 8.37
CA MET A 262 -8.38 16.60 7.02
C MET A 262 -8.66 15.16 6.58
N LEU A 263 -7.92 14.19 7.12
CA LEU A 263 -8.12 12.80 6.74
C LEU A 263 -9.30 12.16 7.45
N LEU A 264 -9.98 12.89 8.32
CA LEU A 264 -11.15 12.40 9.03
C LEU A 264 -12.46 12.79 8.35
N VAL A 265 -12.44 13.75 7.44
CA VAL A 265 -13.65 14.20 6.78
C VAL A 265 -13.50 14.12 5.27
N THR B 9 -21.50 -19.70 -14.50
CA THR B 9 -21.18 -19.66 -13.08
C THR B 9 -20.07 -18.65 -12.79
N ASP B 10 -19.04 -18.63 -13.63
CA ASP B 10 -17.87 -17.78 -13.41
C ASP B 10 -18.01 -16.51 -14.23
N GLN B 11 -17.71 -15.37 -13.59
CA GLN B 11 -17.81 -14.06 -14.22
C GLN B 11 -16.47 -13.56 -14.72
N LEU B 12 -15.43 -14.39 -14.67
CA LEU B 12 -14.16 -14.12 -15.33
C LEU B 12 -14.03 -14.91 -16.62
N HIS B 13 -15.11 -15.56 -17.04
CA HIS B 13 -15.08 -16.42 -18.23
C HIS B 13 -14.75 -15.64 -19.49
N GLY B 14 -15.65 -14.74 -19.90
CA GLY B 14 -15.42 -13.98 -21.12
C GLY B 14 -14.44 -12.85 -20.97
N SER B 15 -13.75 -12.82 -19.83
CA SER B 15 -12.95 -11.71 -19.37
C SER B 15 -11.54 -11.76 -19.98
N ARG B 16 -11.03 -10.57 -20.32
CA ARG B 16 -9.73 -10.41 -20.94
C ARG B 16 -8.78 -9.80 -19.92
N VAL B 17 -7.68 -10.49 -19.64
CA VAL B 17 -6.73 -10.08 -18.60
C VAL B 17 -5.37 -9.84 -19.22
N LEU B 18 -4.78 -8.69 -18.92
CA LEU B 18 -3.43 -8.34 -19.34
C LEU B 18 -2.51 -8.41 -18.12
N VAL B 19 -1.58 -9.35 -18.14
CA VAL B 19 -0.65 -9.55 -17.05
C VAL B 19 0.72 -9.08 -17.51
N ILE B 20 1.04 -7.83 -17.20
CA ILE B 20 2.34 -7.25 -17.53
C ILE B 20 3.35 -7.78 -16.52
N GLY B 21 4.19 -8.73 -16.96
CA GLY B 21 5.09 -9.43 -16.10
C GLY B 21 4.66 -10.84 -15.74
N GLY B 22 3.92 -11.52 -16.63
CA GLY B 22 3.39 -12.85 -16.40
C GLY B 22 4.24 -14.00 -16.88
N THR B 23 5.50 -13.75 -17.26
CA THR B 23 6.38 -14.80 -17.76
C THR B 23 7.07 -15.56 -16.65
N SER B 24 7.02 -15.04 -15.43
CA SER B 24 7.74 -15.64 -14.32
C SER B 24 7.04 -15.29 -13.01
N GLY B 25 7.21 -16.18 -12.03
CA GLY B 25 6.91 -15.80 -10.65
C GLY B 25 5.44 -15.57 -10.37
N ILE B 26 5.19 -14.47 -9.67
CA ILE B 26 3.85 -14.15 -9.19
C ILE B 26 2.90 -13.91 -10.37
N GLY B 27 3.31 -13.05 -11.30
CA GLY B 27 2.50 -12.79 -12.46
C GLY B 27 2.18 -14.04 -13.24
N PHE B 28 3.08 -15.00 -13.27
CA PHE B 28 2.79 -16.27 -13.93
C PHE B 28 1.67 -17.00 -13.21
N ALA B 29 1.75 -17.05 -11.88
CA ALA B 29 0.68 -17.70 -11.12
C ALA B 29 -0.64 -16.99 -11.32
N VAL B 30 -0.60 -15.68 -11.60
CA VAL B 30 -1.84 -14.96 -11.88
C VAL B 30 -2.44 -15.40 -13.21
N CYS B 31 -1.60 -15.70 -14.21
CA CYS B 31 -2.14 -16.14 -15.49
C CYS B 31 -2.70 -17.55 -15.41
N ALA B 32 -2.08 -18.39 -14.58
CA ALA B 32 -2.62 -19.73 -14.35
C ALA B 32 -3.98 -19.66 -13.68
N ALA B 33 -4.11 -18.82 -12.64
CA ALA B 33 -5.39 -18.67 -11.96
C ALA B 33 -6.46 -18.10 -12.89
N ALA B 34 -6.10 -17.08 -13.67
CA ALA B 34 -7.06 -16.49 -14.60
C ALA B 34 -7.57 -17.51 -15.62
N LEU B 35 -6.68 -18.35 -16.16
CA LEU B 35 -7.12 -19.35 -17.12
C LEU B 35 -7.96 -20.44 -16.48
N GLY B 36 -7.81 -20.66 -15.18
CA GLY B 36 -8.68 -21.58 -14.48
C GLY B 36 -10.12 -21.13 -14.46
N HIS B 37 -10.35 -19.82 -14.49
CA HIS B 37 -11.69 -19.26 -14.60
C HIS B 37 -12.10 -19.00 -16.04
N GLY B 38 -11.27 -19.38 -17.01
CA GLY B 38 -11.60 -19.22 -18.41
C GLY B 38 -11.28 -17.87 -19.02
N ALA B 39 -10.47 -17.05 -18.35
CA ALA B 39 -10.15 -15.74 -18.88
C ALA B 39 -9.21 -15.85 -20.08
N ILE B 40 -9.18 -14.78 -20.87
CA ILE B 40 -8.27 -14.62 -22.01
C ILE B 40 -7.06 -13.83 -21.52
N VAL B 41 -5.88 -14.45 -21.58
CA VAL B 41 -4.69 -13.92 -20.92
C VAL B 41 -3.70 -13.46 -21.97
N THR B 42 -3.25 -12.21 -21.85
CA THR B 42 -2.13 -11.67 -22.62
C THR B 42 -0.96 -11.50 -21.68
N ILE B 43 0.18 -12.08 -22.04
CA ILE B 43 1.35 -12.11 -21.17
C ILE B 43 2.41 -11.19 -21.77
N VAL B 44 3.09 -10.43 -20.92
CA VAL B 44 4.10 -9.47 -21.35
C VAL B 44 5.39 -9.73 -20.59
N GLY B 45 6.49 -9.82 -21.33
CA GLY B 45 7.81 -9.99 -20.76
C GLY B 45 8.84 -9.39 -21.70
N SER B 46 10.11 -9.49 -21.30
CA SER B 46 11.21 -8.94 -22.07
C SER B 46 12.11 -10.03 -22.64
N ASN B 47 11.93 -11.26 -22.21
CA ASN B 47 12.73 -12.39 -22.64
C ASN B 47 11.88 -13.17 -23.62
N ALA B 48 12.30 -13.22 -24.86
CA ALA B 48 11.48 -13.85 -25.84
C ALA B 48 11.22 -15.28 -25.54
N GLN B 49 12.25 -15.92 -25.02
CA GLN B 49 12.24 -17.30 -24.63
C GLN B 49 11.40 -17.69 -23.50
N LYS B 50 11.48 -16.93 -22.45
CA LYS B 50 10.69 -17.17 -21.32
C LYS B 50 9.29 -17.02 -21.82
N LEU B 51 9.06 -16.09 -22.70
CA LEU B 51 7.68 -15.80 -23.07
C LEU B 51 6.98 -16.90 -23.87
N LYS B 52 7.71 -17.53 -24.77
CA LYS B 52 7.22 -18.68 -25.50
C LYS B 52 7.14 -19.91 -24.65
N ASP B 53 8.14 -20.07 -23.82
CA ASP B 53 8.25 -21.15 -22.84
C ASP B 53 7.15 -21.04 -21.80
N SER B 54 6.86 -19.82 -21.36
CA SER B 54 5.79 -19.65 -20.40
C SER B 54 4.45 -19.94 -21.05
N VAL B 55 4.28 -19.52 -22.30
CA VAL B 55 3.02 -19.80 -22.97
C VAL B 55 2.93 -21.30 -23.26
N ALA B 56 4.06 -21.97 -23.43
CA ALA B 56 4.07 -23.42 -23.61
C ALA B 56 3.72 -24.11 -22.29
N ARG B 57 4.22 -23.64 -21.21
CA ARG B 57 3.84 -24.27 -20.00
C ARG B 57 2.31 -24.18 -19.75
N LEU B 58 1.68 -23.11 -20.14
CA LEU B 58 0.28 -22.90 -19.79
C LEU B 58 -0.71 -23.65 -20.65
N LYS B 59 -0.34 -24.05 -21.86
CA LYS B 59 -1.28 -24.83 -22.65
C LYS B 59 -1.03 -26.33 -22.55
N SER B 60 -0.06 -26.74 -21.74
CA SER B 60 0.08 -28.15 -21.40
C SER B 60 -0.50 -28.47 -20.03
N SER B 61 -0.75 -27.45 -19.21
CA SER B 61 -1.54 -27.61 -18.00
C SER B 61 -3.01 -27.30 -18.24
N PHE B 62 -3.33 -26.64 -19.35
CA PHE B 62 -4.71 -26.45 -19.80
C PHE B 62 -4.77 -26.81 -21.28
N PRO B 63 -4.79 -28.09 -21.62
CA PRO B 63 -4.88 -28.45 -23.05
C PRO B 63 -6.25 -28.21 -23.66
N SER B 64 -7.31 -28.06 -22.85
CA SER B 64 -8.64 -27.83 -23.40
C SER B 64 -8.90 -26.38 -23.78
N THR B 65 -8.23 -25.42 -23.15
CA THR B 65 -8.41 -24.01 -23.52
C THR B 65 -7.96 -23.74 -24.95
N ASP B 66 -8.74 -22.92 -25.64
CA ASP B 66 -8.36 -22.46 -26.97
C ASP B 66 -6.99 -21.79 -26.90
N PRO B 67 -6.04 -22.16 -27.77
CA PRO B 67 -4.73 -21.51 -27.76
C PRO B 67 -4.80 -20.01 -27.99
N ASP B 68 -5.87 -19.50 -28.59
CA ASP B 68 -5.98 -18.06 -28.81
C ASP B 68 -6.34 -17.31 -27.55
N ASP B 69 -6.66 -17.99 -26.47
CA ASP B 69 -6.83 -17.33 -25.17
C ASP B 69 -5.51 -17.12 -24.45
N ILE B 70 -4.40 -17.61 -25.00
CA ILE B 70 -3.08 -17.48 -24.39
C ILE B 70 -2.19 -16.80 -25.43
N VAL B 71 -2.18 -15.47 -25.43
CA VAL B 71 -1.39 -14.68 -26.37
C VAL B 71 -0.28 -13.98 -25.60
N ALA B 72 0.86 -13.77 -26.26
CA ALA B 72 2.03 -13.21 -25.62
C ALA B 72 2.65 -12.13 -26.48
N VAL B 73 3.33 -11.18 -25.84
CA VAL B 73 4.06 -10.12 -26.53
C VAL B 73 5.34 -9.82 -25.75
N ARG B 74 6.43 -9.61 -26.49
CA ARG B 74 7.72 -9.28 -25.89
C ARG B 74 7.83 -7.77 -25.76
N CYS B 75 8.10 -7.29 -24.55
CA CYS B 75 8.19 -5.87 -24.25
C CYS B 75 9.41 -5.62 -23.37
N ASP B 76 10.19 -4.61 -23.71
CA ASP B 76 11.27 -4.15 -22.85
C ASP B 76 10.84 -2.82 -22.27
N LEU B 77 10.50 -2.83 -20.98
CA LEU B 77 10.02 -1.66 -20.29
C LEU B 77 11.09 -0.99 -19.46
N SER B 78 12.32 -1.49 -19.55
CA SER B 78 13.45 -0.89 -18.85
C SER B 78 14.01 0.36 -19.53
N ASN B 79 13.56 0.72 -20.73
CA ASN B 79 14.19 1.83 -21.44
C ASN B 79 13.21 2.94 -21.78
N SER B 80 13.72 4.18 -21.73
CA SER B 80 12.85 5.35 -21.79
C SER B 80 12.20 5.52 -23.16
N ASP B 81 12.94 5.30 -24.24
CA ASP B 81 12.27 5.18 -25.53
C ASP B 81 11.72 3.77 -25.67
N THR B 82 10.56 3.66 -26.33
CA THR B 82 9.78 2.46 -26.63
C THR B 82 8.89 2.01 -25.48
N VAL B 83 9.00 2.58 -24.26
CA VAL B 83 8.24 1.99 -23.17
C VAL B 83 6.78 2.43 -23.26
N GLU B 84 6.53 3.67 -23.70
CA GLU B 84 5.17 4.11 -23.93
C GLU B 84 4.57 3.42 -25.15
N GLN B 85 5.40 3.22 -26.20
CA GLN B 85 4.92 2.57 -27.41
C GLN B 85 4.77 1.07 -27.21
N ASP B 86 5.59 0.47 -26.35
CA ASP B 86 5.43 -0.95 -26.03
C ASP B 86 4.22 -1.17 -25.13
N ILE B 87 4.00 -0.27 -24.16
CA ILE B 87 2.77 -0.34 -23.40
C ILE B 87 1.58 -0.21 -24.35
N GLU B 88 1.71 0.68 -25.34
CA GLU B 88 0.61 0.85 -26.29
C GLU B 88 0.43 -0.39 -27.18
N LYS B 89 1.49 -1.14 -27.55
CA LYS B 89 1.14 -2.28 -28.40
C LYS B 89 0.42 -3.30 -27.53
N ALA B 90 0.93 -3.47 -26.31
CA ALA B 90 0.42 -4.51 -25.43
C ALA B 90 -1.03 -4.26 -25.10
N LEU B 91 -1.46 -3.00 -25.15
CA LEU B 91 -2.86 -2.70 -24.90
C LEU B 91 -3.75 -3.00 -26.09
N GLN B 92 -3.25 -2.77 -27.26
CA GLN B 92 -4.02 -3.14 -28.36
C GLN B 92 -4.14 -4.62 -28.39
N LEU B 93 -3.06 -5.33 -28.08
CA LEU B 93 -3.10 -6.74 -28.16
C LEU B 93 -4.04 -7.37 -27.24
N ALA B 94 -4.00 -6.97 -25.99
CA ALA B 94 -4.89 -7.54 -25.02
C ALA B 94 -6.32 -7.27 -25.34
N ALA B 95 -6.57 -6.06 -25.75
CA ALA B 95 -7.95 -5.67 -26.09
C ALA B 95 -8.47 -6.38 -27.34
N GLY B 96 -7.65 -6.52 -28.37
CA GLY B 96 -8.13 -7.04 -29.64
C GLY B 96 -9.32 -6.25 -30.17
N ASN B 97 -10.38 -6.94 -30.58
CA ASN B 97 -11.59 -6.22 -30.98
C ASN B 97 -12.45 -5.80 -29.79
N SER B 98 -12.32 -6.49 -28.65
CA SER B 98 -13.07 -6.14 -27.45
C SER B 98 -12.19 -5.19 -26.63
N LYS B 99 -12.61 -4.90 -25.40
CA LYS B 99 -11.80 -4.13 -24.47
C LYS B 99 -11.23 -4.99 -23.34
N ILE B 100 -10.15 -4.50 -22.74
CA ILE B 100 -9.51 -5.20 -21.63
C ILE B 100 -10.36 -5.08 -20.38
N ASN B 101 -10.44 -6.16 -19.60
CA ASN B 101 -11.20 -6.17 -18.37
C ASN B 101 -10.34 -5.98 -17.13
N HIS B 102 -9.15 -6.57 -17.08
CA HIS B 102 -8.28 -6.43 -15.93
C HIS B 102 -6.83 -6.38 -16.38
N ILE B 103 -6.03 -5.58 -15.67
CA ILE B 103 -4.61 -5.42 -15.95
C ILE B 103 -3.86 -5.65 -14.64
N VAL B 104 -2.81 -6.46 -14.71
CA VAL B 104 -2.00 -6.82 -13.54
C VAL B 104 -0.55 -6.55 -13.88
N ILE B 105 0.13 -5.80 -13.02
CA ILE B 105 1.53 -5.43 -13.25
C ILE B 105 2.38 -6.00 -12.13
N THR B 106 3.36 -6.83 -12.51
CA THR B 106 4.33 -7.42 -11.61
C THR B 106 5.75 -7.19 -12.09
N ALA B 107 5.93 -6.51 -13.22
CA ALA B 107 7.24 -6.41 -13.85
C ALA B 107 8.20 -5.62 -12.97
N ALA B 108 9.39 -6.17 -12.76
CA ALA B 108 10.41 -5.56 -11.92
C ALA B 108 11.78 -6.07 -12.35
N ASP B 109 12.79 -5.26 -12.08
CA ASP B 109 14.13 -5.60 -12.55
C ASP B 109 14.73 -6.78 -11.80
N MET B 110 14.37 -6.94 -10.52
CA MET B 110 14.80 -8.09 -9.71
C MET B 110 16.31 -8.28 -9.73
N THR B 111 17.05 -7.19 -9.51
CA THR B 111 18.50 -7.24 -9.38
C THR B 111 18.92 -6.50 -8.14
N ALA B 112 19.92 -7.05 -7.44
CA ALA B 112 20.40 -6.46 -6.21
C ALA B 112 20.93 -5.06 -6.48
N PRO B 113 20.51 -4.06 -5.71
CA PRO B 113 21.05 -2.71 -5.89
C PRO B 113 22.46 -2.63 -5.35
N PRO B 114 23.22 -1.61 -5.77
CA PRO B 114 24.56 -1.44 -5.21
C PRO B 114 24.46 -0.94 -3.78
N PRO B 115 25.50 -1.12 -2.97
CA PRO B 115 25.50 -0.55 -1.62
C PRO B 115 25.54 0.97 -1.69
N LEU B 116 25.23 1.60 -0.55
CA LEU B 116 25.23 3.06 -0.51
C LEU B 116 26.60 3.66 -0.74
N GLU B 117 27.68 2.92 -0.49
CA GLU B 117 29.00 3.49 -0.78
C GLU B 117 29.17 3.73 -2.28
N ASP B 118 28.51 2.95 -3.11
CA ASP B 118 28.60 3.11 -4.55
C ASP B 118 27.30 3.61 -5.16
N LEU B 119 26.36 4.08 -4.35
CA LEU B 119 25.11 4.60 -4.89
C LEU B 119 25.38 5.74 -5.87
N THR B 120 24.74 5.64 -7.03
CA THR B 120 24.82 6.62 -8.11
C THR B 120 23.43 7.13 -8.46
N VAL B 121 23.43 8.35 -9.02
CA VAL B 121 22.19 9.01 -9.46
C VAL B 121 21.41 8.12 -10.42
N ASP B 122 22.10 7.31 -11.21
CA ASP B 122 21.40 6.47 -12.19
C ASP B 122 20.86 5.18 -11.59
N SER B 123 21.60 4.54 -10.67
CA SER B 123 21.07 3.37 -9.98
C SER B 123 19.75 3.70 -9.29
N VAL B 124 19.62 4.93 -8.81
CA VAL B 124 18.40 5.33 -8.11
C VAL B 124 17.27 5.55 -9.09
N GLN B 125 17.59 6.26 -10.13
CA GLN B 125 16.64 6.59 -11.16
C GLN B 125 16.09 5.52 -12.06
N ARG B 126 16.90 4.56 -12.43
CA ARG B 126 16.54 3.54 -13.38
C ARG B 126 15.41 2.63 -13.07
N PRO B 127 15.22 2.23 -11.83
CA PRO B 127 14.09 1.37 -11.50
C PRO B 127 12.78 2.11 -11.78
N GLY B 128 12.75 3.41 -11.66
CA GLY B 128 11.54 4.20 -11.83
C GLY B 128 10.90 4.06 -13.19
N ILE B 129 11.68 3.68 -14.21
CA ILE B 129 11.11 3.49 -15.54
C ILE B 129 10.13 2.33 -15.54
N ILE B 130 10.47 1.22 -14.88
CA ILE B 130 9.57 0.09 -14.82
C ILE B 130 8.69 0.12 -13.58
N ARG B 131 9.14 0.77 -12.49
CA ARG B 131 8.31 0.80 -11.29
C ARG B 131 7.23 1.86 -11.40
N LEU B 132 7.54 3.02 -12.00
CA LEU B 132 6.62 4.14 -12.06
C LEU B 132 6.16 4.50 -13.47
N VAL B 133 7.06 4.52 -14.45
CA VAL B 133 6.71 5.07 -15.75
C VAL B 133 5.83 4.10 -16.53
N ALA B 134 6.16 2.81 -16.51
CA ALA B 134 5.33 1.83 -17.20
C ALA B 134 3.90 1.80 -16.68
N PRO B 135 3.63 1.73 -15.38
CA PRO B 135 2.22 1.80 -14.94
C PRO B 135 1.55 3.11 -15.30
N LEU B 136 2.25 4.24 -15.19
CA LEU B 136 1.66 5.51 -15.58
C LEU B 136 1.38 5.56 -17.08
N MET B 137 2.25 4.94 -17.88
CA MET B 137 1.99 4.84 -19.31
C MET B 137 0.81 3.93 -19.59
N VAL B 138 0.62 2.90 -18.76
CA VAL B 138 -0.57 2.06 -18.87
C VAL B 138 -1.82 2.87 -18.56
N ALA B 139 -1.80 3.62 -17.44
CA ALA B 139 -2.95 4.44 -17.08
C ALA B 139 -3.18 5.55 -18.11
N LYS B 140 -2.12 6.00 -18.78
CA LYS B 140 -2.26 7.08 -19.74
C LYS B 140 -3.07 6.64 -20.97
N HIS B 141 -2.92 5.38 -21.37
CA HIS B 141 -3.47 4.92 -22.65
C HIS B 141 -4.59 3.89 -22.51
N LEU B 142 -4.83 3.35 -21.32
CA LEU B 142 -5.87 2.33 -21.17
C LEU B 142 -7.31 2.79 -21.47
N PRO B 143 -7.70 4.07 -21.29
CA PRO B 143 -9.11 4.42 -21.57
C PRO B 143 -9.61 4.04 -22.96
N LYS B 144 -8.77 4.12 -23.99
CA LYS B 144 -9.23 3.67 -25.31
C LYS B 144 -9.31 2.14 -25.39
N TYR B 145 -8.75 1.43 -24.41
CA TYR B 145 -8.73 -0.02 -24.41
C TYR B 145 -9.45 -0.66 -23.22
N MET B 146 -9.94 0.12 -22.25
CA MET B 146 -10.72 -0.33 -21.10
C MET B 146 -11.91 0.61 -20.90
N ASN B 147 -13.00 0.11 -20.31
CA ASN B 147 -14.06 1.04 -19.90
C ASN B 147 -13.49 1.67 -18.66
N LYS B 148 -13.81 2.92 -18.40
CA LYS B 148 -13.64 3.38 -17.03
C LYS B 148 -14.91 2.96 -16.28
N CYS B 149 -14.96 1.68 -15.91
CA CYS B 149 -16.12 1.02 -15.31
C CYS B 149 -15.74 0.33 -14.00
N PRO B 150 -16.64 0.28 -13.03
CA PRO B 150 -16.32 -0.38 -11.75
C PRO B 150 -16.06 -1.87 -11.85
N GLN B 151 -16.46 -2.53 -12.94
CA GLN B 151 -16.15 -3.94 -13.10
C GLN B 151 -14.76 -4.21 -13.64
N SER B 152 -14.02 -3.20 -14.06
CA SER B 152 -12.67 -3.40 -14.55
C SER B 152 -11.67 -2.91 -13.50
N SER B 153 -10.46 -3.48 -13.54
CA SER B 153 -9.50 -3.26 -12.48
C SER B 153 -8.09 -3.10 -13.05
N LEU B 154 -7.31 -2.28 -12.38
CA LEU B 154 -5.87 -2.22 -12.56
C LEU B 154 -5.21 -2.49 -11.22
N THR B 155 -4.31 -3.47 -11.18
CA THR B 155 -3.67 -3.90 -9.95
C THR B 155 -2.16 -3.74 -10.09
N LEU B 156 -1.57 -2.97 -9.18
CA LEU B 156 -0.14 -2.75 -9.15
C LEU B 156 0.48 -3.64 -8.08
N THR B 157 1.79 -3.54 -7.91
CA THR B 157 2.52 -4.43 -7.01
C THR B 157 3.45 -3.64 -6.11
N SER B 158 3.46 -4.04 -4.84
CA SER B 158 4.29 -3.45 -3.79
C SER B 158 4.81 -4.64 -2.99
N GLY B 159 5.26 -4.39 -1.76
CA GLY B 159 5.57 -5.53 -0.92
C GLY B 159 5.64 -5.14 0.53
N ALA B 160 5.81 -6.17 1.37
CA ALA B 160 5.96 -5.96 2.81
C ALA B 160 7.24 -5.20 3.14
N HIS B 161 8.24 -5.27 2.25
CA HIS B 161 9.47 -4.51 2.41
C HIS B 161 9.24 -3.01 2.41
N CYS B 162 8.07 -2.55 1.93
CA CYS B 162 7.76 -1.13 2.01
C CYS B 162 7.54 -0.68 3.45
N LEU B 163 7.20 -1.60 4.36
CA LEU B 163 7.07 -1.27 5.77
C LEU B 163 8.15 -1.87 6.65
N ARG B 164 8.72 -3.01 6.26
CA ARG B 164 9.87 -3.60 6.96
C ARG B 164 10.97 -3.84 5.93
N PRO B 165 11.71 -2.79 5.57
CA PRO B 165 12.65 -2.90 4.43
C PRO B 165 13.83 -3.81 4.72
N ASP B 166 14.12 -4.68 3.75
CA ASP B 166 15.31 -5.52 3.76
C ASP B 166 16.54 -4.71 3.35
N PRO B 167 17.68 -4.92 4.00
CA PRO B 167 18.92 -4.31 3.54
C PRO B 167 19.54 -5.15 2.43
N GLY B 168 20.21 -4.49 1.48
CA GLY B 168 20.29 -3.05 1.37
C GLY B 168 19.34 -2.49 0.33
N TRP B 169 18.07 -2.86 0.43
CA TRP B 169 17.07 -2.57 -0.60
C TRP B 169 16.26 -1.32 -0.30
N THR B 170 16.87 -0.29 0.30
CA THR B 170 16.13 0.91 0.65
C THR B 170 15.53 1.57 -0.59
N VAL B 171 16.31 1.66 -1.68
CA VAL B 171 15.84 2.33 -2.88
C VAL B 171 14.65 1.61 -3.48
N ILE B 172 14.67 0.27 -3.44
CA ILE B 172 13.58 -0.47 -4.02
C ILE B 172 12.37 -0.47 -3.08
N SER B 173 12.62 -0.37 -1.78
CA SER B 173 11.52 -0.15 -0.84
C SER B 173 10.85 1.19 -1.11
N GLY B 174 11.63 2.21 -1.47
CA GLY B 174 11.05 3.50 -1.82
C GLY B 174 10.11 3.42 -3.00
N TYR B 175 10.54 2.77 -4.08
CA TYR B 175 9.70 2.69 -5.28
C TYR B 175 8.40 1.94 -4.99
N CYS B 176 8.47 0.90 -4.16
CA CYS B 176 7.25 0.23 -3.75
C CYS B 176 6.35 1.14 -2.93
N GLY B 177 6.92 2.06 -2.17
CA GLY B 177 6.13 3.09 -1.55
C GLY B 177 5.47 4.05 -2.54
N ALA B 178 6.15 4.30 -3.66
CA ALA B 178 5.56 5.17 -4.68
C ALA B 178 4.39 4.48 -5.38
N VAL B 179 4.49 3.17 -5.59
CA VAL B 179 3.43 2.43 -6.27
C VAL B 179 2.12 2.49 -5.49
N GLU B 180 2.19 2.39 -4.16
CA GLU B 180 0.97 2.40 -3.35
C GLU B 180 0.32 3.77 -3.36
N ALA B 181 1.11 4.83 -3.16
CA ALA B 181 0.57 6.18 -3.22
C ALA B 181 0.05 6.51 -4.61
N MET B 182 0.79 6.11 -5.65
CA MET B 182 0.35 6.34 -7.02
C MET B 182 -0.94 5.58 -7.31
N SER B 183 -1.03 4.34 -6.84
CA SER B 183 -2.29 3.59 -6.86
C SER B 183 -3.48 4.42 -6.42
N ARG B 184 -3.33 5.12 -5.28
CA ARG B 184 -4.45 5.91 -4.77
C ARG B 184 -4.77 7.09 -5.69
N GLY B 185 -3.73 7.75 -6.20
CA GLY B 185 -3.96 8.82 -7.17
C GLY B 185 -4.58 8.32 -8.46
N LEU B 186 -4.16 7.13 -8.92
CA LEU B 186 -4.72 6.58 -10.15
C LEU B 186 -6.14 6.07 -9.94
N ALA B 187 -6.50 5.71 -8.70
CA ALA B 187 -7.87 5.35 -8.40
C ALA B 187 -8.81 6.53 -8.55
N ILE B 188 -8.29 7.75 -8.43
CA ILE B 188 -9.08 8.96 -8.67
C ILE B 188 -8.97 9.43 -10.11
N ASP B 189 -7.78 9.33 -10.72
CA ASP B 189 -7.63 9.71 -12.12
C ASP B 189 -8.51 8.88 -13.03
N LEU B 190 -8.55 7.56 -12.81
CA LEU B 190 -9.27 6.65 -13.69
C LEU B 190 -10.65 6.27 -13.17
N LYS B 191 -11.16 6.96 -12.13
CA LYS B 191 -12.47 6.62 -11.61
C LYS B 191 -13.54 6.74 -12.71
N PRO B 192 -14.56 5.87 -12.71
CA PRO B 192 -14.83 4.86 -11.68
C PRO B 192 -14.09 3.53 -11.83
N LEU B 193 -13.08 3.46 -12.70
CA LEU B 193 -12.28 2.25 -12.78
C LEU B 193 -11.52 2.04 -11.46
N ARG B 194 -11.26 0.79 -11.13
CA ARG B 194 -10.69 0.41 -9.85
C ARG B 194 -9.19 0.20 -9.97
N VAL B 195 -8.44 0.77 -9.03
CA VAL B 195 -6.99 0.64 -8.98
C VAL B 195 -6.60 0.19 -7.57
N ASN B 196 -5.72 -0.80 -7.48
CA ASN B 196 -5.35 -1.38 -6.19
C ASN B 196 -3.92 -1.91 -6.25
N VAL B 197 -3.43 -2.37 -5.09
CA VAL B 197 -2.09 -2.92 -4.94
C VAL B 197 -2.17 -4.24 -4.20
N VAL B 198 -1.29 -5.16 -4.54
CA VAL B 198 -1.04 -6.36 -3.75
C VAL B 198 0.36 -6.24 -3.16
N ALA B 199 0.48 -6.48 -1.86
CA ALA B 199 1.76 -6.39 -1.16
C ALA B 199 2.19 -7.77 -0.69
N PRO B 200 2.86 -8.55 -1.53
CA PRO B 200 3.30 -9.88 -1.10
C PRO B 200 4.44 -9.80 -0.09
N GLY B 201 4.63 -10.92 0.62
CA GLY B 201 5.66 -11.01 1.62
C GLY B 201 6.90 -11.74 1.13
N ALA B 202 7.01 -13.02 1.46
CA ALA B 202 8.13 -13.86 1.05
C ALA B 202 7.60 -14.94 0.12
N VAL B 203 7.91 -14.81 -1.17
CA VAL B 203 7.52 -15.78 -2.20
C VAL B 203 8.78 -16.29 -2.87
N LEU B 204 9.00 -17.60 -2.83
CA LEU B 204 10.22 -18.21 -3.36
C LEU B 204 10.09 -18.48 -4.86
N THR B 205 10.07 -17.40 -5.62
CA THR B 205 10.12 -17.52 -7.07
C THR B 205 11.55 -17.77 -7.52
N GLU B 206 11.71 -18.15 -8.79
CA GLU B 206 13.05 -18.45 -9.30
C GLU B 206 13.94 -17.21 -9.31
N ALA B 207 13.34 -16.04 -9.42
CA ALA B 207 14.12 -14.80 -9.35
C ALA B 207 14.73 -14.62 -7.96
N VAL B 208 14.00 -15.01 -6.92
CA VAL B 208 14.51 -14.82 -5.57
C VAL B 208 15.67 -15.77 -5.29
N LYS B 209 15.60 -16.99 -5.82
CA LYS B 209 16.74 -17.90 -5.73
C LYS B 209 17.93 -17.36 -6.51
N ASP B 210 17.70 -16.64 -7.60
CA ASP B 210 18.81 -16.09 -8.37
C ASP B 210 19.53 -15.01 -7.57
N ILE B 211 18.78 -14.20 -6.82
CA ILE B 211 19.40 -13.12 -6.07
C ILE B 211 20.10 -13.67 -4.84
N LEU B 212 19.52 -14.69 -4.21
CA LEU B 212 20.02 -15.21 -2.94
C LEU B 212 21.09 -16.28 -3.10
N GLY B 213 21.23 -16.88 -4.28
CA GLY B 213 22.33 -17.78 -4.56
C GLY B 213 22.60 -18.85 -3.54
N ASP B 214 23.76 -18.76 -2.87
CA ASP B 214 24.17 -19.75 -1.88
C ASP B 214 23.58 -19.45 -0.50
N ALA B 215 23.26 -18.20 -0.20
CA ALA B 215 22.63 -17.85 1.06
C ALA B 215 21.14 -18.16 1.06
N TYR B 216 20.69 -18.94 0.06
CA TYR B 216 19.26 -19.20 -0.11
C TYR B 216 18.70 -20.03 1.04
N ASP B 217 19.37 -21.12 1.40
CA ASP B 217 18.81 -22.03 2.39
C ASP B 217 18.78 -21.39 3.77
N ALA B 218 19.78 -20.59 4.11
CA ALA B 218 19.75 -19.84 5.35
C ALA B 218 18.70 -18.73 5.31
N ALA B 219 18.41 -18.19 4.12
CA ALA B 219 17.46 -17.10 4.03
C ALA B 219 16.01 -17.58 4.10
N VAL B 220 15.73 -18.77 3.53
CA VAL B 220 14.39 -19.32 3.62
C VAL B 220 14.10 -19.75 5.06
N GLU B 221 15.12 -20.22 5.78
CA GLU B 221 14.92 -20.64 7.16
C GLU B 221 14.66 -19.46 8.07
N MET B 222 15.28 -18.31 7.78
CA MET B 222 15.00 -17.12 8.58
C MET B 222 13.72 -16.42 8.14
N ALA B 223 13.30 -16.62 6.90
CA ALA B 223 12.03 -16.06 6.45
C ALA B 223 10.85 -16.85 7.01
N GLU B 224 10.96 -18.19 7.03
CA GLU B 224 9.89 -19.00 7.61
C GLU B 224 9.73 -18.73 9.10
N ALA B 225 10.84 -18.44 9.80
CA ALA B 225 10.77 -18.19 11.23
C ALA B 225 10.17 -16.82 11.53
N LYS B 226 10.31 -15.86 10.62
CA LYS B 226 9.81 -14.49 10.79
C LYS B 226 8.36 -14.35 10.39
N SER B 227 7.60 -15.45 10.35
CA SER B 227 6.20 -15.39 9.99
C SER B 227 5.40 -16.08 11.09
N THR B 228 4.12 -15.68 11.22
CA THR B 228 3.25 -16.43 12.13
C THR B 228 2.98 -17.83 11.59
N VAL B 229 2.64 -17.94 10.30
CA VAL B 229 2.72 -19.24 9.64
C VAL B 229 4.18 -19.68 9.58
N GLY B 230 4.42 -20.99 9.58
CA GLY B 230 5.78 -21.44 9.48
C GLY B 230 6.27 -21.63 8.05
N GLN B 231 5.83 -20.76 7.14
CA GLN B 231 6.03 -20.97 5.72
C GLN B 231 6.33 -19.64 5.03
N THR B 232 6.86 -19.74 3.82
CA THR B 232 6.85 -18.65 2.85
C THR B 232 5.60 -18.75 1.99
N GLY B 233 5.36 -17.71 1.20
CA GLY B 233 4.14 -17.63 0.42
C GLY B 233 4.22 -18.44 -0.87
N SER B 234 3.20 -19.26 -1.09
CA SER B 234 3.02 -19.90 -2.39
C SER B 234 2.71 -18.84 -3.45
N PRO B 235 3.30 -18.94 -4.64
CA PRO B 235 2.82 -18.13 -5.77
C PRO B 235 1.34 -18.35 -6.04
N GLU B 236 0.83 -19.56 -5.80
CA GLU B 236 -0.59 -19.83 -6.04
C GLU B 236 -1.48 -19.26 -4.94
N SER B 237 -0.95 -18.98 -3.75
CA SER B 237 -1.75 -18.30 -2.74
C SER B 237 -1.76 -16.79 -2.95
N VAL B 238 -0.60 -16.20 -3.25
CA VAL B 238 -0.51 -14.77 -3.49
C VAL B 238 -1.30 -14.36 -4.72
N ALA B 239 -1.33 -15.22 -5.74
CA ALA B 239 -2.11 -14.91 -6.94
C ALA B 239 -3.59 -14.72 -6.64
N GLN B 240 -4.08 -15.30 -5.54
CA GLN B 240 -5.50 -15.16 -5.21
C GLN B 240 -5.87 -13.73 -4.87
N ALA B 241 -4.91 -12.92 -4.39
CA ALA B 241 -5.20 -11.52 -4.12
C ALA B 241 -5.51 -10.77 -5.40
N TYR B 242 -4.76 -11.06 -6.48
CA TYR B 242 -5.05 -10.44 -7.77
C TYR B 242 -6.40 -10.90 -8.30
N ILE B 243 -6.68 -12.21 -8.20
CA ILE B 243 -7.99 -12.71 -8.63
C ILE B 243 -9.09 -12.09 -7.80
N TYR B 244 -8.85 -11.91 -6.49
CA TYR B 244 -9.84 -11.28 -5.62
C TYR B 244 -10.23 -9.89 -6.13
N LEU B 245 -9.23 -9.06 -6.42
CA LEU B 245 -9.53 -7.70 -6.87
C LEU B 245 -10.24 -7.67 -8.21
N MET B 246 -10.20 -8.76 -8.97
CA MET B 246 -10.99 -8.89 -10.18
C MET B 246 -12.42 -9.24 -9.82
N LYS B 247 -12.57 -9.87 -8.67
CA LYS B 247 -13.82 -10.41 -8.18
C LYS B 247 -14.61 -9.39 -7.35
N ASP B 248 -13.90 -8.47 -6.67
CA ASP B 248 -14.50 -7.45 -5.80
C ASP B 248 -14.68 -6.15 -6.59
N HIS B 249 -15.88 -5.89 -7.08
CA HIS B 249 -16.14 -4.66 -7.83
C HIS B 249 -16.29 -3.44 -6.94
N TYR B 250 -16.05 -3.59 -5.64
CA TYR B 250 -16.07 -2.49 -4.69
C TYR B 250 -14.69 -2.12 -4.16
N ALA B 251 -13.67 -2.91 -4.45
CA ALA B 251 -12.33 -2.66 -3.93
C ALA B 251 -11.62 -1.63 -4.82
N SER B 252 -11.25 -0.49 -4.23
CA SER B 252 -10.44 0.48 -4.94
C SER B 252 -9.67 1.34 -3.95
N GLY B 253 -8.46 1.73 -4.33
CA GLY B 253 -7.60 2.47 -3.44
C GLY B 253 -7.02 1.67 -2.30
N SER B 254 -7.06 0.34 -2.38
CA SER B 254 -6.72 -0.53 -1.26
C SER B 254 -5.37 -1.19 -1.46
N VAL B 255 -4.83 -1.71 -0.36
CA VAL B 255 -3.63 -2.53 -0.35
C VAL B 255 -3.98 -3.87 0.27
N VAL B 256 -3.88 -4.93 -0.53
CA VAL B 256 -4.10 -6.29 -0.05
C VAL B 256 -2.74 -6.89 0.28
N SER B 257 -2.48 -7.07 1.57
CA SER B 257 -1.19 -7.56 2.05
C SER B 257 -1.31 -9.05 2.33
N THR B 258 -0.45 -9.84 1.69
CA THR B 258 -0.36 -11.28 1.94
C THR B 258 1.09 -11.60 2.26
N ASN B 259 1.40 -11.71 3.55
CA ASN B 259 2.79 -11.79 4.00
C ASN B 259 3.01 -12.82 5.10
N GLY B 260 2.03 -13.66 5.41
CA GLY B 260 2.19 -14.68 6.43
C GLY B 260 2.41 -14.13 7.83
N GLY B 261 1.91 -12.94 8.11
CA GLY B 261 2.08 -12.34 9.43
C GLY B 261 3.49 -11.91 9.79
N MET B 262 4.37 -11.72 8.81
CA MET B 262 5.75 -11.32 9.11
C MET B 262 5.83 -10.00 9.88
N LEU B 263 4.86 -9.11 9.70
CA LEU B 263 4.90 -7.83 10.41
C LEU B 263 4.45 -7.93 11.86
N LEU B 264 4.04 -9.12 12.32
CA LEU B 264 3.61 -9.32 13.70
C LEU B 264 4.73 -9.84 14.59
N VAL B 265 5.81 -10.36 14.01
CA VAL B 265 6.92 -10.89 14.79
C VAL B 265 8.23 -10.24 14.35
N ASP C 10 -11.81 -26.51 -6.65
CA ASP C 10 -11.80 -25.71 -5.44
C ASP C 10 -11.42 -26.52 -4.21
N GLN C 11 -10.63 -25.90 -3.33
CA GLN C 11 -10.26 -26.55 -2.08
C GLN C 11 -11.15 -26.10 -0.94
N LEU C 12 -12.24 -25.40 -1.23
CA LEU C 12 -13.29 -25.12 -0.26
C LEU C 12 -14.50 -26.02 -0.44
N HIS C 13 -14.38 -27.06 -1.27
CA HIS C 13 -15.50 -27.95 -1.55
C HIS C 13 -15.94 -28.68 -0.28
N GLY C 14 -15.04 -29.48 0.26
CA GLY C 14 -15.32 -30.20 1.48
C GLY C 14 -15.19 -29.39 2.74
N SER C 15 -15.10 -28.06 2.62
CA SER C 15 -14.77 -27.25 3.78
C SER C 15 -15.99 -26.98 4.64
N ARG C 16 -15.73 -26.88 5.93
CA ARG C 16 -16.73 -26.53 6.92
C ARG C 16 -16.38 -25.12 7.39
N VAL C 17 -17.30 -24.19 7.16
CA VAL C 17 -17.16 -22.77 7.46
C VAL C 17 -18.25 -22.38 8.46
N LEU C 18 -17.87 -21.64 9.50
CA LEU C 18 -18.81 -21.16 10.51
C LEU C 18 -19.02 -19.66 10.30
N VAL C 19 -20.24 -19.28 9.95
CA VAL C 19 -20.58 -17.88 9.69
C VAL C 19 -21.41 -17.39 10.87
N ILE C 20 -20.73 -16.79 11.84
CA ILE C 20 -21.37 -16.19 13.02
C ILE C 20 -21.93 -14.84 12.58
N GLY C 21 -23.25 -14.77 12.41
CA GLY C 21 -23.89 -13.60 11.86
C GLY C 21 -24.27 -13.69 10.40
N GLY C 22 -24.57 -14.88 9.90
CA GLY C 22 -24.88 -15.14 8.51
C GLY C 22 -26.34 -15.07 8.13
N THR C 23 -27.20 -14.54 9.01
CA THR C 23 -28.63 -14.52 8.72
C THR C 23 -29.06 -13.36 7.84
N SER C 24 -28.23 -12.33 7.70
CA SER C 24 -28.61 -11.16 6.92
C SER C 24 -27.35 -10.44 6.46
N GLY C 25 -27.49 -9.70 5.35
CA GLY C 25 -26.48 -8.72 4.99
C GLY C 25 -25.19 -9.36 4.52
N ILE C 26 -24.07 -8.86 5.03
CA ILE C 26 -22.76 -9.30 4.57
C ILE C 26 -22.55 -10.77 4.88
N GLY C 27 -22.78 -11.17 6.13
CA GLY C 27 -22.60 -12.55 6.52
C GLY C 27 -23.46 -13.51 5.71
N PHE C 28 -24.67 -13.09 5.35
CA PHE C 28 -25.48 -13.97 4.52
C PHE C 28 -24.87 -14.15 3.15
N ALA C 29 -24.38 -13.06 2.56
CA ALA C 29 -23.74 -13.17 1.26
C ALA C 29 -22.51 -14.06 1.32
N VAL C 30 -21.87 -14.12 2.48
CA VAL C 30 -20.72 -15.01 2.63
C VAL C 30 -21.15 -16.47 2.59
N CYS C 31 -22.34 -16.78 3.12
CA CYS C 31 -22.81 -18.16 3.07
C CYS C 31 -23.26 -18.52 1.67
N ALA C 32 -23.80 -17.54 0.93
CA ALA C 32 -24.13 -17.77 -0.48
C ALA C 32 -22.86 -18.03 -1.28
N ALA C 33 -21.84 -17.20 -1.09
CA ALA C 33 -20.57 -17.41 -1.77
C ALA C 33 -19.93 -18.73 -1.35
N ALA C 34 -19.95 -19.03 -0.05
CA ALA C 34 -19.41 -20.29 0.44
C ALA C 34 -20.14 -21.48 -0.18
N LEU C 35 -21.47 -21.41 -0.27
CA LEU C 35 -22.24 -22.51 -0.84
C LEU C 35 -22.00 -22.64 -2.33
N GLY C 36 -21.62 -21.54 -3.00
CA GLY C 36 -21.27 -21.62 -4.41
C GLY C 36 -20.06 -22.50 -4.68
N HIS C 37 -19.15 -22.58 -3.72
CA HIS C 37 -17.99 -23.45 -3.82
C HIS C 37 -18.23 -24.84 -3.22
N GLY C 38 -19.46 -25.12 -2.81
CA GLY C 38 -19.86 -26.44 -2.31
C GLY C 38 -19.54 -26.71 -0.86
N ALA C 39 -19.19 -25.70 -0.07
CA ALA C 39 -18.82 -25.89 1.32
C ALA C 39 -20.03 -26.19 2.21
N ILE C 40 -19.73 -26.72 3.41
CA ILE C 40 -20.72 -26.92 4.47
C ILE C 40 -20.72 -25.69 5.37
N VAL C 41 -21.85 -24.99 5.43
CA VAL C 41 -21.96 -23.69 6.10
C VAL C 41 -22.83 -23.85 7.35
N THR C 42 -22.33 -23.36 8.48
CA THR C 42 -23.06 -23.26 9.73
C THR C 42 -23.38 -21.79 9.98
N ILE C 43 -24.65 -21.50 10.23
CA ILE C 43 -25.15 -20.13 10.37
C ILE C 43 -25.52 -19.89 11.83
N VAL C 44 -25.17 -18.71 12.34
CA VAL C 44 -25.47 -18.33 13.72
C VAL C 44 -26.14 -16.97 13.70
N GLY C 45 -27.29 -16.85 14.38
CA GLY C 45 -28.02 -15.61 14.50
C GLY C 45 -28.80 -15.62 15.80
N SER C 46 -29.56 -14.55 16.05
CA SER C 46 -30.36 -14.44 17.27
C SER C 46 -31.86 -14.42 17.00
N ASN C 47 -32.29 -14.24 15.76
CA ASN C 47 -33.71 -14.13 15.44
C ASN C 47 -34.13 -15.45 14.80
N ALA C 48 -34.92 -16.23 15.55
CA ALA C 48 -35.33 -17.55 15.10
C ALA C 48 -36.14 -17.51 13.80
N GLN C 49 -36.87 -16.43 13.54
CA GLN C 49 -37.79 -16.48 12.40
C GLN C 49 -37.09 -16.24 11.07
N LYS C 50 -36.34 -15.16 10.94
CA LYS C 50 -35.59 -14.99 9.70
C LYS C 50 -34.33 -15.86 9.66
N LEU C 51 -34.02 -16.57 10.75
CA LEU C 51 -33.00 -17.61 10.65
C LEU C 51 -33.60 -18.84 10.03
N LYS C 52 -34.92 -19.04 10.20
CA LYS C 52 -35.60 -20.03 9.38
C LYS C 52 -35.70 -19.54 7.95
N ASP C 53 -36.02 -18.25 7.79
CA ASP C 53 -36.15 -17.68 6.46
C ASP C 53 -34.82 -17.67 5.73
N SER C 54 -33.72 -17.35 6.42
CA SER C 54 -32.42 -17.29 5.76
C SER C 54 -31.93 -18.66 5.32
N VAL C 55 -32.08 -19.67 6.17
CA VAL C 55 -31.57 -21.00 5.82
C VAL C 55 -32.51 -21.68 4.81
N ALA C 56 -33.81 -21.38 4.85
CA ALA C 56 -34.76 -21.92 3.88
C ALA C 56 -34.54 -21.24 2.53
N ARG C 57 -34.12 -20.00 2.65
CA ARG C 57 -33.81 -19.17 1.51
C ARG C 57 -32.54 -19.59 0.87
N LEU C 58 -31.71 -20.30 1.61
CA LEU C 58 -30.40 -20.65 1.07
C LEU C 58 -30.38 -21.99 0.34
N LYS C 59 -31.35 -22.88 0.55
CA LYS C 59 -31.40 -24.14 -0.18
C LYS C 59 -32.36 -24.15 -1.36
N SER C 60 -33.03 -23.04 -1.66
CA SER C 60 -33.74 -22.92 -2.93
C SER C 60 -32.95 -22.10 -3.92
N SER C 61 -31.90 -21.41 -3.46
CA SER C 61 -30.92 -20.83 -4.35
C SER C 61 -29.78 -21.80 -4.65
N PHE C 62 -29.65 -22.85 -3.83
CA PHE C 62 -28.74 -23.96 -4.10
C PHE C 62 -29.47 -25.27 -3.80
N PRO C 63 -30.40 -25.67 -4.67
CA PRO C 63 -31.20 -26.89 -4.38
C PRO C 63 -30.47 -28.21 -4.54
N SER C 64 -29.38 -28.28 -5.30
CA SER C 64 -28.62 -29.53 -5.43
C SER C 64 -27.72 -29.77 -4.24
N THR C 65 -27.38 -28.71 -3.50
CA THR C 65 -26.61 -28.86 -2.28
C THR C 65 -27.39 -29.71 -1.28
N ASP C 66 -26.70 -30.65 -0.65
CA ASP C 66 -27.35 -31.43 0.39
C ASP C 66 -27.92 -30.49 1.45
N PRO C 67 -29.21 -30.62 1.78
CA PRO C 67 -29.79 -29.74 2.81
C PRO C 67 -29.14 -29.86 4.19
N ASP C 68 -28.53 -30.99 4.51
CA ASP C 68 -27.93 -31.17 5.84
C ASP C 68 -26.59 -30.46 5.98
N ASP C 69 -26.06 -29.92 4.89
CA ASP C 69 -24.87 -29.08 4.88
C ASP C 69 -25.16 -27.61 5.17
N ILE C 70 -26.42 -27.24 5.37
CA ILE C 70 -26.83 -25.87 5.67
C ILE C 70 -27.54 -25.93 7.01
N VAL C 71 -26.78 -25.79 8.10
CA VAL C 71 -27.29 -25.90 9.47
C VAL C 71 -27.35 -24.53 10.12
N ALA C 72 -28.32 -24.37 11.02
CA ALA C 72 -28.58 -23.10 11.70
C ALA C 72 -28.73 -23.32 13.20
N VAL C 73 -28.34 -22.29 13.95
CA VAL C 73 -28.45 -22.24 15.40
C VAL C 73 -28.71 -20.79 15.79
N ARG C 74 -29.57 -20.64 16.77
CA ARG C 74 -29.90 -19.37 17.28
C ARG C 74 -29.01 -19.13 18.45
N CYS C 75 -28.31 -18.01 18.51
CA CYS C 75 -27.47 -17.72 19.66
C CYS C 75 -27.56 -16.23 19.87
N ASP C 76 -27.70 -15.82 21.12
CA ASP C 76 -27.71 -14.42 21.48
C ASP C 76 -26.36 -14.11 22.09
N LEU C 77 -25.56 -13.32 21.36
CA LEU C 77 -24.19 -13.03 21.76
C LEU C 77 -24.04 -11.65 22.39
N SER C 78 -25.14 -10.89 22.51
CA SER C 78 -25.17 -9.59 23.17
C SER C 78 -25.26 -9.69 24.69
N ASN C 79 -25.37 -10.89 25.25
CA ASN C 79 -25.67 -11.12 26.66
C ASN C 79 -24.46 -11.80 27.30
N SER C 80 -24.06 -11.33 28.48
CA SER C 80 -22.75 -11.73 29.02
C SER C 80 -22.72 -13.18 29.49
N ASP C 81 -23.79 -13.67 30.11
CA ASP C 81 -23.88 -15.12 30.25
C ASP C 81 -24.23 -15.72 28.89
N THR C 82 -24.17 -17.04 28.82
CA THR C 82 -24.58 -17.82 27.66
C THR C 82 -23.68 -17.64 26.44
N VAL C 83 -22.80 -16.64 26.42
CA VAL C 83 -22.06 -16.41 25.16
C VAL C 83 -20.88 -17.35 25.10
N GLU C 84 -20.20 -17.57 26.20
CA GLU C 84 -19.22 -18.59 26.15
C GLU C 84 -19.95 -19.91 25.94
N GLN C 85 -21.10 -20.16 26.57
CA GLN C 85 -21.72 -21.47 26.45
C GLN C 85 -22.22 -21.64 25.02
N ASP C 86 -22.67 -20.52 24.40
CA ASP C 86 -23.24 -20.54 23.06
C ASP C 86 -22.17 -20.65 21.99
N ILE C 87 -21.07 -19.90 22.14
CA ILE C 87 -19.97 -20.00 21.19
C ILE C 87 -19.44 -21.43 21.18
N GLU C 88 -19.31 -22.04 22.36
CA GLU C 88 -18.87 -23.42 22.44
C GLU C 88 -19.88 -24.35 21.80
N LYS C 89 -21.17 -24.01 21.91
CA LYS C 89 -22.21 -24.84 21.30
C LYS C 89 -22.17 -24.73 19.77
N ALA C 90 -21.97 -23.51 19.26
CA ALA C 90 -21.90 -23.34 17.81
C ALA C 90 -20.68 -24.01 17.22
N LEU C 91 -19.58 -24.13 17.99
CA LEU C 91 -18.38 -24.80 17.49
C LEU C 91 -18.56 -26.30 17.51
N GLN C 92 -19.27 -26.82 18.51
CA GLN C 92 -19.73 -28.21 18.47
C GLN C 92 -20.65 -28.47 17.29
N LEU C 93 -21.61 -27.64 17.02
CA LEU C 93 -22.44 -27.97 15.90
C LEU C 93 -21.72 -27.85 14.56
N ALA C 94 -20.94 -26.80 14.40
CA ALA C 94 -20.21 -26.58 13.16
C ALA C 94 -19.10 -27.61 12.94
N ALA C 95 -18.39 -28.00 14.01
CA ALA C 95 -17.32 -28.98 13.84
C ALA C 95 -17.86 -30.37 13.55
N GLY C 96 -18.95 -30.75 14.22
CA GLY C 96 -19.49 -32.10 14.16
C GLY C 96 -18.44 -33.15 14.49
N ASN C 97 -18.35 -34.18 13.64
CA ASN C 97 -17.29 -35.16 13.76
C ASN C 97 -15.98 -34.62 13.23
N SER C 98 -16.06 -33.64 12.31
CA SER C 98 -14.92 -33.07 11.61
C SER C 98 -14.36 -31.91 12.42
N LYS C 99 -13.44 -31.17 11.81
CA LYS C 99 -13.01 -29.89 12.31
C LYS C 99 -13.51 -28.80 11.36
N ILE C 100 -13.70 -27.60 11.91
CA ILE C 100 -14.09 -26.47 11.08
C ILE C 100 -12.85 -25.95 10.37
N ASN C 101 -13.02 -25.52 9.12
CA ASN C 101 -11.91 -25.02 8.34
C ASN C 101 -11.82 -23.49 8.33
N HIS C 102 -12.95 -22.78 8.34
CA HIS C 102 -12.93 -21.33 8.36
C HIS C 102 -14.08 -20.82 9.21
N ILE C 103 -13.86 -19.68 9.85
CA ILE C 103 -14.87 -19.03 10.69
C ILE C 103 -15.01 -17.58 10.23
N VAL C 104 -16.24 -17.12 10.11
CA VAL C 104 -16.54 -15.76 9.67
C VAL C 104 -17.48 -15.14 10.69
N ILE C 105 -17.11 -13.98 11.22
CA ILE C 105 -17.93 -13.28 12.20
C ILE C 105 -18.30 -11.91 11.65
N THR C 106 -19.61 -11.66 11.54
CA THR C 106 -20.14 -10.38 11.11
C THR C 106 -21.18 -9.87 12.11
N ALA C 107 -21.43 -10.62 13.18
CA ALA C 107 -22.52 -10.30 14.09
C ALA C 107 -22.24 -8.98 14.80
N ALA C 108 -23.26 -8.13 14.86
CA ALA C 108 -23.18 -6.83 15.49
C ALA C 108 -24.59 -6.45 15.95
N ASP C 109 -24.63 -5.60 16.97
CA ASP C 109 -25.88 -5.29 17.65
C ASP C 109 -26.80 -4.37 16.85
N MET C 110 -26.27 -3.61 15.89
CA MET C 110 -27.10 -2.81 15.00
C MET C 110 -27.96 -1.79 15.75
N THR C 111 -27.37 -1.02 16.67
CA THR C 111 -28.15 0.00 17.36
C THR C 111 -27.41 1.34 17.42
N ALA C 112 -28.16 2.41 17.22
CA ALA C 112 -27.61 3.76 17.27
C ALA C 112 -27.15 4.08 18.68
N PRO C 113 -25.94 4.59 18.87
CA PRO C 113 -25.50 4.98 20.21
C PRO C 113 -26.14 6.30 20.63
N PRO C 114 -26.17 6.59 21.93
CA PRO C 114 -26.66 7.90 22.38
C PRO C 114 -25.63 8.97 22.05
N PRO C 115 -26.05 10.24 21.98
CA PRO C 115 -25.06 11.31 21.77
C PRO C 115 -24.08 11.38 22.93
N LEU C 116 -22.97 12.09 22.68
CA LEU C 116 -21.90 12.11 23.68
C LEU C 116 -22.27 12.83 24.97
N GLU C 117 -23.24 13.76 24.94
CA GLU C 117 -23.55 14.47 26.18
C GLU C 117 -24.26 13.55 27.17
N ASP C 118 -24.95 12.54 26.63
CA ASP C 118 -25.77 11.60 27.40
C ASP C 118 -25.11 10.24 27.50
N LEU C 119 -23.83 10.16 27.13
CA LEU C 119 -23.08 8.91 27.21
C LEU C 119 -23.13 8.33 28.62
N THR C 120 -23.36 7.03 28.70
CA THR C 120 -23.44 6.31 29.96
C THR C 120 -22.35 5.25 30.00
N VAL C 121 -21.94 4.88 31.22
CA VAL C 121 -20.93 3.85 31.38
C VAL C 121 -21.34 2.55 30.71
N ASP C 122 -22.63 2.22 30.75
CA ASP C 122 -22.92 0.91 30.19
C ASP C 122 -23.10 1.06 28.68
N SER C 123 -23.47 2.26 28.22
CA SER C 123 -23.48 2.60 26.79
C SER C 123 -22.16 2.26 26.12
N VAL C 124 -21.03 2.47 26.81
CA VAL C 124 -19.74 2.23 26.20
C VAL C 124 -19.44 0.74 26.16
N GLN C 125 -19.90 0.00 27.16
CA GLN C 125 -19.53 -1.39 27.38
C GLN C 125 -20.43 -2.41 26.71
N ARG C 126 -21.64 -2.04 26.38
CA ARG C 126 -22.58 -3.02 25.87
C ARG C 126 -22.17 -3.55 24.49
N PRO C 127 -21.62 -2.72 23.60
CA PRO C 127 -21.08 -3.28 22.35
C PRO C 127 -19.92 -4.25 22.54
N GLY C 128 -19.14 -4.11 23.61
CA GLY C 128 -17.95 -4.93 23.75
C GLY C 128 -18.23 -6.42 23.91
N ILE C 129 -19.42 -6.78 24.38
CA ILE C 129 -19.75 -8.19 24.56
C ILE C 129 -19.81 -8.91 23.23
N ILE C 130 -20.41 -8.29 22.21
CA ILE C 130 -20.52 -8.95 20.92
C ILE C 130 -19.35 -8.60 20.00
N ARG C 131 -18.74 -7.44 20.18
CA ARG C 131 -17.65 -7.05 19.29
C ARG C 131 -16.33 -7.67 19.74
N LEU C 132 -16.12 -7.77 21.05
CA LEU C 132 -14.87 -8.26 21.61
C LEU C 132 -15.00 -9.59 22.34
N VAL C 133 -16.04 -9.79 23.15
CA VAL C 133 -16.11 -10.97 24.00
C VAL C 133 -16.47 -12.20 23.18
N ALA C 134 -17.41 -12.08 22.25
CA ALA C 134 -17.77 -13.21 21.40
C ALA C 134 -16.61 -13.71 20.55
N PRO C 135 -15.88 -12.86 19.80
CA PRO C 135 -14.73 -13.39 19.05
C PRO C 135 -13.65 -14.01 19.94
N LEU C 136 -13.40 -13.39 21.09
CA LEU C 136 -12.40 -13.94 22.01
C LEU C 136 -12.84 -15.31 22.53
N MET C 137 -14.14 -15.48 22.75
CA MET C 137 -14.64 -16.81 23.11
C MET C 137 -14.53 -17.77 21.94
N VAL C 138 -14.64 -17.27 20.71
CA VAL C 138 -14.34 -18.10 19.55
C VAL C 138 -12.87 -18.48 19.56
N ALA C 139 -12.00 -17.49 19.78
CA ALA C 139 -10.58 -17.75 19.87
C ALA C 139 -10.25 -18.64 21.06
N LYS C 140 -11.08 -18.63 22.08
CA LYS C 140 -10.86 -19.45 23.26
C LYS C 140 -11.03 -20.90 23.01
N HIS C 141 -12.01 -21.21 22.21
CA HIS C 141 -12.44 -22.60 22.07
C HIS C 141 -12.14 -23.23 20.72
N LEU C 142 -11.74 -22.45 19.71
CA LEU C 142 -11.54 -23.04 18.38
C LEU C 142 -10.42 -24.08 18.30
N PRO C 143 -9.34 -24.05 19.11
CA PRO C 143 -8.34 -25.11 18.98
C PRO C 143 -8.91 -26.51 19.10
N LYS C 144 -9.94 -26.69 19.92
CA LYS C 144 -10.60 -27.98 20.04
C LYS C 144 -11.51 -28.31 18.86
N TYR C 145 -11.85 -27.32 18.02
CA TYR C 145 -12.73 -27.54 16.89
C TYR C 145 -12.10 -27.18 15.56
N MET C 146 -10.88 -26.65 15.54
CA MET C 146 -10.16 -26.38 14.31
C MET C 146 -8.73 -26.88 14.45
N ASN C 147 -8.15 -27.30 13.33
CA ASN C 147 -6.72 -27.57 13.26
C ASN C 147 -5.97 -26.26 13.05
N LYS C 148 -5.02 -25.98 13.94
CA LYS C 148 -4.21 -24.76 13.86
C LYS C 148 -3.12 -24.92 12.81
N CYS C 149 -3.54 -24.83 11.55
CA CYS C 149 -2.73 -24.97 10.36
C CYS C 149 -3.03 -23.79 9.45
N PRO C 150 -2.04 -23.35 8.65
CA PRO C 150 -2.29 -22.20 7.76
C PRO C 150 -3.42 -22.41 6.76
N GLN C 151 -3.93 -23.63 6.59
CA GLN C 151 -5.06 -23.85 5.71
C GLN C 151 -6.40 -23.50 6.34
N SER C 152 -6.43 -23.16 7.62
CA SER C 152 -7.66 -22.74 8.29
C SER C 152 -7.60 -21.25 8.62
N SER C 153 -8.79 -20.64 8.73
CA SER C 153 -8.89 -19.20 8.89
C SER C 153 -10.05 -18.81 9.80
N LEU C 154 -9.87 -17.73 10.55
CA LEU C 154 -10.93 -17.02 11.25
C LEU C 154 -10.90 -15.56 10.80
N THR C 155 -12.03 -15.04 10.32
CA THR C 155 -12.05 -13.69 9.77
C THR C 155 -13.04 -12.84 10.56
N LEU C 156 -12.54 -11.71 11.07
CA LEU C 156 -13.37 -10.79 11.83
C LEU C 156 -13.80 -9.63 10.92
N THR C 157 -14.60 -8.71 11.48
CA THR C 157 -15.17 -7.65 10.67
C THR C 157 -15.01 -6.30 11.37
N SER C 158 -14.61 -5.32 10.58
CA SER C 158 -14.39 -3.93 11.00
C SER C 158 -14.96 -3.09 9.87
N GLY C 159 -14.54 -1.83 9.76
CA GLY C 159 -14.95 -1.08 8.60
C GLY C 159 -14.06 0.11 8.34
N ALA C 160 -14.36 0.82 7.24
CA ALA C 160 -13.64 2.04 6.92
C ALA C 160 -13.88 3.14 7.95
N HIS C 161 -15.01 3.07 8.68
CA HIS C 161 -15.30 4.01 9.75
C HIS C 161 -14.27 3.98 10.87
N CYS C 162 -13.42 2.95 10.92
CA CYS C 162 -12.36 2.90 11.91
C CYS C 162 -11.31 3.97 11.62
N LEU C 163 -11.21 4.40 10.36
CA LEU C 163 -10.35 5.50 9.98
C LEU C 163 -11.10 6.76 9.59
N ARG C 164 -12.34 6.65 9.11
CA ARG C 164 -13.20 7.79 8.83
C ARG C 164 -14.50 7.61 9.62
N PRO C 165 -14.49 7.92 10.91
CA PRO C 165 -15.66 7.61 11.75
C PRO C 165 -16.87 8.44 11.37
N ASP C 166 -18.02 7.77 11.32
CA ASP C 166 -19.28 8.46 11.10
C ASP C 166 -19.62 9.26 12.35
N PRO C 167 -20.22 10.43 12.22
CA PRO C 167 -20.52 11.23 13.40
C PRO C 167 -21.65 10.61 14.20
N GLY C 168 -21.52 10.72 15.53
CA GLY C 168 -22.36 10.02 16.47
C GLY C 168 -21.89 8.64 16.85
N TRP C 169 -21.14 7.96 15.98
CA TRP C 169 -20.77 6.57 16.19
C TRP C 169 -19.34 6.39 16.69
N THR C 170 -18.82 7.32 17.50
CA THR C 170 -17.43 7.22 17.94
C THR C 170 -17.18 5.92 18.72
N VAL C 171 -18.11 5.50 19.57
CA VAL C 171 -17.86 4.36 20.46
C VAL C 171 -17.74 3.05 19.67
N ILE C 172 -18.64 2.82 18.71
CA ILE C 172 -18.60 1.59 17.93
C ILE C 172 -17.52 1.74 16.89
N SER C 173 -17.24 2.98 16.49
CA SER C 173 -16.09 3.27 15.65
C SER C 173 -14.81 2.88 16.41
N GLY C 174 -14.78 3.09 17.72
CA GLY C 174 -13.66 2.62 18.55
C GLY C 174 -13.52 1.11 18.59
N TYR C 175 -14.64 0.40 18.79
CA TYR C 175 -14.58 -1.06 18.93
C TYR C 175 -14.04 -1.72 17.66
N CYS C 176 -14.38 -1.17 16.49
CA CYS C 176 -13.79 -1.69 15.26
C CYS C 176 -12.29 -1.48 15.23
N GLY C 177 -11.80 -0.40 15.82
CA GLY C 177 -10.36 -0.26 16.00
C GLY C 177 -9.80 -1.33 16.91
N ALA C 178 -10.57 -1.74 17.93
CA ALA C 178 -10.16 -2.82 18.80
C ALA C 178 -10.16 -4.15 18.08
N VAL C 179 -11.12 -4.36 17.18
CA VAL C 179 -11.20 -5.62 16.43
C VAL C 179 -9.96 -5.79 15.56
N GLU C 180 -9.48 -4.71 14.95
CA GLU C 180 -8.31 -4.83 14.08
C GLU C 180 -7.05 -5.14 14.87
N ALA C 181 -6.84 -4.44 15.99
CA ALA C 181 -5.68 -4.74 16.83
C ALA C 181 -5.78 -6.15 17.42
N MET C 182 -6.98 -6.53 17.87
CA MET C 182 -7.17 -7.86 18.43
C MET C 182 -6.95 -8.96 17.39
N SER C 183 -7.45 -8.75 16.16
CA SER C 183 -7.15 -9.65 15.05
C SER C 183 -5.67 -9.99 14.96
N ARG C 184 -4.80 -8.98 15.01
CA ARG C 184 -3.38 -9.24 14.88
C ARG C 184 -2.85 -10.04 16.07
N GLY C 185 -3.34 -9.74 17.26
CA GLY C 185 -2.94 -10.53 18.43
C GLY C 185 -3.36 -11.99 18.32
N LEU C 186 -4.54 -12.25 17.75
CA LEU C 186 -4.99 -13.62 17.62
C LEU C 186 -4.21 -14.37 16.55
N ALA C 187 -3.61 -13.65 15.59
CA ALA C 187 -2.71 -14.28 14.64
C ALA C 187 -1.44 -14.78 15.29
N ILE C 188 -1.06 -14.21 16.43
CA ILE C 188 0.08 -14.73 17.20
C ILE C 188 -0.38 -15.76 18.22
N ASP C 189 -1.52 -15.51 18.88
CA ASP C 189 -2.06 -16.46 19.84
C ASP C 189 -2.38 -17.79 19.16
N LEU C 190 -3.02 -17.74 17.99
CA LEU C 190 -3.48 -18.93 17.31
C LEU C 190 -2.54 -19.38 16.18
N LYS C 191 -1.34 -18.81 16.09
CA LYS C 191 -0.42 -19.19 15.02
C LYS C 191 -0.12 -20.69 15.11
N PRO C 192 0.06 -21.35 13.95
CA PRO C 192 0.09 -20.79 12.60
C PRO C 192 -1.27 -20.63 11.93
N LEU C 193 -2.36 -20.74 12.69
CA LEU C 193 -3.68 -20.47 12.13
C LEU C 193 -3.78 -19.00 11.72
N ARG C 194 -4.57 -18.73 10.68
CA ARG C 194 -4.65 -17.41 10.08
C ARG C 194 -5.94 -16.71 10.51
N VAL C 195 -5.82 -15.47 10.96
CA VAL C 195 -6.98 -14.65 11.30
C VAL C 195 -6.76 -13.27 10.68
N ASN C 196 -7.81 -12.71 10.07
CA ASN C 196 -7.72 -11.44 9.36
C ASN C 196 -9.03 -10.67 9.52
N VAL C 197 -9.07 -9.47 8.95
CA VAL C 197 -10.24 -8.60 9.03
C VAL C 197 -10.61 -8.13 7.64
N VAL C 198 -11.91 -7.96 7.42
CA VAL C 198 -12.46 -7.27 6.26
C VAL C 198 -13.05 -5.96 6.76
N ALA C 199 -12.67 -4.85 6.12
CA ALA C 199 -13.15 -3.53 6.50
C ALA C 199 -14.02 -2.97 5.38
N PRO C 200 -15.31 -3.29 5.36
CA PRO C 200 -16.19 -2.75 4.31
C PRO C 200 -16.44 -1.26 4.51
N GLY C 201 -16.97 -0.65 3.45
CA GLY C 201 -17.29 0.76 3.45
C GLY C 201 -18.77 1.02 3.65
N ALA C 202 -19.50 1.26 2.56
CA ALA C 202 -20.93 1.48 2.58
C ALA C 202 -21.62 0.34 1.84
N VAL C 203 -22.26 -0.54 2.58
CA VAL C 203 -23.00 -1.67 2.01
C VAL C 203 -24.45 -1.51 2.44
N LEU C 204 -25.35 -1.41 1.46
CA LEU C 204 -26.77 -1.14 1.71
C LEU C 204 -27.48 -2.44 2.06
N THR C 205 -27.14 -2.97 3.23
CA THR C 205 -27.84 -4.15 3.71
C THR C 205 -29.20 -3.75 4.25
N GLU C 206 -30.05 -4.76 4.48
CA GLU C 206 -31.39 -4.49 4.97
C GLU C 206 -31.34 -3.86 6.36
N ALA C 207 -30.25 -4.12 7.10
CA ALA C 207 -30.05 -3.51 8.42
C ALA C 207 -29.80 -2.00 8.34
N VAL C 208 -29.09 -1.56 7.30
CA VAL C 208 -28.77 -0.14 7.19
C VAL C 208 -30.02 0.65 6.89
N LYS C 209 -30.90 0.06 6.13
CA LYS C 209 -32.13 0.68 5.77
C LYS C 209 -32.96 0.88 7.02
N ASP C 210 -32.86 -0.06 7.93
CA ASP C 210 -33.52 -0.01 9.23
C ASP C 210 -32.94 1.04 10.16
N ILE C 211 -31.61 1.27 10.11
CA ILE C 211 -30.99 2.16 11.10
C ILE C 211 -31.32 3.62 10.82
N LEU C 212 -31.23 4.03 9.56
CA LEU C 212 -31.41 5.43 9.22
C LEU C 212 -32.85 5.77 8.86
N GLY C 213 -33.69 4.78 8.63
CA GLY C 213 -35.11 5.04 8.43
C GLY C 213 -35.42 6.05 7.36
N ASP C 214 -35.87 7.23 7.79
CA ASP C 214 -36.30 8.27 6.86
C ASP C 214 -35.13 9.06 6.27
N ALA C 215 -34.01 9.16 6.97
CA ALA C 215 -32.82 9.83 6.44
C ALA C 215 -32.02 8.95 5.50
N TYR C 216 -32.60 7.83 5.04
CA TYR C 216 -31.85 6.82 4.29
C TYR C 216 -31.38 7.33 2.93
N ASP C 217 -32.29 7.88 2.14
CA ASP C 217 -31.94 8.20 0.75
C ASP C 217 -30.97 9.37 0.67
N ALA C 218 -31.08 10.35 1.59
CA ALA C 218 -30.07 11.40 1.62
C ALA C 218 -28.71 10.83 1.99
N ALA C 219 -28.70 9.72 2.74
CA ALA C 219 -27.44 9.08 3.11
C ALA C 219 -26.88 8.22 1.99
N VAL C 220 -27.75 7.62 1.17
CA VAL C 220 -27.29 6.73 0.10
C VAL C 220 -26.57 7.50 -0.99
N GLU C 221 -27.11 8.66 -1.32
CA GLU C 221 -26.57 9.56 -2.33
C GLU C 221 -25.27 10.21 -1.84
N MET C 222 -25.20 10.46 -0.52
CA MET C 222 -23.99 11.02 0.07
C MET C 222 -22.92 9.97 0.24
N ALA C 223 -23.34 8.70 0.33
CA ALA C 223 -22.37 7.60 0.33
C ALA C 223 -21.86 7.32 -1.08
N GLU C 224 -22.77 7.34 -2.05
CA GLU C 224 -22.37 7.15 -3.45
C GLU C 224 -21.44 8.27 -3.90
N ALA C 225 -21.65 9.49 -3.39
CA ALA C 225 -20.80 10.61 -3.78
C ALA C 225 -19.42 10.52 -3.15
N LYS C 226 -19.32 9.86 -1.99
CA LYS C 226 -18.07 9.73 -1.27
C LYS C 226 -17.22 8.55 -1.73
N SER C 227 -17.43 8.07 -2.95
CA SER C 227 -16.69 6.93 -3.47
C SER C 227 -16.01 7.29 -4.79
N THR C 228 -14.90 6.62 -5.07
CA THR C 228 -14.33 6.69 -6.42
C THR C 228 -15.27 6.06 -7.44
N VAL C 229 -15.82 4.89 -7.12
CA VAL C 229 -16.98 4.42 -7.85
C VAL C 229 -18.17 5.33 -7.56
N GLY C 230 -19.12 5.35 -8.49
CA GLY C 230 -20.34 6.09 -8.22
C GLY C 230 -21.37 5.21 -7.54
N GLN C 231 -20.93 4.33 -6.63
CA GLN C 231 -21.78 3.26 -6.12
C GLN C 231 -21.53 3.03 -4.63
N THR C 232 -22.49 2.37 -3.99
CA THR C 232 -22.27 1.70 -2.72
C THR C 232 -21.92 0.23 -3.00
N GLY C 233 -21.46 -0.47 -1.97
CA GLY C 233 -21.00 -1.84 -2.16
C GLY C 233 -22.15 -2.83 -2.20
N SER C 234 -22.17 -3.66 -3.24
CA SER C 234 -23.07 -4.81 -3.27
C SER C 234 -22.70 -5.81 -2.19
N PRO C 235 -23.68 -6.39 -1.47
CA PRO C 235 -23.37 -7.43 -0.49
C PRO C 235 -22.60 -8.65 -0.99
N GLU C 236 -22.83 -9.12 -2.22
CA GLU C 236 -22.10 -10.30 -2.67
C GLU C 236 -20.71 -9.98 -3.20
N SER C 237 -20.42 -8.70 -3.50
CA SER C 237 -19.05 -8.35 -3.88
C SER C 237 -18.17 -8.20 -2.66
N VAL C 238 -18.70 -7.62 -1.57
CA VAL C 238 -17.92 -7.54 -0.33
C VAL C 238 -17.61 -8.94 0.20
N ALA C 239 -18.52 -9.89 -0.03
CA ALA C 239 -18.31 -11.27 0.40
C ALA C 239 -17.07 -11.89 -0.22
N GLN C 240 -16.60 -11.38 -1.37
CA GLN C 240 -15.42 -11.94 -2.00
C GLN C 240 -14.17 -11.72 -1.15
N ALA C 241 -14.16 -10.71 -0.29
CA ALA C 241 -13.02 -10.49 0.60
C ALA C 241 -12.89 -11.64 1.60
N TYR C 242 -14.03 -12.12 2.13
CA TYR C 242 -14.00 -13.26 3.04
C TYR C 242 -13.58 -14.53 2.31
N ILE C 243 -14.13 -14.77 1.11
CA ILE C 243 -13.75 -15.95 0.34
C ILE C 243 -12.26 -15.90 0.02
N TYR C 244 -11.75 -14.71 -0.31
CA TYR C 244 -10.33 -14.56 -0.61
C TYR C 244 -9.47 -15.05 0.54
N LEU C 245 -9.77 -14.60 1.77
CA LEU C 245 -8.96 -14.97 2.92
C LEU C 245 -9.09 -16.45 3.26
N MET C 246 -10.12 -17.14 2.77
CA MET C 246 -10.19 -18.58 2.93
C MET C 246 -9.31 -19.31 1.93
N LYS C 247 -9.15 -18.75 0.72
CA LYS C 247 -8.38 -19.39 -0.34
C LYS C 247 -6.91 -19.03 -0.30
N ASP C 248 -6.54 -17.89 0.29
CA ASP C 248 -5.16 -17.45 0.36
C ASP C 248 -4.58 -18.01 1.65
N HIS C 249 -3.84 -19.11 1.54
CA HIS C 249 -3.27 -19.78 2.69
C HIS C 249 -2.05 -19.06 3.25
N TYR C 250 -1.71 -17.89 2.71
CA TYR C 250 -0.60 -17.07 3.19
C TYR C 250 -1.06 -15.80 3.90
N ALA C 251 -2.33 -15.43 3.82
CA ALA C 251 -2.82 -14.18 4.40
C ALA C 251 -3.11 -14.35 5.89
N SER C 252 -2.39 -13.60 6.72
CA SER C 252 -2.67 -13.59 8.15
C SER C 252 -2.20 -12.27 8.76
N GLY C 253 -2.94 -11.81 9.76
CA GLY C 253 -2.64 -10.52 10.36
C GLY C 253 -2.98 -9.32 9.52
N SER C 254 -3.81 -9.50 8.48
CA SER C 254 -4.06 -8.47 7.48
C SER C 254 -5.44 -7.85 7.62
N VAL C 255 -5.61 -6.69 6.97
CA VAL C 255 -6.89 -6.01 6.85
C VAL C 255 -7.23 -5.90 5.36
N VAL C 256 -8.33 -6.52 4.95
CA VAL C 256 -8.82 -6.44 3.59
C VAL C 256 -9.86 -5.34 3.54
N SER C 257 -9.51 -4.21 2.93
CA SER C 257 -10.38 -3.04 2.86
C SER C 257 -11.10 -3.01 1.52
N THR C 258 -12.42 -3.01 1.55
CA THR C 258 -13.25 -2.87 0.35
C THR C 258 -14.25 -1.75 0.61
N ASN C 259 -13.94 -0.55 0.09
CA ASN C 259 -14.69 0.65 0.47
C ASN C 259 -15.00 1.55 -0.72
N GLY C 260 -14.71 1.13 -1.94
CA GLY C 260 -14.98 1.97 -3.10
C GLY C 260 -14.16 3.24 -3.14
N GLY C 261 -12.98 3.24 -2.54
CA GLY C 261 -12.14 4.43 -2.51
C GLY C 261 -12.67 5.56 -1.67
N MET C 262 -13.58 5.28 -0.73
CA MET C 262 -14.15 6.36 0.09
C MET C 262 -13.09 7.11 0.89
N LEU C 263 -11.98 6.45 1.22
CA LEU C 263 -10.94 7.14 1.98
C LEU C 263 -10.07 8.03 1.09
N LEU C 264 -10.31 8.03 -0.23
CA LEU C 264 -9.56 8.85 -1.17
C LEU C 264 -10.24 10.18 -1.48
N VAL C 265 -11.52 10.31 -1.15
CA VAL C 265 -12.29 11.51 -1.45
C VAL C 265 -12.94 12.06 -0.19
N THR D 9 7.95 33.88 24.76
CA THR D 9 8.46 32.88 23.85
C THR D 9 7.61 31.60 23.91
N ASP D 10 7.24 31.19 25.12
CA ASP D 10 6.51 29.95 25.31
C ASP D 10 5.03 30.24 25.47
N GLN D 11 4.19 29.48 24.77
CA GLN D 11 2.75 29.63 24.82
C GLN D 11 2.10 28.57 25.70
N LEU D 12 2.90 27.81 26.44
CA LEU D 12 2.42 26.94 27.50
C LEU D 12 2.65 27.54 28.88
N HIS D 13 3.06 28.80 28.94
CA HIS D 13 3.36 29.43 30.22
C HIS D 13 2.11 29.52 31.10
N GLY D 14 1.12 30.29 30.67
CA GLY D 14 -0.08 30.40 31.47
C GLY D 14 -1.08 29.29 31.28
N SER D 15 -0.70 28.24 30.54
CA SER D 15 -1.68 27.24 30.10
C SER D 15 -1.88 26.20 31.18
N ARG D 16 -3.06 25.65 31.23
CA ARG D 16 -3.38 24.67 32.22
C ARG D 16 -3.45 23.25 31.67
N VAL D 17 -2.68 22.35 32.22
CA VAL D 17 -2.65 20.94 31.83
C VAL D 17 -3.11 20.02 32.94
N LEU D 18 -4.00 19.12 32.57
CA LEU D 18 -4.51 18.05 33.40
C LEU D 18 -3.92 16.76 32.86
N VAL D 19 -3.07 16.11 33.64
CA VAL D 19 -2.41 14.87 33.23
C VAL D 19 -3.08 13.75 34.03
N ILE D 20 -4.06 13.10 33.41
CA ILE D 20 -4.77 11.99 34.04
C ILE D 20 -3.84 10.78 33.98
N GLY D 21 -3.23 10.44 35.10
CA GLY D 21 -2.22 9.41 35.16
C GLY D 21 -0.79 9.91 35.22
N GLY D 22 -0.56 11.08 35.81
CA GLY D 22 0.75 11.69 35.88
C GLY D 22 1.57 11.40 37.12
N THR D 23 1.20 10.40 37.92
CA THR D 23 1.92 10.15 39.16
C THR D 23 3.19 9.32 38.98
N SER D 24 3.38 8.67 37.84
CA SER D 24 4.55 7.84 37.65
C SER D 24 4.85 7.71 36.16
N GLY D 25 6.12 7.48 35.84
CA GLY D 25 6.45 7.03 34.50
C GLY D 25 6.28 8.11 33.46
N ILE D 26 5.59 7.75 32.38
CA ILE D 26 5.44 8.65 31.24
C ILE D 26 4.67 9.90 31.64
N GLY D 27 3.51 9.73 32.30
CA GLY D 27 2.72 10.87 32.70
C GLY D 27 3.45 11.85 33.59
N PHE D 28 4.33 11.34 34.47
CA PHE D 28 5.11 12.23 35.32
C PHE D 28 6.09 13.05 34.51
N ALA D 29 6.77 12.41 33.55
CA ALA D 29 7.69 13.14 32.68
C ALA D 29 6.97 14.21 31.87
N VAL D 30 5.69 13.98 31.56
CA VAL D 30 4.91 15.00 30.86
C VAL D 30 4.66 16.20 31.78
N CYS D 31 4.47 15.94 33.08
CA CYS D 31 4.26 17.05 34.00
C CYS D 31 5.56 17.81 34.25
N ALA D 32 6.68 17.08 34.27
CA ALA D 32 7.98 17.73 34.39
C ALA D 32 8.26 18.61 33.18
N ALA D 33 8.01 18.09 31.98
CA ALA D 33 8.21 18.87 30.77
C ALA D 33 7.28 20.07 30.74
N ALA D 34 6.01 19.88 31.11
CA ALA D 34 5.06 20.99 31.11
C ALA D 34 5.53 22.11 32.04
N LEU D 35 6.01 21.76 33.24
CA LEU D 35 6.49 22.78 34.15
C LEU D 35 7.82 23.38 33.71
N GLY D 36 8.60 22.65 32.91
CA GLY D 36 9.81 23.24 32.34
C GLY D 36 9.47 24.39 31.42
N HIS D 37 8.30 24.35 30.81
CA HIS D 37 7.78 25.46 30.01
C HIS D 37 6.90 26.39 30.83
N GLY D 38 6.81 26.17 32.14
CA GLY D 38 6.06 27.05 33.02
C GLY D 38 4.57 26.80 33.12
N ALA D 39 4.09 25.64 32.68
CA ALA D 39 2.66 25.37 32.72
C ALA D 39 2.17 25.12 34.14
N ILE D 40 0.85 25.24 34.31
CA ILE D 40 0.15 24.92 35.55
C ILE D 40 -0.38 23.50 35.42
N VAL D 41 0.09 22.59 36.27
CA VAL D 41 -0.11 21.16 36.11
C VAL D 41 -1.00 20.60 37.22
N THR D 42 -2.05 19.87 36.82
CA THR D 42 -2.89 19.09 37.72
C THR D 42 -2.67 17.60 37.43
N ILE D 43 -2.36 16.83 38.47
CA ILE D 43 -2.01 15.42 38.35
C ILE D 43 -3.14 14.56 38.92
N VAL D 44 -3.40 13.42 38.28
CA VAL D 44 -4.45 12.50 38.72
C VAL D 44 -3.83 11.12 38.88
N GLY D 45 -4.09 10.49 40.03
CA GLY D 45 -3.61 9.15 40.32
C GLY D 45 -4.53 8.44 41.28
N SER D 46 -4.15 7.20 41.62
CA SER D 46 -4.92 6.36 42.52
C SER D 46 -4.19 6.01 43.81
N ASN D 47 -2.88 6.10 43.85
CA ASN D 47 -2.21 5.71 45.05
C ASN D 47 -2.08 6.94 45.83
N ALA D 48 -2.62 6.92 47.01
CA ALA D 48 -2.65 8.11 47.81
C ALA D 48 -1.33 8.70 48.17
N GLN D 49 -0.35 7.89 48.49
CA GLN D 49 0.91 8.49 48.93
C GLN D 49 1.81 8.98 47.86
N LYS D 50 2.29 8.01 47.11
CA LYS D 50 3.21 8.19 46.00
C LYS D 50 2.74 9.28 45.06
N LEU D 51 1.51 9.80 45.29
CA LEU D 51 0.98 10.97 44.62
C LEU D 51 1.46 12.25 45.28
N LYS D 52 1.69 12.23 46.59
CA LYS D 52 2.42 13.33 47.21
C LYS D 52 3.90 13.29 46.83
N ASP D 53 4.44 12.08 46.68
CA ASP D 53 5.87 11.96 46.40
C ASP D 53 6.24 12.54 45.06
N SER D 54 5.45 12.32 44.02
CA SER D 54 5.73 12.99 42.77
C SER D 54 5.35 14.47 42.86
N VAL D 55 4.31 14.83 43.64
CA VAL D 55 4.03 16.26 43.85
C VAL D 55 5.14 16.89 44.68
N ALA D 56 5.79 16.10 45.53
CA ALA D 56 6.89 16.65 46.34
C ALA D 56 8.11 16.99 45.49
N ARG D 57 8.54 16.12 44.57
CA ARG D 57 9.75 16.45 43.81
C ARG D 57 9.57 17.55 42.76
N LEU D 58 8.34 17.88 42.37
CA LEU D 58 8.13 18.80 41.25
C LEU D 58 8.09 20.26 41.69
N LYS D 59 7.97 20.48 43.00
CA LYS D 59 8.28 21.76 43.60
C LYS D 59 9.69 21.73 44.18
N SER D 60 10.37 20.59 44.11
CA SER D 60 11.78 20.50 44.46
C SER D 60 12.72 20.37 43.27
N SER D 61 12.24 19.99 42.09
CA SER D 61 13.07 20.10 40.91
C SER D 61 12.88 21.41 40.17
N PHE D 62 11.74 22.07 40.38
CA PHE D 62 11.55 23.45 39.93
C PHE D 62 10.81 24.24 41.00
N PRO D 63 11.53 24.67 42.05
CA PRO D 63 10.88 25.52 43.06
C PRO D 63 10.49 26.87 42.49
N SER D 64 11.05 27.22 41.33
CA SER D 64 10.67 28.42 40.60
C SER D 64 9.16 28.65 40.57
N THR D 65 8.44 27.64 40.11
CA THR D 65 6.98 27.72 39.97
C THR D 65 6.26 27.96 41.31
N ASP D 66 5.23 28.81 41.26
CA ASP D 66 4.36 29.00 42.40
C ASP D 66 3.82 27.64 42.86
N PRO D 67 3.88 27.34 44.16
CA PRO D 67 3.41 26.02 44.62
C PRO D 67 1.95 25.72 44.29
N ASP D 68 1.12 26.74 44.09
CA ASP D 68 -0.28 26.50 43.75
C ASP D 68 -0.48 26.14 42.27
N ASP D 69 0.57 26.19 41.45
CA ASP D 69 0.46 25.70 40.08
C ASP D 69 0.63 24.20 39.98
N ILE D 70 0.90 23.51 41.08
CA ILE D 70 1.10 22.06 41.09
C ILE D 70 0.08 21.50 42.07
N VAL D 71 -1.12 21.20 41.57
CA VAL D 71 -2.22 20.70 42.39
C VAL D 71 -2.48 19.25 42.01
N ALA D 72 -2.95 18.47 42.98
CA ALA D 72 -3.14 17.03 42.81
C ALA D 72 -4.52 16.59 43.28
N VAL D 73 -5.03 15.50 42.66
CA VAL D 73 -6.31 14.92 43.05
C VAL D 73 -6.21 13.40 42.94
N ARG D 74 -6.78 12.68 43.91
CA ARG D 74 -6.86 11.21 43.93
C ARG D 74 -8.12 10.74 43.28
N CYS D 75 -7.99 9.93 42.27
CA CYS D 75 -9.15 9.41 41.54
C CYS D 75 -8.95 7.93 41.27
N ASP D 76 -9.99 7.13 41.49
CA ASP D 76 -9.96 5.72 41.13
C ASP D 76 -10.86 5.49 39.91
N LEU D 77 -10.24 5.18 38.78
CA LEU D 77 -10.96 5.03 37.53
C LEU D 77 -11.12 3.57 37.11
N SER D 78 -10.72 2.63 37.96
CA SER D 78 -10.91 1.21 37.66
C SER D 78 -12.33 0.72 37.91
N ASN D 79 -13.21 1.53 38.53
CA ASN D 79 -14.53 1.09 38.92
C ASN D 79 -15.59 1.95 38.24
N SER D 80 -16.62 1.30 37.70
CA SER D 80 -17.56 1.99 36.82
C SER D 80 -18.42 2.98 37.60
N ASP D 81 -18.80 2.64 38.83
CA ASP D 81 -19.29 3.66 39.73
C ASP D 81 -18.05 4.41 40.16
N THR D 82 -18.13 5.75 40.27
CA THR D 82 -17.01 6.67 40.58
C THR D 82 -16.30 7.29 39.39
N VAL D 83 -16.48 6.78 38.16
CA VAL D 83 -15.59 7.30 37.12
C VAL D 83 -16.09 8.62 36.52
N GLU D 84 -17.41 8.79 36.36
CA GLU D 84 -17.91 10.03 35.78
C GLU D 84 -17.74 11.19 36.75
N GLN D 85 -18.00 10.96 38.04
CA GLN D 85 -17.89 12.04 39.02
C GLN D 85 -16.44 12.34 39.39
N ASP D 86 -15.53 11.37 39.24
CA ASP D 86 -14.12 11.63 39.56
C ASP D 86 -13.44 12.48 38.50
N ILE D 87 -13.62 12.16 37.21
CA ILE D 87 -13.06 13.02 36.17
C ILE D 87 -13.69 14.40 36.24
N GLU D 88 -15.00 14.45 36.54
CA GLU D 88 -15.68 15.73 36.67
C GLU D 88 -15.05 16.57 37.76
N LYS D 89 -14.58 15.93 38.82
CA LYS D 89 -13.91 16.66 39.90
C LYS D 89 -12.54 17.14 39.45
N ALA D 90 -11.81 16.28 38.72
CA ALA D 90 -10.48 16.65 38.24
C ALA D 90 -10.55 17.75 37.19
N LEU D 91 -11.64 17.83 36.43
CA LEU D 91 -11.77 18.89 35.43
C LEU D 91 -12.14 20.21 36.08
N GLN D 92 -12.94 20.17 37.15
CA GLN D 92 -13.23 21.39 37.90
C GLN D 92 -11.96 21.92 38.55
N LEU D 93 -11.10 21.00 39.00
CA LEU D 93 -9.89 21.38 39.70
C LEU D 93 -8.82 21.88 38.76
N ALA D 94 -8.67 21.27 37.58
CA ALA D 94 -7.69 21.76 36.63
C ALA D 94 -8.12 23.10 36.04
N ALA D 95 -9.42 23.24 35.75
CA ALA D 95 -9.95 24.48 35.19
C ALA D 95 -9.99 25.61 36.21
N GLY D 96 -10.33 25.33 37.47
CA GLY D 96 -10.38 26.40 38.43
C GLY D 96 -11.22 27.56 37.97
N ASN D 97 -10.64 28.76 38.03
CA ASN D 97 -11.28 29.95 37.49
C ASN D 97 -11.15 30.09 35.98
N SER D 98 -10.13 29.53 35.36
CA SER D 98 -9.96 29.62 33.91
C SER D 98 -10.58 28.38 33.26
N LYS D 99 -10.27 28.10 32.00
CA LYS D 99 -10.64 26.84 31.38
C LYS D 99 -9.37 26.05 31.09
N ILE D 100 -9.50 24.72 30.97
CA ILE D 100 -8.33 23.88 30.75
C ILE D 100 -7.86 24.03 29.32
N ASN D 101 -6.54 24.02 29.13
CA ASN D 101 -5.95 24.17 27.80
C ASN D 101 -5.53 22.85 27.16
N HIS D 102 -5.01 21.91 27.94
CA HIS D 102 -4.59 20.62 27.41
C HIS D 102 -4.87 19.52 28.43
N ILE D 103 -5.22 18.35 27.93
CA ILE D 103 -5.49 17.17 28.75
C ILE D 103 -4.65 16.01 28.21
N VAL D 104 -4.00 15.29 29.11
CA VAL D 104 -3.13 14.18 28.77
C VAL D 104 -3.56 12.99 29.61
N ILE D 105 -3.84 11.86 28.98
CA ILE D 105 -4.29 10.66 29.67
C ILE D 105 -3.29 9.54 29.42
N THR D 106 -2.75 8.99 30.50
CA THR D 106 -1.85 7.85 30.45
C THR D 106 -2.30 6.73 31.38
N ALA D 107 -3.43 6.92 32.07
CA ALA D 107 -3.85 6.00 33.12
C ALA D 107 -4.20 4.65 32.52
N ALA D 108 -3.70 3.59 33.15
CA ALA D 108 -3.91 2.23 32.68
C ALA D 108 -3.77 1.27 33.86
N ASP D 109 -4.40 0.10 33.72
CA ASP D 109 -4.45 -0.83 34.85
C ASP D 109 -3.10 -1.48 35.11
N MET D 110 -2.31 -1.72 34.07
CA MET D 110 -0.94 -2.23 34.19
C MET D 110 -0.86 -3.50 35.05
N THR D 111 -1.74 -4.48 34.78
CA THR D 111 -1.69 -5.78 35.44
C THR D 111 -1.79 -6.88 34.39
N ALA D 112 -1.05 -7.97 34.61
CA ALA D 112 -0.93 -9.04 33.62
C ALA D 112 -2.27 -9.70 33.32
N PRO D 113 -2.63 -9.86 32.04
CA PRO D 113 -3.88 -10.54 31.69
C PRO D 113 -3.72 -12.05 31.81
N PRO D 114 -4.83 -12.78 31.91
CA PRO D 114 -4.75 -14.24 31.91
C PRO D 114 -4.45 -14.76 30.51
N PRO D 115 -3.92 -15.97 30.38
CA PRO D 115 -3.83 -16.55 29.03
C PRO D 115 -5.25 -16.79 28.54
N LEU D 116 -5.42 -16.81 27.22
CA LEU D 116 -6.80 -16.90 26.73
C LEU D 116 -7.39 -18.31 26.87
N GLU D 117 -6.61 -19.34 27.23
CA GLU D 117 -7.24 -20.61 27.54
C GLU D 117 -8.15 -20.48 28.75
N ASP D 118 -7.84 -19.55 29.65
CA ASP D 118 -8.61 -19.28 30.85
C ASP D 118 -9.33 -17.94 30.79
N LEU D 119 -9.42 -17.36 29.59
CA LEU D 119 -10.10 -16.08 29.38
C LEU D 119 -11.51 -16.08 29.93
N THR D 120 -11.86 -15.01 30.65
CA THR D 120 -13.18 -14.83 31.24
C THR D 120 -13.80 -13.56 30.69
N VAL D 121 -15.14 -13.52 30.72
CA VAL D 121 -15.88 -12.33 30.28
C VAL D 121 -15.44 -11.09 31.04
N ASP D 122 -15.04 -11.24 32.31
CA ASP D 122 -14.69 -10.08 33.12
C ASP D 122 -13.27 -9.60 32.82
N SER D 123 -12.34 -10.53 32.57
CA SER D 123 -11.01 -10.16 32.13
C SER D 123 -11.05 -9.27 30.90
N VAL D 124 -12.01 -9.50 30.00
CA VAL D 124 -12.07 -8.74 28.75
C VAL D 124 -12.63 -7.35 28.98
N GLN D 125 -13.62 -7.22 29.86
CA GLN D 125 -14.36 -5.96 29.97
C GLN D 125 -13.77 -4.98 30.96
N ARG D 126 -13.07 -5.44 31.99
CA ARG D 126 -12.65 -4.53 33.03
C ARG D 126 -11.56 -3.54 32.63
N PRO D 127 -10.60 -3.90 31.76
CA PRO D 127 -9.66 -2.88 31.27
C PRO D 127 -10.35 -1.72 30.58
N GLY D 128 -11.53 -1.94 29.98
CA GLY D 128 -12.17 -0.88 29.21
C GLY D 128 -12.64 0.33 29.99
N ILE D 129 -12.96 0.18 31.28
CA ILE D 129 -13.42 1.36 32.04
C ILE D 129 -12.33 2.39 32.23
N ILE D 130 -11.09 1.97 32.42
CA ILE D 130 -10.06 2.99 32.56
C ILE D 130 -9.47 3.39 31.21
N ARG D 131 -9.47 2.47 30.23
CA ARG D 131 -8.90 2.80 28.93
C ARG D 131 -9.91 3.45 27.98
N LEU D 132 -11.18 3.09 28.06
CA LEU D 132 -12.20 3.61 27.15
C LEU D 132 -13.21 4.52 27.82
N VAL D 133 -13.75 4.14 28.99
CA VAL D 133 -14.84 4.92 29.57
C VAL D 133 -14.32 6.20 30.20
N ALA D 134 -13.17 6.14 30.87
CA ALA D 134 -12.59 7.36 31.44
C ALA D 134 -12.31 8.41 30.38
N PRO D 135 -11.63 8.12 29.26
CA PRO D 135 -11.46 9.17 28.23
C PRO D 135 -12.78 9.67 27.65
N LEU D 136 -13.73 8.77 27.42
CA LEU D 136 -15.03 9.19 26.90
C LEU D 136 -15.76 10.07 27.90
N MET D 137 -15.61 9.77 29.19
CA MET D 137 -16.19 10.64 30.21
C MET D 137 -15.50 12.00 30.22
N VAL D 138 -14.20 12.01 29.91
CA VAL D 138 -13.48 13.29 29.75
C VAL D 138 -14.06 14.06 28.57
N ALA D 139 -14.24 13.37 27.45
CA ALA D 139 -14.82 14.01 26.27
C ALA D 139 -16.25 14.46 26.53
N LYS D 140 -16.95 13.78 27.43
CA LYS D 140 -18.34 14.14 27.73
C LYS D 140 -18.41 15.48 28.48
N HIS D 141 -17.44 15.75 29.36
CA HIS D 141 -17.53 16.89 30.28
C HIS D 141 -16.53 17.99 30.03
N LEU D 142 -15.52 17.78 29.18
CA LEU D 142 -14.53 18.83 28.96
C LEU D 142 -15.07 20.11 28.32
N PRO D 143 -16.13 20.12 27.48
CA PRO D 143 -16.57 21.40 26.89
C PRO D 143 -16.88 22.51 27.89
N LYS D 144 -17.45 22.19 29.05
CA LYS D 144 -17.72 23.24 30.03
C LYS D 144 -16.48 23.73 30.75
N TYR D 145 -15.35 23.04 30.63
CA TYR D 145 -14.13 23.44 31.30
C TYR D 145 -12.97 23.71 30.35
N MET D 146 -13.17 23.56 29.04
CA MET D 146 -12.20 23.94 28.03
C MET D 146 -12.92 24.70 26.93
N ASN D 147 -12.21 25.63 26.29
CA ASN D 147 -12.71 26.22 25.05
C ASN D 147 -12.36 25.35 23.85
N LYS D 148 -13.38 25.07 23.03
CA LYS D 148 -13.23 24.27 21.83
C LYS D 148 -12.59 25.10 20.72
N CYS D 149 -11.28 25.25 20.82
CA CYS D 149 -10.45 26.02 19.92
C CYS D 149 -9.27 25.16 19.48
N PRO D 150 -8.76 25.36 18.26
CA PRO D 150 -7.59 24.57 17.81
C PRO D 150 -6.35 24.78 18.67
N GLN D 151 -6.34 25.80 19.53
CA GLN D 151 -5.25 26.01 20.48
C GLN D 151 -5.34 25.07 21.68
N SER D 152 -6.39 24.28 21.76
CA SER D 152 -6.58 23.33 22.83
C SER D 152 -6.29 21.92 22.31
N SER D 153 -5.93 21.00 23.22
CA SER D 153 -5.56 19.65 22.81
C SER D 153 -6.02 18.65 23.86
N LEU D 154 -6.45 17.49 23.38
CA LEU D 154 -6.64 16.29 24.18
C LEU D 154 -5.82 15.16 23.55
N THR D 155 -4.96 14.54 24.35
CA THR D 155 -4.03 13.52 23.87
C THR D 155 -4.24 12.24 24.65
N LEU D 156 -4.49 11.14 23.93
CA LEU D 156 -4.63 9.82 24.52
C LEU D 156 -3.33 9.05 24.35
N THR D 157 -3.32 7.80 24.79
CA THR D 157 -2.11 7.01 24.82
C THR D 157 -2.34 5.66 24.16
N SER D 158 -1.35 5.21 23.40
CA SER D 158 -1.40 4.00 22.61
C SER D 158 -0.08 3.25 22.82
N GLY D 159 0.24 2.35 21.92
CA GLY D 159 1.57 1.77 21.93
C GLY D 159 1.86 1.06 20.63
N ALA D 160 3.12 0.65 20.49
CA ALA D 160 3.52 -0.14 19.34
C ALA D 160 2.86 -1.52 19.38
N HIS D 161 2.48 -1.98 20.58
CA HIS D 161 1.78 -3.25 20.72
C HIS D 161 0.45 -3.25 19.98
N CYS D 162 -0.05 -2.08 19.59
CA CYS D 162 -1.26 -2.04 18.77
C CYS D 162 -0.99 -2.55 17.36
N LEU D 163 0.25 -2.47 16.89
CA LEU D 163 0.59 -3.01 15.57
C LEU D 163 1.42 -4.27 15.64
N ARG D 164 2.23 -4.45 16.67
CA ARG D 164 2.96 -5.69 16.92
C ARG D 164 2.66 -6.17 18.33
N PRO D 165 1.53 -6.85 18.53
CA PRO D 165 1.10 -7.18 19.90
C PRO D 165 2.06 -8.14 20.59
N ASP D 166 2.31 -7.89 21.86
CA ASP D 166 3.09 -8.69 22.72
C ASP D 166 2.39 -9.98 23.04
N PRO D 167 3.08 -11.06 23.01
CA PRO D 167 2.50 -12.36 23.29
C PRO D 167 2.13 -12.47 24.72
N GLY D 168 1.09 -13.11 25.10
CA GLY D 168 -0.20 -12.71 24.78
C GLY D 168 -0.85 -11.67 25.60
N TRP D 169 -0.81 -10.49 25.09
CA TRP D 169 -1.41 -9.34 25.61
C TRP D 169 -2.38 -8.89 24.55
N THR D 170 -2.99 -9.79 23.84
CA THR D 170 -3.91 -9.49 22.74
C THR D 170 -5.07 -8.60 23.18
N VAL D 171 -5.63 -8.87 24.36
CA VAL D 171 -6.83 -8.14 24.76
C VAL D 171 -6.54 -6.66 24.93
N ILE D 172 -5.38 -6.31 25.48
CA ILE D 172 -5.12 -4.91 25.76
C ILE D 172 -4.59 -4.18 24.52
N SER D 173 -3.96 -4.91 23.61
CA SER D 173 -3.68 -4.30 22.30
C SER D 173 -4.99 -3.89 21.63
N GLY D 174 -6.04 -4.69 21.82
CA GLY D 174 -7.35 -4.29 21.31
C GLY D 174 -7.81 -2.96 21.87
N TYR D 175 -7.70 -2.77 23.19
CA TYR D 175 -8.15 -1.52 23.78
C TYR D 175 -7.32 -0.35 23.28
N CYS D 176 -6.01 -0.55 23.14
CA CYS D 176 -5.19 0.51 22.55
C CYS D 176 -5.55 0.73 21.09
N GLY D 177 -5.93 -0.33 20.37
CA GLY D 177 -6.50 -0.16 19.06
C GLY D 177 -7.81 0.59 19.10
N ALA D 178 -8.61 0.37 20.15
CA ALA D 178 -9.83 1.14 20.33
C ALA D 178 -9.51 2.59 20.67
N VAL D 179 -8.44 2.82 21.44
CA VAL D 179 -8.05 4.18 21.80
C VAL D 179 -7.73 4.99 20.55
N GLU D 180 -7.04 4.38 19.59
CA GLU D 180 -6.67 5.10 18.38
C GLU D 180 -7.89 5.42 17.53
N ALA D 181 -8.78 4.44 17.35
CA ALA D 181 -10.01 4.69 16.60
C ALA D 181 -10.89 5.71 17.30
N MET D 182 -11.02 5.60 18.62
CA MET D 182 -11.83 6.54 19.38
C MET D 182 -11.27 7.95 19.32
N SER D 183 -9.94 8.08 19.42
CA SER D 183 -9.27 9.36 19.19
C SER D 183 -9.78 10.06 17.94
N ARG D 184 -9.85 9.34 16.82
CA ARG D 184 -10.27 9.97 15.58
C ARG D 184 -11.74 10.38 15.65
N GLY D 185 -12.59 9.53 16.23
CA GLY D 185 -13.99 9.91 16.39
C GLY D 185 -14.16 11.12 17.27
N LEU D 186 -13.35 11.23 18.33
CA LEU D 186 -13.43 12.39 19.21
C LEU D 186 -12.85 13.63 18.56
N ALA D 187 -11.96 13.46 17.58
CA ALA D 187 -11.45 14.61 16.84
C ALA D 187 -12.53 15.28 16.01
N ILE D 188 -13.57 14.55 15.62
CA ILE D 188 -14.73 15.14 14.95
C ILE D 188 -15.85 15.46 15.95
N ASP D 189 -16.05 14.65 17.00
CA ASP D 189 -17.08 14.99 17.99
C ASP D 189 -16.78 16.34 18.63
N LEU D 190 -15.53 16.58 19.01
CA LEU D 190 -15.12 17.77 19.75
C LEU D 190 -14.53 18.86 18.85
N LYS D 191 -14.72 18.80 17.53
CA LYS D 191 -14.15 19.81 16.65
C LYS D 191 -14.63 21.20 17.08
N PRO D 192 -13.77 22.23 16.94
CA PRO D 192 -12.42 22.24 16.37
C PRO D 192 -11.31 21.91 17.38
N LEU D 193 -11.68 21.39 18.54
CA LEU D 193 -10.68 20.93 19.50
C LEU D 193 -9.90 19.77 18.90
N ARG D 194 -8.64 19.66 19.29
CA ARG D 194 -7.71 18.71 18.71
C ARG D 194 -7.59 17.49 19.60
N VAL D 195 -7.67 16.30 18.99
CA VAL D 195 -7.56 15.03 19.69
C VAL D 195 -6.52 14.19 18.97
N ASN D 196 -5.60 13.59 19.73
CA ASN D 196 -4.50 12.83 19.15
C ASN D 196 -4.08 11.72 20.08
N VAL D 197 -3.14 10.90 19.61
CA VAL D 197 -2.63 9.76 20.36
C VAL D 197 -1.11 9.79 20.33
N VAL D 198 -0.50 9.32 21.41
CA VAL D 198 0.92 9.01 21.46
C VAL D 198 1.06 7.50 21.57
N ALA D 199 1.89 6.91 20.71
CA ALA D 199 2.09 5.47 20.73
C ALA D 199 3.52 5.15 21.13
N PRO D 200 3.83 5.10 22.43
CA PRO D 200 5.20 4.80 22.85
C PRO D 200 5.57 3.34 22.58
N GLY D 201 6.87 3.10 22.60
CA GLY D 201 7.42 1.78 22.36
C GLY D 201 7.82 1.06 23.63
N ALA D 202 9.11 1.08 23.96
CA ALA D 202 9.62 0.44 25.18
C ALA D 202 10.17 1.53 26.10
N VAL D 203 9.46 1.81 27.19
CA VAL D 203 9.84 2.80 28.19
C VAL D 203 9.94 2.11 29.54
N LEU D 204 11.10 2.21 30.19
CA LEU D 204 11.40 1.51 31.44
C LEU D 204 10.92 2.34 32.64
N THR D 205 9.58 2.41 32.77
CA THR D 205 8.92 3.09 33.88
C THR D 205 8.90 2.20 35.14
N GLU D 206 8.57 2.77 36.31
CA GLU D 206 8.60 1.93 37.52
C GLU D 206 7.50 0.84 37.43
N ALA D 207 6.43 0.99 36.59
CA ALA D 207 5.48 -0.14 36.53
C ALA D 207 6.09 -1.32 35.82
N VAL D 208 6.87 -1.05 34.78
CA VAL D 208 7.43 -2.12 33.98
C VAL D 208 8.45 -2.92 34.80
N LYS D 209 9.08 -2.28 35.74
CA LYS D 209 9.95 -3.03 36.59
C LYS D 209 9.12 -3.98 37.42
N ASP D 210 7.94 -3.55 37.89
CA ASP D 210 7.07 -4.37 38.70
C ASP D 210 6.43 -5.51 37.92
N ILE D 211 5.99 -5.26 36.66
CA ILE D 211 5.25 -6.31 35.96
C ILE D 211 6.19 -7.42 35.50
N LEU D 212 7.43 -7.07 35.14
CA LEU D 212 8.31 -8.08 34.58
C LEU D 212 9.03 -8.87 35.65
N GLY D 213 9.07 -8.36 36.89
CA GLY D 213 9.63 -9.11 37.99
C GLY D 213 11.01 -9.66 37.70
N ASP D 214 11.10 -10.98 37.61
CA ASP D 214 12.36 -11.66 37.38
C ASP D 214 12.74 -11.75 35.90
N ALA D 215 11.77 -11.70 34.99
CA ALA D 215 12.05 -11.71 33.55
C ALA D 215 12.47 -10.34 33.02
N TYR D 216 12.81 -9.41 33.91
CA TYR D 216 13.09 -8.04 33.50
C TYR D 216 14.34 -7.94 32.62
N ASP D 217 15.43 -8.57 33.07
CA ASP D 217 16.71 -8.41 32.37
C ASP D 217 16.70 -9.07 30.99
N ALA D 218 16.04 -10.21 30.87
CA ALA D 218 15.90 -10.83 29.55
C ALA D 218 15.02 -10.00 28.63
N ALA D 219 14.03 -9.28 29.18
CA ALA D 219 13.14 -8.48 28.35
C ALA D 219 13.75 -7.13 27.99
N VAL D 220 14.51 -6.53 28.91
CA VAL D 220 15.16 -5.27 28.56
C VAL D 220 16.16 -5.48 27.45
N GLU D 221 16.81 -6.65 27.45
CA GLU D 221 17.88 -6.80 26.48
C GLU D 221 17.29 -7.13 25.10
N MET D 222 16.12 -7.79 25.06
CA MET D 222 15.48 -8.09 23.79
C MET D 222 14.71 -6.89 23.26
N ALA D 223 14.36 -5.95 24.15
CA ALA D 223 13.77 -4.71 23.68
C ALA D 223 14.82 -3.83 23.04
N GLU D 224 15.99 -3.73 23.68
CA GLU D 224 17.08 -2.96 23.09
C GLU D 224 17.51 -3.55 21.75
N ALA D 225 17.45 -4.87 21.62
CA ALA D 225 17.84 -5.51 20.38
C ALA D 225 16.79 -5.35 19.28
N LYS D 226 15.52 -5.19 19.63
CA LYS D 226 14.51 -5.03 18.61
C LYS D 226 14.40 -3.59 18.13
N SER D 227 15.43 -2.78 18.31
CA SER D 227 15.34 -1.37 18.00
C SER D 227 16.40 -1.04 16.99
N THR D 228 16.09 -0.05 16.14
CA THR D 228 17.13 0.53 15.31
C THR D 228 18.13 1.28 16.16
N VAL D 229 17.65 2.08 17.12
CA VAL D 229 18.52 2.54 18.20
C VAL D 229 18.94 1.32 19.01
N GLY D 230 20.11 1.38 19.65
CA GLY D 230 20.48 0.26 20.51
C GLY D 230 20.00 0.43 21.94
N GLN D 231 18.83 1.03 22.13
CA GLN D 231 18.38 1.46 23.45
C GLN D 231 16.87 1.27 23.61
N THR D 232 16.42 1.34 24.86
CA THR D 232 15.02 1.58 25.18
C THR D 232 14.75 3.08 25.32
N GLY D 233 13.46 3.42 25.37
CA GLY D 233 13.05 4.82 25.39
C GLY D 233 13.08 5.42 26.79
N SER D 234 13.71 6.58 26.92
CA SER D 234 13.61 7.38 28.14
C SER D 234 12.18 7.92 28.30
N PRO D 235 11.66 7.93 29.53
CA PRO D 235 10.40 8.65 29.78
C PRO D 235 10.44 10.13 29.38
N GLU D 236 11.59 10.80 29.53
CA GLU D 236 11.67 12.22 29.20
C GLU D 236 11.77 12.49 27.70
N SER D 237 12.14 11.48 26.89
CA SER D 237 12.07 11.65 25.44
C SER D 237 10.66 11.43 24.93
N VAL D 238 9.96 10.41 25.46
CA VAL D 238 8.58 10.15 25.06
C VAL D 238 7.68 11.32 25.43
N ALA D 239 7.94 11.97 26.56
CA ALA D 239 7.13 13.11 26.97
C ALA D 239 7.15 14.24 25.96
N GLN D 240 8.17 14.29 25.10
CA GLN D 240 8.22 15.33 24.08
C GLN D 240 7.09 15.19 23.07
N ALA D 241 6.58 13.97 22.88
CA ALA D 241 5.46 13.77 21.96
C ALA D 241 4.20 14.45 22.47
N TYR D 242 3.93 14.35 23.78
CA TYR D 242 2.78 15.05 24.35
C TYR D 242 2.97 16.56 24.30
N ILE D 243 4.16 17.05 24.66
CA ILE D 243 4.44 18.48 24.60
C ILE D 243 4.35 18.98 23.16
N TYR D 244 4.87 18.19 22.21
CA TYR D 244 4.78 18.58 20.80
C TYR D 244 3.32 18.78 20.40
N LEU D 245 2.47 17.81 20.72
CA LEU D 245 1.07 17.88 20.31
C LEU D 245 0.31 19.03 20.95
N MET D 246 0.81 19.62 22.04
CA MET D 246 0.19 20.82 22.59
C MET D 246 0.61 22.07 21.83
N LYS D 247 1.82 22.10 21.28
CA LYS D 247 2.33 23.29 20.62
C LYS D 247 1.95 23.36 19.15
N ASP D 248 1.65 22.22 18.53
CA ASP D 248 1.27 22.16 17.11
C ASP D 248 -0.23 22.31 17.03
N HIS D 249 -0.69 23.52 16.74
CA HIS D 249 -2.12 23.82 16.67
C HIS D 249 -2.78 23.34 15.39
N TYR D 250 -2.04 22.64 14.53
CA TYR D 250 -2.61 22.05 13.33
C TYR D 250 -2.70 20.52 13.40
N ALA D 251 -2.04 19.90 14.37
CA ALA D 251 -2.04 18.45 14.48
C ALA D 251 -3.28 17.97 15.24
N SER D 252 -4.13 17.19 14.58
CA SER D 252 -5.27 16.56 15.25
C SER D 252 -5.68 15.33 14.44
N GLY D 253 -6.15 14.30 15.15
CA GLY D 253 -6.47 13.02 14.56
C GLY D 253 -5.26 12.18 14.20
N SER D 254 -4.10 12.49 14.75
CA SER D 254 -2.84 11.88 14.39
C SER D 254 -2.38 10.91 15.49
N VAL D 255 -1.43 10.05 15.12
CA VAL D 255 -0.75 9.15 16.04
C VAL D 255 0.74 9.47 15.97
N VAL D 256 1.30 9.92 17.10
CA VAL D 256 2.74 10.20 17.19
C VAL D 256 3.41 8.98 17.80
N SER D 257 4.15 8.25 16.96
CA SER D 257 4.80 7.01 17.35
C SER D 257 6.26 7.28 17.66
N THR D 258 6.69 6.94 18.88
CA THR D 258 8.10 7.01 19.26
C THR D 258 8.50 5.65 19.83
N ASN D 259 9.15 4.84 19.00
CA ASN D 259 9.39 3.45 19.37
C ASN D 259 10.81 2.99 19.02
N GLY D 260 11.69 3.88 18.70
CA GLY D 260 13.07 3.51 18.39
C GLY D 260 13.23 2.62 17.17
N GLY D 261 12.32 2.77 16.25
CA GLY D 261 12.31 1.97 15.06
C GLY D 261 12.09 0.50 15.27
N MET D 262 11.39 0.21 16.32
CA MET D 262 11.13 -1.12 16.66
C MET D 262 10.28 -1.86 15.68
N LEU D 263 9.40 -1.22 14.98
CA LEU D 263 8.56 -1.87 14.04
C LEU D 263 9.27 -2.14 12.78
N LEU D 264 10.51 -1.71 12.63
CA LEU D 264 11.22 -1.91 11.38
C LEU D 264 12.05 -3.18 11.30
N VAL D 265 12.41 -3.79 12.42
CA VAL D 265 13.18 -5.02 12.37
C VAL D 265 12.43 -6.04 13.25
N ASP E 10 -10.41 49.15 -38.38
CA ASP E 10 -9.09 48.75 -37.95
C ASP E 10 -8.56 47.58 -38.74
N GLN E 11 -7.25 47.51 -38.74
CA GLN E 11 -6.40 46.63 -39.51
C GLN E 11 -6.06 45.28 -38.84
N LEU E 12 -6.65 44.95 -37.69
CA LEU E 12 -6.49 43.61 -37.14
C LEU E 12 -7.81 42.93 -36.74
N HIS E 13 -8.96 43.38 -37.24
CA HIS E 13 -10.24 42.81 -36.83
C HIS E 13 -10.30 41.31 -37.10
N GLY E 14 -10.21 40.91 -38.36
CA GLY E 14 -10.26 39.52 -38.73
C GLY E 14 -8.98 38.76 -38.48
N SER E 15 -8.06 39.34 -37.72
CA SER E 15 -6.69 38.82 -37.66
C SER E 15 -6.56 37.68 -36.67
N ARG E 16 -5.67 36.75 -37.00
CA ARG E 16 -5.36 35.60 -36.17
C ARG E 16 -3.96 35.82 -35.60
N VAL E 17 -3.88 35.95 -34.28
CA VAL E 17 -2.63 36.21 -33.57
C VAL E 17 -2.40 35.11 -32.55
N LEU E 18 -1.20 34.54 -32.56
CA LEU E 18 -0.79 33.58 -31.54
C LEU E 18 0.32 34.21 -30.71
N VAL E 19 0.08 34.38 -29.41
CA VAL E 19 1.00 35.01 -28.48
C VAL E 19 1.71 33.90 -27.69
N ILE E 20 2.93 33.57 -28.10
CA ILE E 20 3.74 32.55 -27.43
C ILE E 20 4.25 33.15 -26.12
N GLY E 21 3.61 32.78 -25.01
CA GLY E 21 3.93 33.36 -23.73
C GLY E 21 3.00 34.43 -23.26
N GLY E 22 1.73 34.38 -23.65
CA GLY E 22 0.76 35.41 -23.31
C GLY E 22 0.01 35.17 -22.03
N THR E 23 0.47 34.22 -21.21
CA THR E 23 -0.25 33.89 -19.99
C THR E 23 0.13 34.81 -18.83
N SER E 24 1.21 35.58 -18.97
CA SER E 24 1.67 36.46 -17.91
C SER E 24 2.48 37.59 -18.53
N GLY E 25 2.50 38.72 -17.83
CA GLY E 25 3.48 39.75 -18.12
C GLY E 25 3.21 40.45 -19.44
N ILE E 26 4.28 40.65 -20.21
CA ILE E 26 4.19 41.42 -21.45
C ILE E 26 3.27 40.72 -22.43
N GLY E 27 3.49 39.42 -22.65
CA GLY E 27 2.66 38.68 -23.58
C GLY E 27 1.18 38.73 -23.25
N PHE E 28 0.85 38.78 -21.96
CA PHE E 28 -0.55 38.90 -21.57
C PHE E 28 -1.14 40.23 -22.02
N ALA E 29 -0.40 41.32 -21.85
CA ALA E 29 -0.86 42.63 -22.31
C ALA E 29 -1.05 42.66 -23.82
N VAL E 30 -0.27 41.87 -24.56
CA VAL E 30 -0.44 41.81 -26.00
C VAL E 30 -1.77 41.17 -26.36
N CYS E 31 -2.20 40.18 -25.59
CA CYS E 31 -3.49 39.55 -25.88
C CYS E 31 -4.64 40.48 -25.52
N ALA E 32 -4.46 41.32 -24.49
CA ALA E 32 -5.47 42.32 -24.17
C ALA E 32 -5.58 43.37 -25.28
N ALA E 33 -4.44 43.91 -25.72
CA ALA E 33 -4.45 44.92 -26.78
C ALA E 33 -4.99 44.33 -28.08
N ALA E 34 -4.53 43.13 -28.44
CA ALA E 34 -5.02 42.48 -29.66
C ALA E 34 -6.53 42.26 -29.61
N LEU E 35 -7.04 41.82 -28.46
CA LEU E 35 -8.48 41.62 -28.33
C LEU E 35 -9.23 42.95 -28.33
N GLY E 36 -8.57 44.05 -27.95
CA GLY E 36 -9.16 45.36 -28.08
C GLY E 36 -9.40 45.76 -29.51
N HIS E 37 -8.58 45.24 -30.43
CA HIS E 37 -8.74 45.47 -31.87
C HIS E 37 -9.61 44.40 -32.53
N GLY E 38 -10.20 43.50 -31.74
CA GLY E 38 -11.08 42.47 -32.25
C GLY E 38 -10.39 41.24 -32.78
N ALA E 39 -9.11 41.07 -32.51
CA ALA E 39 -8.39 39.91 -33.01
C ALA E 39 -8.78 38.64 -32.26
N ILE E 40 -8.53 37.51 -32.90
CA ILE E 40 -8.64 36.18 -32.30
C ILE E 40 -7.23 35.77 -31.88
N VAL E 41 -6.96 35.68 -30.59
CA VAL E 41 -5.62 35.40 -30.11
C VAL E 41 -5.60 34.04 -29.44
N THR E 42 -4.64 33.20 -29.82
CA THR E 42 -4.40 31.93 -29.16
C THR E 42 -3.17 32.12 -28.28
N ILE E 43 -3.31 31.75 -27.00
CA ILE E 43 -2.29 31.99 -25.98
C ILE E 43 -1.66 30.65 -25.61
N VAL E 44 -0.34 30.66 -25.43
CA VAL E 44 0.39 29.45 -25.04
C VAL E 44 1.28 29.78 -23.85
N GLY E 45 1.25 28.88 -22.85
CA GLY E 45 2.07 28.97 -21.66
C GLY E 45 2.30 27.55 -21.19
N SER E 46 2.99 27.41 -20.06
CA SER E 46 3.31 26.10 -19.53
C SER E 46 2.53 25.74 -18.28
N ASN E 47 1.84 26.70 -17.68
CA ASN E 47 1.11 26.53 -16.43
C ASN E 47 -0.38 26.45 -16.76
N ALA E 48 -0.97 25.27 -16.59
CA ALA E 48 -2.36 25.07 -16.96
C ALA E 48 -3.28 26.02 -16.20
N GLN E 49 -2.92 26.37 -14.96
CA GLN E 49 -3.78 27.21 -14.13
C GLN E 49 -3.59 28.69 -14.45
N LYS E 50 -2.35 29.06 -14.75
CA LYS E 50 -1.98 30.41 -15.13
C LYS E 50 -2.47 30.87 -16.50
N LEU E 51 -2.86 29.95 -17.33
CA LEU E 51 -3.56 30.16 -18.59
C LEU E 51 -5.05 29.84 -18.43
N LYS E 52 -5.42 29.09 -17.37
CA LYS E 52 -6.84 28.99 -17.03
C LYS E 52 -7.33 30.37 -16.63
N ASP E 53 -6.50 31.05 -15.84
CA ASP E 53 -6.69 32.42 -15.40
C ASP E 53 -6.55 33.43 -16.54
N SER E 54 -5.65 33.16 -17.50
CA SER E 54 -5.41 34.14 -18.55
C SER E 54 -6.64 34.31 -19.45
N VAL E 55 -7.28 33.19 -19.85
CA VAL E 55 -8.56 33.26 -20.57
C VAL E 55 -9.72 33.64 -19.66
N ALA E 56 -9.64 33.35 -18.36
CA ALA E 56 -10.74 33.77 -17.51
C ALA E 56 -10.77 35.28 -17.37
N ARG E 57 -9.60 35.90 -17.14
CA ARG E 57 -9.57 37.34 -16.93
C ARG E 57 -9.83 38.15 -18.19
N LEU E 58 -9.71 37.55 -19.36
CA LEU E 58 -9.99 38.26 -20.60
C LEU E 58 -11.41 38.04 -21.09
N LYS E 59 -12.11 37.07 -20.52
CA LYS E 59 -13.52 36.84 -20.83
C LYS E 59 -14.44 37.57 -19.85
N SER E 60 -13.89 38.21 -18.82
CA SER E 60 -14.68 39.10 -17.99
C SER E 60 -14.36 40.58 -18.17
N SER E 61 -13.20 40.93 -18.73
CA SER E 61 -12.87 42.31 -19.11
C SER E 61 -13.20 42.62 -20.57
N PHE E 62 -13.46 41.59 -21.41
CA PHE E 62 -14.06 41.75 -22.74
C PHE E 62 -15.19 40.74 -22.84
N PRO E 63 -16.32 40.99 -22.18
CA PRO E 63 -17.41 40.00 -22.17
C PRO E 63 -18.24 39.87 -23.46
N SER E 64 -18.26 40.89 -24.33
CA SER E 64 -19.05 40.77 -25.55
C SER E 64 -18.33 39.99 -26.64
N THR E 65 -17.00 39.91 -26.60
CA THR E 65 -16.25 39.14 -27.58
C THR E 65 -16.69 37.68 -27.53
N ASP E 66 -16.89 37.08 -28.70
CA ASP E 66 -17.26 35.68 -28.81
C ASP E 66 -16.24 34.82 -28.07
N PRO E 67 -16.67 33.93 -27.17
CA PRO E 67 -15.72 33.07 -26.45
C PRO E 67 -14.84 32.22 -27.36
N ASP E 68 -15.26 31.94 -28.59
CA ASP E 68 -14.43 31.15 -29.48
C ASP E 68 -13.26 31.94 -30.05
N ASP E 69 -13.24 33.27 -29.85
CA ASP E 69 -12.09 34.09 -30.18
C ASP E 69 -11.05 34.12 -29.07
N ILE E 70 -11.30 33.46 -27.95
CA ILE E 70 -10.37 33.45 -26.82
C ILE E 70 -10.00 31.99 -26.59
N VAL E 71 -8.94 31.56 -27.26
CA VAL E 71 -8.43 30.19 -27.25
C VAL E 71 -7.07 30.15 -26.57
N ALA E 72 -6.81 29.09 -25.83
CA ALA E 72 -5.55 28.92 -25.12
C ALA E 72 -5.09 27.49 -25.23
N VAL E 73 -3.77 27.28 -25.18
CA VAL E 73 -3.21 25.94 -25.22
C VAL E 73 -1.94 25.84 -24.37
N ARG E 74 -1.79 24.69 -23.71
CA ARG E 74 -0.62 24.39 -22.90
C ARG E 74 0.54 23.88 -23.74
N CYS E 75 1.69 24.52 -23.57
CA CYS E 75 2.91 24.08 -24.23
C CYS E 75 4.03 24.20 -23.21
N ASP E 76 4.84 23.13 -23.09
CA ASP E 76 6.03 23.17 -22.26
C ASP E 76 7.20 23.17 -23.24
N LEU E 77 7.84 24.33 -23.36
CA LEU E 77 8.92 24.54 -24.31
C LEU E 77 10.29 24.45 -23.64
N SER E 78 10.33 23.99 -22.39
CA SER E 78 11.58 23.86 -21.65
C SER E 78 12.37 22.58 -21.94
N ASN E 79 11.80 21.58 -22.61
CA ASN E 79 12.43 20.27 -22.82
C ASN E 79 12.78 20.17 -24.27
N SER E 80 13.87 19.48 -24.59
CA SER E 80 14.24 19.33 -25.99
C SER E 80 13.26 18.41 -26.76
N ASP E 81 12.78 17.36 -26.12
CA ASP E 81 11.68 16.63 -26.73
C ASP E 81 10.37 17.40 -26.50
N THR E 82 9.33 17.03 -27.27
CA THR E 82 8.03 17.69 -27.15
C THR E 82 8.00 19.16 -27.54
N VAL E 83 9.16 19.79 -27.80
CA VAL E 83 9.13 21.23 -28.09
C VAL E 83 8.76 21.47 -29.55
N GLU E 84 9.23 20.61 -30.46
CA GLU E 84 8.86 20.75 -31.85
C GLU E 84 7.39 20.40 -32.06
N GLN E 85 6.89 19.34 -31.41
CA GLN E 85 5.47 19.18 -31.59
C GLN E 85 4.62 20.15 -30.78
N ASP E 86 5.04 20.63 -29.63
CA ASP E 86 4.14 21.58 -28.99
C ASP E 86 4.01 22.83 -29.84
N ILE E 87 5.10 23.23 -30.49
CA ILE E 87 5.07 24.36 -31.41
C ILE E 87 4.14 24.09 -32.59
N GLU E 88 4.24 22.89 -33.20
CA GLU E 88 3.35 22.58 -34.31
C GLU E 88 1.90 22.46 -33.85
N LYS E 89 1.69 21.98 -32.62
CA LYS E 89 0.33 21.84 -32.12
C LYS E 89 -0.33 23.19 -31.94
N ALA E 90 0.42 24.16 -31.39
CA ALA E 90 -0.13 25.49 -31.20
C ALA E 90 -0.42 26.17 -32.53
N LEU E 91 0.28 25.76 -33.59
CA LEU E 91 0.05 26.36 -34.89
C LEU E 91 -1.21 25.84 -35.56
N GLN E 92 -1.62 24.58 -35.36
CA GLN E 92 -2.94 24.22 -35.87
C GLN E 92 -4.04 25.02 -35.22
N LEU E 93 -3.92 25.23 -33.92
CA LEU E 93 -5.06 25.80 -33.23
C LEU E 93 -5.20 27.25 -33.58
N ALA E 94 -4.08 27.96 -33.70
CA ALA E 94 -4.15 29.35 -34.07
C ALA E 94 -4.56 29.53 -35.53
N ALA E 95 -4.06 28.69 -36.44
CA ALA E 95 -4.47 28.81 -37.83
C ALA E 95 -5.91 28.36 -38.03
N GLY E 96 -6.31 27.26 -37.39
CA GLY E 96 -7.64 26.70 -37.56
C GLY E 96 -8.05 26.48 -39.00
N ASN E 97 -9.19 27.04 -39.38
CA ASN E 97 -9.63 27.00 -40.78
C ASN E 97 -8.86 27.97 -41.64
N SER E 98 -8.36 29.04 -41.04
CA SER E 98 -7.63 30.10 -41.70
C SER E 98 -6.13 29.85 -41.60
N LYS E 99 -5.34 30.84 -41.98
CA LYS E 99 -3.91 30.82 -41.72
C LYS E 99 -3.59 31.82 -40.63
N ILE E 100 -2.50 31.60 -39.89
CA ILE E 100 -2.13 32.58 -38.89
C ILE E 100 -1.58 33.81 -39.58
N ASN E 101 -1.96 34.99 -39.08
CA ASN E 101 -1.55 36.30 -39.60
C ASN E 101 -0.40 36.93 -38.80
N HIS E 102 -0.40 36.88 -37.48
CA HIS E 102 0.73 37.48 -36.76
C HIS E 102 1.04 36.60 -35.56
N ILE E 103 2.33 36.50 -35.20
CA ILE E 103 2.78 35.70 -34.06
C ILE E 103 3.75 36.48 -33.18
N VAL E 104 3.59 36.28 -31.86
CA VAL E 104 4.31 36.94 -30.77
C VAL E 104 4.91 35.89 -29.84
N ILE E 105 6.22 36.00 -29.52
CA ILE E 105 6.86 35.10 -28.55
C ILE E 105 7.31 35.94 -27.37
N THR E 106 6.92 35.54 -26.19
CA THR E 106 7.45 36.21 -25.02
C THR E 106 8.09 35.23 -24.07
N ALA E 107 8.09 33.93 -24.41
CA ALA E 107 8.45 32.88 -23.47
C ALA E 107 9.92 32.90 -23.09
N ALA E 108 10.18 32.82 -21.79
CA ALA E 108 11.52 32.76 -21.23
C ALA E 108 11.41 32.14 -19.84
N ASP E 109 12.49 31.48 -19.39
CA ASP E 109 12.41 30.80 -18.10
C ASP E 109 12.45 31.82 -16.97
N MET E 110 13.28 32.85 -17.12
CA MET E 110 13.34 33.98 -16.20
C MET E 110 13.47 33.52 -14.75
N THR E 111 14.53 32.74 -14.53
CA THR E 111 14.99 32.28 -13.24
C THR E 111 16.43 32.75 -13.17
N ALA E 112 16.88 33.21 -12.00
CA ALA E 112 18.22 33.77 -11.92
C ALA E 112 19.25 32.69 -12.28
N PRO E 113 20.22 32.99 -13.15
CA PRO E 113 21.24 32.00 -13.47
C PRO E 113 22.20 31.84 -12.31
N PRO E 114 22.95 30.74 -12.27
CA PRO E 114 23.94 30.56 -11.20
C PRO E 114 25.13 31.48 -11.42
N PRO E 115 25.90 31.77 -10.37
CA PRO E 115 27.10 32.56 -10.55
C PRO E 115 28.13 31.83 -11.40
N LEU E 116 29.11 32.59 -11.88
CA LEU E 116 30.14 32.03 -12.75
C LEU E 116 31.03 31.03 -12.04
N GLU E 117 31.16 31.14 -10.71
CA GLU E 117 32.03 30.20 -10.02
C GLU E 117 31.37 28.81 -9.97
N ASP E 118 30.04 28.75 -10.09
CA ASP E 118 29.28 27.50 -10.15
C ASP E 118 28.74 27.23 -11.56
N LEU E 119 29.23 27.96 -12.56
CA LEU E 119 28.83 27.75 -13.93
C LEU E 119 29.10 26.31 -14.34
N THR E 120 28.08 25.67 -14.90
CA THR E 120 28.18 24.31 -15.40
C THR E 120 27.76 24.30 -16.86
N VAL E 121 28.28 23.31 -17.60
CA VAL E 121 27.95 23.19 -19.01
C VAL E 121 26.45 23.15 -19.23
N ASP E 122 25.70 22.60 -18.29
CA ASP E 122 24.27 22.47 -18.51
C ASP E 122 23.54 23.78 -18.25
N SER E 123 23.95 24.52 -17.21
CA SER E 123 23.34 25.81 -16.90
C SER E 123 23.37 26.78 -18.09
N VAL E 124 24.43 26.75 -18.89
CA VAL E 124 24.50 27.73 -19.98
C VAL E 124 23.59 27.33 -21.12
N GLN E 125 23.50 26.05 -21.44
CA GLN E 125 22.75 25.63 -22.62
C GLN E 125 21.30 25.35 -22.27
N ARG E 126 20.97 25.40 -21.01
CA ARG E 126 19.64 25.11 -20.54
C ARG E 126 18.68 26.16 -21.10
N PRO E 127 19.06 27.45 -21.11
CA PRO E 127 18.15 28.43 -21.71
C PRO E 127 17.90 28.23 -23.19
N GLY E 128 18.86 27.68 -23.94
CA GLY E 128 18.70 27.66 -25.39
C GLY E 128 17.44 26.97 -25.88
N ILE E 129 16.83 26.13 -25.05
CA ILE E 129 15.62 25.39 -25.44
C ILE E 129 14.45 26.35 -25.73
N ILE E 130 14.26 27.33 -24.85
CA ILE E 130 13.18 28.31 -25.00
C ILE E 130 13.66 29.49 -25.81
N ARG E 131 14.96 29.66 -25.82
CA ARG E 131 15.72 30.80 -26.29
C ARG E 131 15.91 30.81 -27.80
N LEU E 132 16.48 29.74 -28.33
CA LEU E 132 16.83 29.57 -29.73
C LEU E 132 16.03 28.46 -30.38
N VAL E 133 15.78 27.35 -29.67
CA VAL E 133 15.15 26.21 -30.31
C VAL E 133 13.67 26.47 -30.56
N ALA E 134 12.98 27.07 -29.59
CA ALA E 134 11.57 27.40 -29.76
C ALA E 134 11.31 28.38 -30.90
N PRO E 135 11.97 29.54 -31.01
CA PRO E 135 11.72 30.41 -32.16
C PRO E 135 12.07 29.77 -33.50
N LEU E 136 13.17 29.02 -33.57
CA LEU E 136 13.53 28.37 -34.82
C LEU E 136 12.54 27.28 -35.21
N MET E 137 11.99 26.55 -34.24
CA MET E 137 11.02 25.52 -34.55
C MET E 137 9.71 26.10 -35.06
N VAL E 138 9.30 27.27 -34.54
CA VAL E 138 8.05 27.87 -35.01
C VAL E 138 8.25 28.30 -36.46
N ALA E 139 9.40 28.91 -36.75
CA ALA E 139 9.75 29.34 -38.09
C ALA E 139 9.88 28.16 -39.04
N LYS E 140 10.23 26.99 -38.50
CA LYS E 140 10.37 25.80 -39.33
C LYS E 140 9.01 25.33 -39.85
N HIS E 141 7.96 25.53 -39.05
CA HIS E 141 6.64 24.95 -39.33
C HIS E 141 5.57 25.97 -39.68
N LEU E 142 5.82 27.27 -39.51
CA LEU E 142 4.81 28.29 -39.83
C LEU E 142 4.41 28.39 -41.30
N PRO E 143 5.26 28.03 -42.28
CA PRO E 143 4.86 28.19 -43.69
C PRO E 143 3.55 27.50 -44.07
N LYS E 144 3.25 26.32 -43.54
CA LYS E 144 1.98 25.68 -43.83
C LYS E 144 0.84 26.29 -43.03
N TYR E 145 1.12 27.09 -42.01
CA TYR E 145 0.07 27.68 -41.18
C TYR E 145 0.02 29.19 -41.30
N MET E 146 0.96 29.81 -42.01
CA MET E 146 0.95 31.23 -42.29
C MET E 146 1.29 31.46 -43.74
N ASN E 147 0.78 32.55 -44.30
CA ASN E 147 1.31 33.04 -45.56
C ASN E 147 2.60 33.82 -45.25
N LYS E 148 3.75 33.40 -45.79
CA LYS E 148 4.94 34.26 -45.70
C LYS E 148 4.78 35.33 -46.78
N CYS E 149 3.97 36.32 -46.38
CA CYS E 149 3.39 37.47 -47.03
C CYS E 149 3.71 38.70 -46.19
N PRO E 150 3.91 39.86 -46.82
CA PRO E 150 4.21 41.07 -46.06
C PRO E 150 3.11 41.55 -45.12
N GLN E 151 1.87 41.10 -45.23
CA GLN E 151 1.00 41.52 -44.13
C GLN E 151 1.10 40.62 -42.91
N SER E 152 1.90 39.57 -42.94
CA SER E 152 2.09 38.76 -41.75
C SER E 152 3.45 39.10 -41.16
N SER E 153 3.61 38.96 -39.83
CA SER E 153 4.97 38.99 -39.29
C SER E 153 5.11 37.97 -38.18
N LEU E 154 6.35 37.81 -37.76
CA LEU E 154 6.77 37.11 -36.56
C LEU E 154 7.56 38.05 -35.66
N THR E 155 7.20 38.13 -34.38
CA THR E 155 7.83 39.07 -33.47
C THR E 155 8.53 38.32 -32.34
N LEU E 156 9.83 38.56 -32.20
CA LEU E 156 10.61 37.95 -31.13
C LEU E 156 10.85 38.96 -30.00
N THR E 157 11.54 38.53 -28.95
CA THR E 157 11.74 39.34 -27.75
C THR E 157 13.18 39.30 -27.28
N SER E 158 13.71 40.49 -26.96
CA SER E 158 15.06 40.67 -26.44
C SER E 158 14.94 41.72 -25.34
N GLY E 159 16.04 42.38 -25.00
CA GLY E 159 15.95 43.52 -24.11
C GLY E 159 17.18 44.41 -24.18
N ALA E 160 17.07 45.55 -23.49
CA ALA E 160 18.17 46.51 -23.40
C ALA E 160 19.37 45.93 -22.68
N HIS E 161 19.15 44.91 -21.85
CA HIS E 161 20.26 44.22 -21.21
C HIS E 161 21.22 43.61 -22.22
N CYS E 162 20.83 43.54 -23.51
CA CYS E 162 21.73 42.95 -24.49
C CYS E 162 22.98 43.80 -24.71
N LEU E 163 22.86 45.12 -24.58
CA LEU E 163 24.01 46.01 -24.60
C LEU E 163 24.31 46.59 -23.23
N ARG E 164 23.34 46.55 -22.30
CA ARG E 164 23.49 46.93 -20.89
C ARG E 164 23.22 45.72 -20.00
N PRO E 165 24.17 44.81 -19.89
CA PRO E 165 23.91 43.56 -19.17
C PRO E 165 23.76 43.79 -17.67
N ASP E 166 22.72 43.27 -17.09
CA ASP E 166 22.57 43.39 -15.70
C ASP E 166 23.37 42.29 -15.10
N PRO E 167 24.19 42.56 -14.10
CA PRO E 167 24.92 41.49 -13.43
C PRO E 167 23.89 40.59 -12.70
N GLY E 168 24.13 39.29 -12.64
CA GLY E 168 25.18 38.59 -13.34
C GLY E 168 24.32 37.74 -14.20
N TRP E 169 23.81 38.36 -15.24
CA TRP E 169 23.00 37.63 -16.17
C TRP E 169 23.70 37.65 -17.49
N THR E 170 25.01 37.53 -17.43
CA THR E 170 25.79 37.54 -18.67
C THR E 170 25.31 36.48 -19.67
N VAL E 171 24.98 35.27 -19.19
CA VAL E 171 24.67 34.16 -20.10
C VAL E 171 23.38 34.41 -20.89
N ILE E 172 22.37 34.94 -20.21
CA ILE E 172 21.03 35.27 -20.72
C ILE E 172 21.04 36.60 -21.53
N SER E 173 21.92 37.56 -21.20
CA SER E 173 22.15 38.71 -22.08
C SER E 173 22.89 38.30 -23.36
N GLY E 174 23.86 37.39 -23.21
CA GLY E 174 24.54 36.86 -24.38
C GLY E 174 23.58 36.19 -25.35
N TYR E 175 22.71 35.32 -24.83
CA TYR E 175 21.73 34.63 -25.66
C TYR E 175 20.77 35.62 -26.30
N CYS E 176 20.43 36.70 -25.60
CA CYS E 176 19.58 37.72 -26.17
C CYS E 176 20.25 38.40 -27.36
N GLY E 177 21.57 38.48 -27.37
CA GLY E 177 22.24 38.89 -28.59
C GLY E 177 21.97 37.93 -29.73
N ALA E 178 21.79 36.64 -29.41
CA ALA E 178 21.43 35.67 -30.43
C ALA E 178 20.02 35.90 -30.97
N VAL E 179 19.10 36.37 -30.13
CA VAL E 179 17.72 36.62 -30.56
C VAL E 179 17.69 37.68 -31.66
N GLU E 180 18.45 38.75 -31.48
CA GLU E 180 18.46 39.82 -32.47
C GLU E 180 19.15 39.36 -33.75
N ALA E 181 20.25 38.61 -33.61
CA ALA E 181 20.94 38.09 -34.78
C ALA E 181 20.06 37.13 -35.56
N MET E 182 19.40 36.22 -34.86
CA MET E 182 18.51 35.25 -35.49
C MET E 182 17.32 35.94 -36.13
N SER E 183 16.76 36.96 -35.46
CA SER E 183 15.75 37.83 -36.06
C SER E 183 16.14 38.26 -37.48
N ARG E 184 17.35 38.71 -37.67
CA ARG E 184 17.71 39.08 -38.99
C ARG E 184 17.75 37.90 -39.92
N GLY E 185 18.49 36.86 -39.50
CA GLY E 185 18.62 35.69 -40.35
C GLY E 185 17.29 35.13 -40.79
N LEU E 186 16.32 35.09 -39.89
CA LEU E 186 15.00 34.58 -40.24
C LEU E 186 14.21 35.55 -41.09
N ALA E 187 14.52 36.86 -41.01
CA ALA E 187 13.85 37.82 -41.87
C ALA E 187 14.20 37.62 -43.33
N ILE E 188 15.35 37.02 -43.62
CA ILE E 188 15.70 36.63 -44.98
C ILE E 188 15.32 35.18 -45.27
N ASP E 189 15.33 34.30 -44.27
CA ASP E 189 14.90 32.93 -44.50
C ASP E 189 13.42 32.86 -44.86
N LEU E 190 12.57 33.56 -44.10
CA LEU E 190 11.12 33.52 -44.29
C LEU E 190 10.61 34.71 -45.08
N LYS E 191 11.51 35.51 -45.64
CA LYS E 191 11.16 36.64 -46.50
C LYS E 191 10.35 36.19 -47.72
N PRO E 192 9.36 36.99 -48.16
CA PRO E 192 9.01 38.35 -47.71
C PRO E 192 8.15 38.48 -46.45
N LEU E 193 7.98 37.41 -45.68
CA LEU E 193 7.31 37.55 -44.39
C LEU E 193 8.17 38.40 -43.46
N ARG E 194 7.53 39.09 -42.52
CA ARG E 194 8.23 40.04 -41.67
C ARG E 194 8.53 39.41 -40.32
N VAL E 195 9.76 39.56 -39.84
CA VAL E 195 10.10 39.11 -38.50
C VAL E 195 10.91 40.21 -37.82
N ASN E 196 10.58 40.49 -36.56
CA ASN E 196 11.20 41.60 -35.83
C ASN E 196 11.27 41.25 -34.36
N VAL E 197 11.88 42.16 -33.60
CA VAL E 197 12.10 42.01 -32.17
C VAL E 197 11.61 43.24 -31.44
N VAL E 198 11.12 43.03 -30.23
CA VAL E 198 10.81 44.10 -29.29
C VAL E 198 11.86 44.02 -28.19
N ALA E 199 12.48 45.17 -27.89
CA ALA E 199 13.49 45.17 -26.84
C ALA E 199 13.00 45.98 -25.65
N PRO E 200 12.20 45.39 -24.76
CA PRO E 200 11.71 46.13 -23.60
C PRO E 200 12.82 46.38 -22.58
N GLY E 201 12.53 47.31 -21.68
CA GLY E 201 13.48 47.68 -20.66
C GLY E 201 13.21 47.12 -19.29
N ALA E 202 12.61 47.94 -18.44
CA ALA E 202 12.23 47.55 -17.08
C ALA E 202 10.71 47.58 -17.03
N VAL E 203 10.10 46.39 -17.00
CA VAL E 203 8.65 46.24 -16.94
C VAL E 203 8.32 45.45 -15.69
N LEU E 204 7.51 46.04 -14.81
CA LEU E 204 7.20 45.45 -13.50
C LEU E 204 6.05 44.45 -13.61
N THR E 205 6.34 43.34 -14.29
CA THR E 205 5.40 42.24 -14.33
C THR E 205 5.52 41.41 -13.05
N GLU E 206 4.58 40.49 -12.83
CA GLU E 206 4.63 39.69 -11.61
C GLU E 206 5.85 38.79 -11.60
N ALA E 207 6.38 38.44 -12.78
CA ALA E 207 7.59 37.64 -12.84
C ALA E 207 8.78 38.41 -12.31
N VAL E 208 8.86 39.71 -12.59
CA VAL E 208 10.07 40.42 -12.17
C VAL E 208 10.12 40.59 -10.65
N LYS E 209 9.00 40.76 -9.97
CA LYS E 209 9.08 40.77 -8.52
C LYS E 209 9.55 39.43 -7.96
N ASP E 210 9.21 38.33 -8.60
CA ASP E 210 9.60 37.05 -8.05
C ASP E 210 11.12 36.92 -8.05
N ILE E 211 11.77 37.47 -9.08
CA ILE E 211 13.23 37.40 -9.12
C ILE E 211 13.83 38.39 -8.13
N LEU E 212 13.19 39.53 -7.90
CA LEU E 212 13.76 40.57 -7.06
C LEU E 212 13.47 40.38 -5.58
N GLY E 213 12.48 39.55 -5.22
CA GLY E 213 12.20 39.20 -3.84
C GLY E 213 12.08 40.40 -2.94
N ASP E 214 13.00 40.51 -1.97
CA ASP E 214 13.00 41.62 -1.02
C ASP E 214 13.75 42.85 -1.54
N ALA E 215 14.69 42.68 -2.46
CA ALA E 215 15.42 43.80 -3.03
C ALA E 215 14.62 44.55 -4.08
N TYR E 216 13.31 44.30 -4.16
CA TYR E 216 12.48 44.88 -5.21
C TYR E 216 12.42 46.39 -5.08
N ASP E 217 12.14 46.89 -3.88
CA ASP E 217 11.90 48.32 -3.72
C ASP E 217 13.16 49.12 -3.98
N ALA E 218 14.32 48.59 -3.57
CA ALA E 218 15.57 49.27 -3.89
C ALA E 218 15.87 49.22 -5.38
N ALA E 219 15.44 48.15 -6.09
CA ALA E 219 15.74 48.00 -7.51
C ALA E 219 14.79 48.78 -8.42
N VAL E 220 13.51 48.79 -8.10
CA VAL E 220 12.56 49.58 -8.87
C VAL E 220 12.90 51.04 -8.75
N GLU E 221 13.34 51.43 -7.58
CA GLU E 221 13.62 52.83 -7.32
C GLU E 221 14.91 53.31 -7.98
N MET E 222 15.90 52.41 -8.16
CA MET E 222 17.08 52.77 -8.94
C MET E 222 16.81 52.60 -10.45
N ALA E 223 15.80 51.81 -10.82
CA ALA E 223 15.39 51.70 -12.21
C ALA E 223 14.64 52.94 -12.67
N GLU E 224 13.76 53.46 -11.82
CA GLU E 224 13.07 54.71 -12.15
C GLU E 224 14.06 55.87 -12.23
N ALA E 225 15.09 55.85 -11.39
CA ALA E 225 16.11 56.89 -11.44
C ALA E 225 16.99 56.70 -12.66
N LYS E 226 17.02 55.48 -13.19
CA LYS E 226 17.82 55.03 -14.32
C LYS E 226 17.21 55.40 -15.67
N SER E 227 16.07 56.09 -15.67
CA SER E 227 15.34 56.42 -16.88
C SER E 227 15.15 57.93 -16.99
N THR E 228 14.98 58.42 -18.23
CA THR E 228 14.58 59.80 -18.43
C THR E 228 13.16 60.03 -17.93
N VAL E 229 12.21 59.18 -18.32
CA VAL E 229 10.94 59.17 -17.60
C VAL E 229 11.19 58.66 -16.19
N GLY E 230 10.41 59.14 -15.24
CA GLY E 230 10.62 58.69 -13.88
C GLY E 230 9.86 57.43 -13.55
N GLN E 231 9.78 56.52 -14.52
CA GLN E 231 8.90 55.37 -14.42
C GLN E 231 9.55 54.14 -15.04
N THR E 232 9.02 52.99 -14.64
CA THR E 232 9.17 51.72 -15.31
C THR E 232 8.07 51.49 -16.36
N GLY E 233 8.26 50.45 -17.18
CA GLY E 233 7.42 50.26 -18.34
C GLY E 233 6.08 49.64 -18.01
N SER E 234 5.03 50.27 -18.48
CA SER E 234 3.71 49.66 -18.42
C SER E 234 3.69 48.39 -19.28
N PRO E 235 3.08 47.32 -18.77
CA PRO E 235 2.82 46.16 -19.66
C PRO E 235 2.01 46.51 -20.90
N GLU E 236 1.03 47.41 -20.78
CA GLU E 236 0.20 47.83 -21.91
C GLU E 236 0.87 48.92 -22.74
N SER E 237 1.92 49.53 -22.20
CA SER E 237 2.70 50.43 -23.03
C SER E 237 3.65 49.67 -23.95
N VAL E 238 4.36 48.67 -23.41
CA VAL E 238 5.26 47.87 -24.24
C VAL E 238 4.48 47.07 -25.29
N ALA E 239 3.27 46.60 -24.94
CA ALA E 239 2.49 45.81 -25.86
C ALA E 239 2.17 46.54 -27.15
N GLN E 240 2.23 47.88 -27.16
CA GLN E 240 1.99 48.59 -28.41
C GLN E 240 3.05 48.30 -29.46
N ALA E 241 4.27 47.94 -29.04
CA ALA E 241 5.31 47.61 -30.00
C ALA E 241 4.97 46.36 -30.78
N TYR E 242 4.40 45.36 -30.11
CA TYR E 242 3.94 44.16 -30.81
C TYR E 242 2.79 44.52 -31.73
N ILE E 243 1.84 45.31 -31.24
CA ILE E 243 0.73 45.78 -32.05
C ILE E 243 1.23 46.62 -33.22
N TYR E 244 2.26 47.44 -32.98
CA TYR E 244 2.82 48.28 -34.04
C TYR E 244 3.31 47.45 -35.23
N LEU E 245 4.16 46.46 -34.96
CA LEU E 245 4.74 45.68 -36.05
C LEU E 245 3.69 44.85 -36.79
N MET E 246 2.52 44.66 -36.19
CA MET E 246 1.41 44.06 -36.92
C MET E 246 0.76 45.07 -37.86
N LYS E 247 0.81 46.35 -37.49
CA LYS E 247 0.17 47.42 -38.23
C LYS E 247 1.06 47.98 -39.33
N ASP E 248 2.37 47.86 -39.21
CA ASP E 248 3.30 48.41 -40.19
C ASP E 248 3.59 47.30 -41.20
N HIS E 249 2.92 47.29 -42.38
CA HIS E 249 3.30 46.13 -43.19
C HIS E 249 4.65 46.30 -43.86
N TYR E 250 5.44 47.32 -43.53
CA TYR E 250 6.74 47.45 -44.16
C TYR E 250 7.91 47.19 -43.22
N ALA E 251 7.67 47.04 -41.91
CA ALA E 251 8.74 46.88 -40.94
C ALA E 251 9.23 45.42 -40.91
N SER E 252 10.52 45.21 -41.17
CA SER E 252 11.12 43.89 -41.08
C SER E 252 12.61 44.01 -40.79
N GLY E 253 13.14 43.05 -40.03
CA GLY E 253 14.54 43.08 -39.64
C GLY E 253 14.90 44.13 -38.63
N SER E 254 13.92 44.71 -37.94
CA SER E 254 14.13 45.86 -37.09
C SER E 254 14.12 45.47 -35.62
N VAL E 255 14.66 46.36 -34.79
CA VAL E 255 14.60 46.25 -33.33
C VAL E 255 13.89 47.51 -32.84
N VAL E 256 12.71 47.35 -32.25
CA VAL E 256 12.01 48.46 -31.63
C VAL E 256 12.32 48.44 -30.14
N SER E 257 13.14 49.38 -29.68
CA SER E 257 13.55 49.44 -28.29
C SER E 257 12.67 50.46 -27.58
N THR E 258 11.98 50.01 -26.54
CA THR E 258 11.18 50.91 -25.70
C THR E 258 11.63 50.67 -24.26
N ASN E 259 12.46 51.58 -23.75
CA ASN E 259 13.16 51.36 -22.50
C ASN E 259 13.14 52.58 -21.59
N GLY E 260 12.37 53.62 -21.91
CA GLY E 260 12.31 54.79 -21.06
C GLY E 260 13.59 55.59 -20.96
N GLY E 261 14.40 55.62 -22.03
CA GLY E 261 15.65 56.35 -21.92
C GLY E 261 16.67 55.68 -21.03
N MET E 262 16.56 54.35 -20.87
CA MET E 262 17.43 53.62 -19.95
C MET E 262 18.92 53.72 -20.30
N LEU E 263 19.28 53.67 -21.58
CA LEU E 263 20.69 53.73 -21.94
C LEU E 263 21.20 55.15 -22.06
N LEU E 264 20.42 56.16 -21.66
CA LEU E 264 20.88 57.53 -21.85
C LEU E 264 21.76 58.04 -20.73
N VAL E 265 21.70 57.44 -19.55
CA VAL E 265 22.55 57.90 -18.45
C VAL E 265 23.27 56.72 -17.81
N ASP F 10 -19.95 -57.42 6.26
CA ASP F 10 -18.69 -56.83 5.82
C ASP F 10 -18.22 -55.72 6.73
N GLN F 11 -16.92 -55.63 6.97
CA GLN F 11 -16.42 -54.33 7.42
C GLN F 11 -15.68 -53.51 6.35
N LEU F 12 -16.05 -53.56 5.07
CA LEU F 12 -15.66 -52.45 4.21
C LEU F 12 -16.87 -51.60 3.91
N HIS F 13 -17.99 -51.87 4.58
CA HIS F 13 -19.21 -51.15 4.26
C HIS F 13 -19.12 -49.67 4.56
N GLY F 14 -19.00 -49.31 5.84
CA GLY F 14 -18.93 -47.91 6.18
C GLY F 14 -17.57 -47.29 6.04
N SER F 15 -16.62 -48.00 5.45
CA SER F 15 -15.21 -47.62 5.48
C SER F 15 -14.90 -46.60 4.40
N ARG F 16 -13.91 -45.75 4.67
CA ARG F 16 -13.51 -44.69 3.76
C ARG F 16 -12.21 -45.10 3.10
N VAL F 17 -12.21 -45.16 1.78
CA VAL F 17 -11.02 -45.56 1.03
C VAL F 17 -10.62 -44.41 0.12
N LEU F 18 -9.35 -44.04 0.15
CA LEU F 18 -8.80 -43.02 -0.74
C LEU F 18 -7.96 -43.70 -1.81
N VAL F 19 -8.28 -43.45 -3.08
CA VAL F 19 -7.59 -44.11 -4.16
C VAL F 19 -6.57 -43.20 -4.84
N ILE F 20 -5.30 -43.30 -4.45
CA ILE F 20 -4.31 -42.55 -5.21
C ILE F 20 -3.99 -43.31 -6.49
N GLY F 21 -4.56 -42.80 -7.57
CA GLY F 21 -4.40 -43.36 -8.88
C GLY F 21 -5.51 -44.25 -9.37
N GLY F 22 -6.76 -44.02 -8.95
CA GLY F 22 -7.83 -44.94 -9.27
C GLY F 22 -8.66 -44.75 -10.53
N THR F 23 -8.24 -43.95 -11.51
CA THR F 23 -9.15 -43.71 -12.64
C THR F 23 -9.06 -44.70 -13.81
N SER F 24 -8.00 -45.50 -13.95
CA SER F 24 -8.12 -46.80 -14.63
C SER F 24 -7.06 -47.75 -14.12
N GLY F 25 -7.09 -48.94 -14.68
CA GLY F 25 -6.03 -49.90 -14.55
C GLY F 25 -6.11 -50.54 -13.19
N ILE F 26 -4.97 -50.71 -12.50
CA ILE F 26 -4.97 -51.47 -11.25
C ILE F 26 -5.78 -50.75 -10.19
N GLY F 27 -5.48 -49.46 -9.97
CA GLY F 27 -6.20 -48.68 -8.97
C GLY F 27 -7.69 -48.59 -9.21
N PHE F 28 -8.12 -48.58 -10.46
CA PHE F 28 -9.56 -48.49 -10.71
C PHE F 28 -10.27 -49.76 -10.27
N ALA F 29 -9.67 -50.92 -10.55
CA ALA F 29 -10.29 -52.18 -10.17
C ALA F 29 -10.48 -52.31 -8.67
N VAL F 30 -9.59 -51.72 -7.86
CA VAL F 30 -9.78 -51.77 -6.41
C VAL F 30 -10.95 -50.88 -5.99
N CYS F 31 -11.21 -49.77 -6.72
CA CYS F 31 -12.36 -48.96 -6.35
C CYS F 31 -13.66 -49.68 -6.68
N ALA F 32 -13.66 -50.48 -7.75
CA ALA F 32 -14.80 -51.33 -8.04
C ALA F 32 -14.98 -52.37 -6.94
N ALA F 33 -13.88 -53.03 -6.56
CA ALA F 33 -13.94 -54.02 -5.50
C ALA F 33 -14.33 -53.39 -4.17
N ALA F 34 -13.75 -52.24 -3.83
CA ALA F 34 -14.11 -51.57 -2.59
C ALA F 34 -15.60 -51.25 -2.58
N LEU F 35 -16.12 -50.74 -3.69
CA LEU F 35 -17.55 -50.47 -3.79
C LEU F 35 -18.35 -51.76 -3.91
N GLY F 36 -17.71 -52.86 -4.32
CA GLY F 36 -18.41 -54.13 -4.33
C GLY F 36 -18.88 -54.54 -2.95
N HIS F 37 -18.17 -54.12 -1.91
CA HIS F 37 -18.62 -54.29 -0.53
C HIS F 37 -19.36 -53.06 0.00
N GLY F 38 -19.60 -52.04 -0.82
CA GLY F 38 -20.32 -50.87 -0.35
C GLY F 38 -19.45 -49.79 0.29
N ALA F 39 -18.13 -49.79 0.06
CA ALA F 39 -17.24 -48.83 0.69
C ALA F 39 -17.43 -47.42 0.13
N ILE F 40 -16.92 -46.43 0.88
CA ILE F 40 -16.91 -45.04 0.44
C ILE F 40 -15.57 -44.76 -0.24
N VAL F 41 -15.63 -44.44 -1.55
CA VAL F 41 -14.48 -44.31 -2.44
C VAL F 41 -14.25 -42.88 -2.91
N THR F 42 -13.01 -42.41 -2.68
CA THR F 42 -12.42 -41.20 -3.25
C THR F 42 -11.33 -41.52 -4.26
N ILE F 43 -11.50 -40.95 -5.44
CA ILE F 43 -10.71 -41.21 -6.63
C ILE F 43 -9.80 -40.01 -6.83
N VAL F 44 -8.54 -40.27 -7.14
CA VAL F 44 -7.62 -39.19 -7.42
C VAL F 44 -7.13 -39.53 -8.82
N GLY F 45 -7.05 -38.54 -9.71
CA GLY F 45 -6.62 -38.85 -11.05
C GLY F 45 -5.79 -37.68 -11.54
N SER F 46 -5.18 -37.81 -12.72
CA SER F 46 -4.38 -36.70 -13.20
C SER F 46 -4.92 -36.13 -14.49
N ASN F 47 -5.91 -36.80 -15.11
CA ASN F 47 -6.59 -36.38 -16.33
C ASN F 47 -8.05 -36.00 -16.00
N ALA F 48 -8.43 -34.78 -16.28
CA ALA F 48 -9.75 -34.36 -15.86
C ALA F 48 -10.83 -35.14 -16.51
N GLN F 49 -10.65 -35.42 -17.78
CA GLN F 49 -11.61 -36.17 -18.52
C GLN F 49 -11.71 -37.53 -17.98
N LYS F 50 -10.54 -38.10 -17.77
CA LYS F 50 -10.43 -39.47 -17.39
C LYS F 50 -11.15 -39.74 -16.12
N LEU F 51 -10.89 -38.87 -15.15
CA LEU F 51 -11.37 -38.97 -13.81
C LEU F 51 -12.85 -38.99 -13.87
N LYS F 52 -13.43 -38.21 -14.77
CA LYS F 52 -14.85 -38.19 -15.09
C LYS F 52 -15.29 -39.52 -15.75
N ASP F 53 -14.42 -40.16 -16.60
CA ASP F 53 -14.82 -41.48 -17.13
C ASP F 53 -14.97 -42.49 -16.00
N SER F 54 -14.02 -42.49 -15.09
CA SER F 54 -13.97 -43.51 -14.07
C SER F 54 -15.15 -43.41 -13.12
N VAL F 55 -15.49 -42.20 -12.70
CA VAL F 55 -16.62 -42.00 -11.80
C VAL F 55 -17.95 -42.25 -12.50
N ALA F 56 -18.03 -41.99 -13.81
CA ALA F 56 -19.27 -42.28 -14.54
C ALA F 56 -19.50 -43.78 -14.66
N ARG F 57 -18.43 -44.51 -14.95
CA ARG F 57 -18.49 -45.94 -15.19
C ARG F 57 -18.82 -46.67 -13.90
N LEU F 58 -18.59 -46.03 -12.74
CA LEU F 58 -18.69 -46.66 -11.43
C LEU F 58 -20.03 -46.50 -10.75
N LYS F 59 -20.87 -45.57 -11.17
CA LYS F 59 -22.25 -45.59 -10.72
C LYS F 59 -23.19 -46.20 -11.72
N SER F 60 -22.72 -46.73 -12.84
CA SER F 60 -23.62 -47.53 -13.66
C SER F 60 -23.41 -49.03 -13.53
N SER F 61 -22.30 -49.47 -12.97
CA SER F 61 -22.19 -50.88 -12.63
C SER F 61 -22.53 -51.13 -11.15
N PHE F 62 -22.69 -50.05 -10.36
CA PHE F 62 -23.34 -50.07 -9.03
C PHE F 62 -24.34 -48.92 -9.09
N PRO F 63 -25.51 -49.12 -9.70
CA PRO F 63 -26.47 -48.01 -9.83
C PRO F 63 -27.20 -47.58 -8.56
N SER F 64 -27.44 -48.48 -7.59
CA SER F 64 -28.12 -48.15 -6.33
C SER F 64 -27.20 -47.68 -5.20
N THR F 65 -25.89 -47.88 -5.31
CA THR F 65 -25.03 -47.09 -4.46
C THR F 65 -25.32 -45.60 -4.64
N ASP F 66 -25.43 -44.90 -3.53
CA ASP F 66 -25.60 -43.49 -3.57
C ASP F 66 -24.34 -42.89 -4.19
N PRO F 67 -24.50 -41.93 -5.10
CA PRO F 67 -23.34 -41.36 -5.77
C PRO F 67 -22.39 -40.67 -4.83
N ASP F 68 -22.82 -39.92 -3.83
CA ASP F 68 -21.60 -39.37 -3.21
C ASP F 68 -20.89 -40.34 -2.24
N ASP F 69 -21.15 -41.65 -2.34
CA ASP F 69 -20.12 -42.58 -1.88
C ASP F 69 -19.02 -42.71 -2.92
N ILE F 70 -19.16 -41.98 -4.03
CA ILE F 70 -18.23 -42.02 -5.16
C ILE F 70 -17.78 -40.57 -5.36
N VAL F 71 -16.69 -40.21 -4.68
CA VAL F 71 -16.11 -38.87 -4.73
C VAL F 71 -14.84 -38.94 -5.58
N ALA F 72 -14.57 -37.85 -6.27
CA ALA F 72 -13.48 -37.76 -7.23
C ALA F 72 -12.64 -36.52 -6.96
N VAL F 73 -11.33 -36.57 -7.24
CA VAL F 73 -10.51 -35.38 -7.02
C VAL F 73 -9.44 -35.25 -8.11
N ARG F 74 -9.29 -34.03 -8.60
CA ARG F 74 -8.35 -33.67 -9.65
C ARG F 74 -7.02 -33.28 -9.02
N CYS F 75 -5.96 -34.03 -9.32
CA CYS F 75 -4.64 -33.74 -8.75
C CYS F 75 -3.54 -34.13 -9.73
N ASP F 76 -2.58 -33.25 -9.95
CA ASP F 76 -1.36 -33.66 -10.66
C ASP F 76 -0.23 -33.67 -9.65
N LEU F 77 0.34 -34.85 -9.42
CA LEU F 77 1.43 -34.98 -8.47
C LEU F 77 2.77 -34.93 -9.19
N SER F 78 2.78 -34.74 -10.53
CA SER F 78 3.96 -34.82 -11.39
C SER F 78 4.94 -33.64 -11.21
N ASN F 79 4.51 -32.67 -10.43
CA ASN F 79 5.24 -31.44 -10.24
C ASN F 79 5.74 -31.27 -8.87
N SER F 80 6.95 -30.73 -8.70
CA SER F 80 7.53 -30.57 -7.39
C SER F 80 6.62 -29.72 -6.54
N ASP F 81 6.17 -28.61 -7.09
CA ASP F 81 5.20 -27.68 -6.47
C ASP F 81 3.82 -28.20 -6.71
N THR F 82 2.87 -27.80 -5.95
CA THR F 82 1.56 -28.38 -6.19
C THR F 82 1.43 -29.78 -5.57
N VAL F 83 2.54 -30.39 -5.10
CA VAL F 83 2.46 -31.80 -4.73
C VAL F 83 1.84 -31.94 -3.34
N GLU F 84 2.49 -31.38 -2.33
CA GLU F 84 2.02 -31.49 -0.97
C GLU F 84 0.67 -30.84 -0.82
N GLN F 85 0.38 -29.79 -1.60
CA GLN F 85 -0.86 -29.11 -1.35
C GLN F 85 -2.02 -29.97 -1.85
N ASP F 86 -1.75 -30.77 -2.90
CA ASP F 86 -2.71 -31.71 -3.46
C ASP F 86 -2.81 -33.01 -2.65
N ILE F 87 -1.73 -33.53 -2.05
CA ILE F 87 -1.99 -34.67 -1.16
C ILE F 87 -2.92 -34.16 -0.06
N GLU F 88 -2.60 -32.97 0.43
CA GLU F 88 -3.36 -32.37 1.52
C GLU F 88 -4.80 -32.18 1.11
N LYS F 89 -5.03 -31.89 -0.16
CA LYS F 89 -6.39 -31.71 -0.64
C LYS F 89 -7.11 -33.05 -0.73
N ALA F 90 -6.43 -34.09 -1.23
CA ALA F 90 -7.12 -35.35 -1.54
C ALA F 90 -7.59 -36.09 -0.31
N LEU F 91 -6.82 -36.10 0.77
CA LEU F 91 -7.24 -36.78 1.99
C LEU F 91 -8.22 -35.90 2.79
N GLN F 92 -8.09 -34.57 2.68
CA GLN F 92 -9.07 -33.68 3.29
C GLN F 92 -10.45 -33.92 2.72
N LEU F 93 -10.54 -34.18 1.41
CA LEU F 93 -11.80 -34.51 0.78
C LEU F 93 -12.17 -35.98 0.97
N ALA F 94 -11.17 -36.87 1.02
CA ALA F 94 -11.44 -38.29 1.22
C ALA F 94 -12.02 -38.57 2.60
N ALA F 95 -11.56 -37.84 3.62
CA ALA F 95 -12.08 -38.04 4.97
C ALA F 95 -13.54 -37.65 5.06
N GLY F 96 -13.91 -36.54 4.42
CA GLY F 96 -15.28 -36.07 4.53
C GLY F 96 -15.69 -35.87 5.97
N ASN F 97 -16.79 -36.49 6.36
CA ASN F 97 -17.18 -36.38 7.76
C ASN F 97 -16.37 -37.28 8.70
N SER F 98 -16.03 -38.48 8.26
CA SER F 98 -15.34 -39.47 9.10
C SER F 98 -13.82 -39.47 8.89
N LYS F 99 -13.16 -40.50 9.43
CA LYS F 99 -11.73 -40.70 9.27
C LYS F 99 -11.50 -41.60 8.07
N ILE F 100 -10.38 -41.40 7.36
CA ILE F 100 -10.11 -42.31 6.25
C ILE F 100 -9.72 -43.65 6.84
N ASN F 101 -10.24 -44.72 6.26
CA ASN F 101 -9.96 -46.03 6.80
C ASN F 101 -8.83 -46.71 6.06
N HIS F 102 -8.80 -46.71 4.72
CA HIS F 102 -7.64 -47.28 4.05
C HIS F 102 -7.25 -46.43 2.85
N ILE F 103 -5.94 -46.53 2.53
CA ILE F 103 -5.22 -45.74 1.53
C ILE F 103 -4.77 -46.67 0.40
N VAL F 104 -4.95 -46.24 -0.85
CA VAL F 104 -4.48 -46.99 -2.02
C VAL F 104 -3.71 -46.02 -2.91
N ILE F 105 -2.47 -46.36 -3.23
CA ILE F 105 -1.64 -45.52 -4.11
C ILE F 105 -1.25 -46.34 -5.34
N THR F 106 -1.59 -45.83 -6.51
CA THR F 106 -1.27 -46.50 -7.76
C THR F 106 -0.55 -45.56 -8.70
N ALA F 107 -0.38 -44.31 -8.31
CA ALA F 107 -0.02 -43.26 -9.25
C ALA F 107 1.35 -43.49 -9.85
N ALA F 108 1.38 -43.39 -11.18
CA ALA F 108 2.58 -43.58 -11.97
C ALA F 108 2.37 -42.83 -13.27
N ASP F 109 3.37 -42.09 -13.73
CA ASP F 109 3.05 -41.49 -15.03
C ASP F 109 3.39 -42.43 -16.22
N MET F 110 3.79 -43.71 -16.00
CA MET F 110 3.88 -44.71 -17.11
C MET F 110 4.62 -44.18 -18.34
N THR F 111 5.84 -43.69 -18.23
CA THR F 111 6.42 -43.30 -19.53
C THR F 111 7.79 -43.91 -19.73
N ALA F 112 8.05 -44.33 -20.97
CA ALA F 112 9.28 -45.04 -21.28
C ALA F 112 10.49 -44.15 -21.02
N PRO F 113 11.48 -44.63 -20.26
CA PRO F 113 12.70 -43.86 -20.04
C PRO F 113 13.61 -43.92 -21.25
N PRO F 114 14.56 -42.99 -21.37
CA PRO F 114 15.55 -43.05 -22.45
C PRO F 114 16.62 -44.11 -22.17
N PRO F 115 17.35 -44.55 -23.20
CA PRO F 115 18.46 -45.48 -22.99
C PRO F 115 19.57 -44.86 -22.16
N LEU F 116 20.49 -45.72 -21.69
CA LEU F 116 21.51 -45.28 -20.74
C LEU F 116 22.53 -44.27 -21.29
N GLU F 117 22.78 -44.24 -22.60
CA GLU F 117 23.63 -43.16 -23.14
C GLU F 117 22.93 -41.81 -23.04
N ASP F 118 21.60 -41.84 -23.07
CA ASP F 118 20.75 -40.65 -22.99
C ASP F 118 20.41 -40.33 -21.54
N LEU F 119 21.18 -40.90 -20.62
CA LEU F 119 21.05 -40.64 -19.19
C LEU F 119 21.06 -39.14 -18.91
N THR F 120 20.09 -38.67 -18.10
CA THR F 120 20.07 -37.26 -17.71
C THR F 120 19.90 -37.16 -16.21
N VAL F 121 20.46 -36.09 -15.63
CA VAL F 121 20.21 -35.79 -14.22
C VAL F 121 18.71 -35.58 -14.01
N ASP F 122 18.04 -35.05 -15.02
CA ASP F 122 16.62 -34.74 -15.03
C ASP F 122 15.76 -35.95 -15.30
N SER F 123 16.23 -36.86 -16.17
CA SER F 123 15.53 -38.12 -16.40
C SER F 123 15.43 -38.97 -15.16
N VAL F 124 16.48 -39.02 -14.35
CA VAL F 124 16.54 -40.03 -13.31
C VAL F 124 15.60 -39.69 -12.17
N GLN F 125 15.48 -38.41 -11.81
CA GLN F 125 14.68 -38.17 -10.63
C GLN F 125 13.24 -37.75 -10.93
N ARG F 126 12.87 -37.58 -12.18
CA ARG F 126 11.51 -37.18 -12.54
C ARG F 126 10.55 -38.31 -12.18
N PRO F 127 10.96 -39.57 -12.20
CA PRO F 127 10.13 -40.55 -11.47
C PRO F 127 10.04 -40.29 -9.95
N GLY F 128 11.05 -39.64 -9.36
CA GLY F 128 11.02 -39.36 -7.95
C GLY F 128 9.90 -38.41 -7.60
N ILE F 129 9.23 -37.88 -8.60
CA ILE F 129 8.23 -36.89 -8.31
C ILE F 129 7.09 -37.49 -7.49
N ILE F 130 6.61 -38.67 -7.88
CA ILE F 130 5.41 -39.25 -7.31
C ILE F 130 5.65 -40.58 -6.58
N ARG F 131 6.69 -41.27 -6.97
CA ARG F 131 6.91 -42.61 -6.49
C ARG F 131 7.41 -42.60 -5.07
N LEU F 132 8.12 -41.54 -4.69
CA LEU F 132 8.72 -41.43 -3.38
C LEU F 132 8.14 -40.31 -2.51
N VAL F 133 8.07 -39.07 -2.98
CA VAL F 133 7.69 -37.97 -2.10
C VAL F 133 6.17 -37.86 -2.00
N ALA F 134 5.44 -38.13 -3.08
CA ALA F 134 3.98 -38.15 -2.96
C ALA F 134 3.58 -39.12 -1.86
N PRO F 135 4.09 -40.35 -1.81
CA PRO F 135 3.86 -41.17 -0.61
C PRO F 135 4.44 -40.57 0.66
N LEU F 136 5.58 -39.89 0.59
CA LEU F 136 6.09 -39.27 1.81
C LEU F 136 5.15 -38.18 2.30
N MET F 137 4.58 -37.43 1.37
CA MET F 137 3.54 -36.48 1.72
C MET F 137 2.25 -37.20 2.11
N VAL F 138 1.99 -38.42 1.66
CA VAL F 138 0.82 -39.13 2.18
C VAL F 138 0.96 -39.39 3.68
N ALA F 139 2.12 -39.88 4.11
CA ALA F 139 2.35 -40.12 5.53
C ALA F 139 2.40 -38.84 6.36
N LYS F 140 2.83 -37.74 5.76
CA LYS F 140 3.02 -36.52 6.54
C LYS F 140 1.71 -35.96 7.06
N HIS F 141 0.64 -36.05 6.27
CA HIS F 141 -0.59 -35.36 6.58
C HIS F 141 -1.76 -36.30 6.89
N LEU F 142 -1.61 -37.60 6.68
CA LEU F 142 -2.70 -38.51 7.01
C LEU F 142 -3.03 -38.55 8.51
N PRO F 143 -2.12 -38.26 9.45
CA PRO F 143 -2.53 -38.25 10.86
C PRO F 143 -3.72 -37.34 11.16
N LYS F 144 -3.87 -36.23 10.44
CA LYS F 144 -5.03 -35.35 10.61
C LYS F 144 -6.31 -35.90 10.01
N TYR F 145 -6.21 -36.88 9.12
CA TYR F 145 -7.37 -37.45 8.44
C TYR F 145 -7.54 -38.95 8.66
N MET F 146 -6.60 -39.61 9.36
CA MET F 146 -6.69 -41.05 9.59
C MET F 146 -6.41 -41.41 11.03
N ASN F 147 -6.99 -42.53 11.43
CA ASN F 147 -6.66 -43.10 12.72
C ASN F 147 -5.36 -43.84 12.56
N LYS F 148 -4.41 -43.51 13.41
CA LYS F 148 -3.10 -44.15 13.54
C LYS F 148 -3.22 -45.49 14.29
N CYS F 149 -4.07 -46.35 13.75
CA CYS F 149 -4.53 -47.62 14.42
C CYS F 149 -4.48 -48.78 13.49
N PRO F 150 -4.28 -50.08 14.05
CA PRO F 150 -4.18 -51.26 13.21
C PRO F 150 -5.35 -51.53 12.26
N GLN F 151 -6.47 -50.86 12.47
CA GLN F 151 -7.65 -50.97 11.60
C GLN F 151 -7.57 -50.08 10.35
N SER F 152 -6.51 -49.27 10.23
CA SER F 152 -6.24 -48.42 9.07
C SER F 152 -5.07 -49.01 8.29
N SER F 153 -4.96 -48.64 7.01
CA SER F 153 -3.85 -49.16 6.22
C SER F 153 -3.31 -48.07 5.31
N LEU F 154 -2.04 -48.26 4.91
CA LEU F 154 -1.40 -47.58 3.78
C LEU F 154 -0.91 -48.68 2.84
N THR F 155 -1.28 -48.60 1.56
CA THR F 155 -0.91 -49.64 0.59
C THR F 155 -0.09 -49.01 -0.54
N LEU F 156 1.14 -49.51 -0.75
CA LEU F 156 2.00 -49.02 -1.81
C LEU F 156 2.02 -50.00 -2.99
N THR F 157 2.71 -49.62 -4.08
CA THR F 157 2.73 -50.44 -5.28
C THR F 157 4.15 -50.58 -5.82
N SER F 158 4.51 -51.81 -6.10
CA SER F 158 5.83 -52.21 -6.59
C SER F 158 5.62 -53.29 -7.66
N GLY F 159 6.67 -54.04 -7.99
CA GLY F 159 6.46 -55.20 -8.86
C GLY F 159 7.63 -56.15 -8.89
N ALA F 160 7.43 -57.27 -9.60
CA ALA F 160 8.52 -58.22 -9.77
C ALA F 160 9.69 -57.61 -10.52
N HIS F 161 9.46 -56.53 -11.27
CA HIS F 161 10.54 -55.79 -11.91
C HIS F 161 11.55 -55.24 -10.90
N CYS F 162 11.20 -55.18 -9.62
CA CYS F 162 12.14 -54.74 -8.59
C CYS F 162 13.23 -55.78 -8.36
N LEU F 163 12.92 -57.05 -8.60
CA LEU F 163 13.90 -58.13 -8.60
C LEU F 163 14.13 -58.68 -9.99
N ARG F 164 13.19 -58.48 -10.90
CA ARG F 164 13.31 -58.90 -12.30
C ARG F 164 13.18 -57.68 -13.19
N PRO F 165 14.20 -56.83 -13.25
CA PRO F 165 14.07 -55.58 -14.01
C PRO F 165 14.02 -55.87 -15.50
N ASP F 166 13.01 -55.34 -16.15
CA ASP F 166 12.98 -55.43 -17.60
C ASP F 166 13.89 -54.35 -18.18
N PRO F 167 14.67 -54.66 -19.21
CA PRO F 167 15.44 -53.62 -19.89
C PRO F 167 14.58 -52.86 -20.89
N GLY F 168 14.87 -51.57 -21.04
CA GLY F 168 15.87 -50.84 -20.26
C GLY F 168 15.30 -50.05 -19.09
N TRP F 169 14.48 -50.69 -18.27
CA TRP F 169 13.73 -50.01 -17.21
C TRP F 169 14.42 -50.12 -15.85
N THR F 170 15.75 -50.06 -15.84
CA THR F 170 16.52 -50.22 -14.61
C THR F 170 16.16 -49.16 -13.57
N VAL F 171 16.05 -47.90 -13.99
CA VAL F 171 15.90 -46.80 -13.03
C VAL F 171 14.53 -46.84 -12.33
N ILE F 172 13.46 -47.20 -13.03
CA ILE F 172 12.17 -47.19 -12.33
C ILE F 172 12.03 -48.42 -11.45
N SER F 173 12.73 -49.52 -11.80
CA SER F 173 12.80 -50.64 -10.87
C SER F 173 13.46 -50.20 -9.57
N GLY F 174 14.44 -49.30 -9.65
CA GLY F 174 15.03 -48.75 -8.44
C GLY F 174 14.03 -48.03 -7.57
N TYR F 175 13.17 -47.21 -8.19
CA TYR F 175 12.20 -46.44 -7.43
C TYR F 175 11.19 -47.33 -6.73
N CYS F 176 10.70 -48.36 -7.41
CA CYS F 176 9.80 -49.31 -6.76
C CYS F 176 10.51 -50.11 -5.70
N GLY F 177 11.81 -50.40 -5.89
CA GLY F 177 12.60 -50.95 -4.80
C GLY F 177 12.69 -49.98 -3.64
N ALA F 178 12.74 -48.69 -3.93
CA ALA F 178 12.69 -47.70 -2.86
C ALA F 178 11.31 -47.68 -2.21
N VAL F 179 10.25 -47.88 -3.01
CA VAL F 179 8.89 -47.85 -2.51
C VAL F 179 8.70 -48.92 -1.42
N GLU F 180 9.26 -50.11 -1.64
CA GLU F 180 9.12 -51.18 -0.67
C GLU F 180 9.94 -50.89 0.58
N ALA F 181 11.16 -50.40 0.39
CA ALA F 181 11.97 -50.02 1.53
C ALA F 181 11.32 -48.90 2.33
N MET F 182 10.79 -47.83 1.67
CA MET F 182 10.19 -46.82 2.54
C MET F 182 8.95 -47.35 3.21
N SER F 183 8.15 -48.17 2.52
CA SER F 183 7.03 -48.87 3.15
C SER F 183 7.39 -49.45 4.52
N ARG F 184 8.49 -50.19 4.61
CA ARG F 184 8.90 -50.75 5.88
C ARG F 184 9.25 -49.64 6.87
N GLY F 185 9.91 -48.59 6.38
CA GLY F 185 10.16 -47.43 7.23
C GLY F 185 8.88 -46.76 7.69
N LEU F 186 7.87 -46.70 6.81
CA LEU F 186 6.60 -46.09 7.18
C LEU F 186 5.81 -46.97 8.14
N ALA F 187 6.10 -48.26 8.16
CA ALA F 187 5.50 -49.15 9.15
C ALA F 187 5.97 -48.81 10.56
N ILE F 188 7.13 -48.19 10.71
CA ILE F 188 7.62 -47.73 12.01
C ILE F 188 7.16 -46.31 12.29
N ASP F 189 7.19 -45.45 11.29
CA ASP F 189 6.72 -44.08 11.45
C ASP F 189 5.23 -44.03 11.78
N LEU F 190 4.41 -44.82 11.08
CA LEU F 190 2.96 -44.76 11.23
C LEU F 190 2.39 -45.83 12.14
N LYS F 191 3.23 -46.60 12.83
CA LYS F 191 2.71 -47.64 13.72
C LYS F 191 1.85 -47.02 14.81
N PRO F 192 0.78 -47.71 15.25
CA PRO F 192 0.41 -49.06 14.84
C PRO F 192 -0.42 -49.15 13.55
N LEU F 193 -0.50 -48.05 12.78
CA LEU F 193 -1.16 -48.12 11.49
C LEU F 193 -0.40 -49.07 10.59
N ARG F 194 -1.11 -49.66 9.63
CA ARG F 194 -0.52 -50.72 8.83
C ARG F 194 -0.01 -50.21 7.49
N VAL F 195 1.21 -50.63 7.12
CA VAL F 195 1.86 -50.18 5.89
C VAL F 195 2.40 -51.37 5.08
N ASN F 196 2.03 -51.44 3.79
CA ASN F 196 2.44 -52.54 2.92
C ASN F 196 2.45 -52.17 1.45
N VAL F 197 2.88 -53.14 0.65
CA VAL F 197 3.07 -53.05 -0.80
C VAL F 197 2.38 -54.23 -1.47
N VAL F 198 1.85 -53.98 -2.68
CA VAL F 198 1.42 -55.01 -3.62
C VAL F 198 2.38 -54.98 -4.81
N ALA F 199 2.89 -56.14 -5.19
CA ALA F 199 3.84 -56.23 -6.30
C ALA F 199 3.26 -57.04 -7.46
N PRO F 200 2.48 -56.43 -8.35
CA PRO F 200 1.94 -57.17 -9.50
C PRO F 200 3.02 -57.50 -10.52
N GLY F 201 2.67 -58.42 -11.41
CA GLY F 201 3.60 -58.84 -12.45
C GLY F 201 3.31 -58.19 -13.78
N ALA F 202 2.61 -58.91 -14.67
CA ALA F 202 2.26 -58.40 -15.99
C ALA F 202 0.73 -58.28 -16.08
N VAL F 203 0.24 -57.04 -16.07
CA VAL F 203 -1.20 -56.77 -16.20
C VAL F 203 -1.41 -55.89 -17.42
N LEU F 204 -2.20 -56.38 -18.38
CA LEU F 204 -2.40 -55.69 -19.67
C LEU F 204 -3.52 -54.66 -19.56
N THR F 205 -3.20 -53.59 -18.84
CA THR F 205 -4.08 -52.45 -18.72
C THR F 205 -4.01 -51.55 -19.94
N GLU F 206 -4.88 -50.55 -19.94
CA GLU F 206 -4.97 -49.60 -21.04
C GLU F 206 -3.69 -48.79 -21.23
N ALA F 207 -2.94 -48.58 -20.14
CA ALA F 207 -1.64 -47.91 -20.26
C ALA F 207 -0.61 -48.78 -20.96
N VAL F 208 -0.54 -50.07 -20.63
CA VAL F 208 0.57 -50.88 -21.14
C VAL F 208 0.46 -51.06 -22.64
N LYS F 209 -0.75 -51.01 -23.20
CA LYS F 209 -0.83 -51.03 -24.65
C LYS F 209 -0.15 -49.82 -25.27
N ASP F 210 -0.24 -48.66 -24.60
CA ASP F 210 0.40 -47.44 -25.07
C ASP F 210 1.92 -47.51 -24.94
N ILE F 211 2.40 -48.21 -23.88
CA ILE F 211 3.82 -48.23 -23.49
C ILE F 211 4.63 -49.04 -24.49
N LEU F 212 4.14 -50.21 -24.90
CA LEU F 212 4.89 -51.09 -25.79
C LEU F 212 4.54 -50.91 -27.26
N GLY F 213 3.45 -50.23 -27.57
CA GLY F 213 3.17 -49.84 -28.93
C GLY F 213 3.13 -50.98 -29.93
N ASP F 214 4.16 -51.07 -30.78
CA ASP F 214 4.18 -52.03 -31.87
C ASP F 214 4.50 -53.44 -31.40
N ALA F 215 5.28 -53.57 -30.33
CA ALA F 215 5.64 -54.88 -29.79
C ALA F 215 4.57 -55.48 -28.89
N TYR F 216 3.34 -54.96 -28.88
CA TYR F 216 2.37 -55.40 -27.88
C TYR F 216 2.02 -56.88 -28.06
N ASP F 217 1.69 -57.28 -29.29
CA ASP F 217 1.26 -58.66 -29.51
C ASP F 217 2.42 -59.63 -29.34
N ALA F 218 3.62 -59.22 -29.77
CA ALA F 218 4.80 -60.05 -29.54
C ALA F 218 5.16 -60.12 -28.06
N ALA F 219 4.84 -59.07 -27.30
CA ALA F 219 5.14 -59.06 -25.88
C ALA F 219 4.12 -59.86 -25.07
N VAL F 220 2.87 -59.95 -25.55
CA VAL F 220 1.81 -60.61 -24.79
C VAL F 220 2.06 -62.11 -24.64
N GLU F 221 2.54 -62.78 -25.70
CA GLU F 221 2.88 -64.21 -25.61
C GLU F 221 4.18 -64.49 -24.84
N MET F 222 5.20 -63.60 -24.89
CA MET F 222 6.39 -63.95 -24.12
C MET F 222 6.19 -63.66 -22.63
N ALA F 223 5.25 -62.78 -22.29
CA ALA F 223 4.90 -62.64 -20.88
C ALA F 223 4.07 -63.84 -20.42
N GLU F 224 3.14 -64.27 -21.28
CA GLU F 224 2.35 -65.46 -20.99
C GLU F 224 3.20 -66.72 -20.93
N ALA F 225 4.27 -66.81 -21.75
CA ALA F 225 5.08 -68.04 -21.79
C ALA F 225 6.06 -68.15 -20.62
N LYS F 226 6.61 -67.04 -20.16
CA LYS F 226 7.57 -67.05 -19.04
C LYS F 226 6.87 -67.01 -17.71
N SER F 227 5.70 -67.62 -17.69
CA SER F 227 4.73 -67.65 -16.64
C SER F 227 4.41 -69.11 -16.24
N THR F 228 4.19 -69.38 -14.93
CA THR F 228 3.68 -70.70 -14.56
C THR F 228 2.23 -70.89 -14.98
N VAL F 229 1.37 -69.92 -14.65
CA VAL F 229 0.07 -69.81 -15.31
C VAL F 229 0.35 -69.50 -16.77
N GLY F 230 -0.58 -69.85 -17.65
CA GLY F 230 -0.41 -69.44 -19.04
C GLY F 230 -1.05 -68.09 -19.33
N GLN F 231 -0.94 -67.14 -18.40
CA GLN F 231 -1.76 -65.93 -18.42
C GLN F 231 -0.93 -64.71 -18.04
N THR F 232 -1.40 -63.51 -18.39
CA THR F 232 -0.95 -62.31 -17.71
C THR F 232 -1.98 -62.03 -16.63
N GLY F 233 -1.72 -61.02 -15.79
CA GLY F 233 -2.60 -60.75 -14.66
C GLY F 233 -3.84 -59.92 -15.00
N SER F 234 -5.02 -60.40 -14.56
CA SER F 234 -6.23 -59.59 -14.57
C SER F 234 -6.14 -58.44 -13.57
N PRO F 235 -6.59 -57.23 -13.94
CA PRO F 235 -6.74 -56.15 -12.93
C PRO F 235 -7.66 -56.54 -11.76
N GLU F 236 -8.67 -57.36 -12.05
CA GLU F 236 -9.62 -57.96 -11.09
C GLU F 236 -9.01 -58.73 -9.95
N SER F 237 -8.10 -59.63 -10.24
CA SER F 237 -7.53 -60.48 -9.19
C SER F 237 -6.40 -59.77 -8.44
N VAL F 238 -5.53 -59.03 -9.15
CA VAL F 238 -4.51 -58.26 -8.46
C VAL F 238 -5.17 -57.26 -7.54
N ALA F 239 -6.32 -56.71 -7.95
CA ALA F 239 -7.04 -55.76 -7.11
C ALA F 239 -7.45 -56.36 -5.77
N GLN F 240 -7.65 -57.68 -5.72
CA GLN F 240 -8.00 -58.34 -4.47
C GLN F 240 -6.86 -58.32 -3.46
N ALA F 241 -5.61 -58.16 -3.94
CA ALA F 241 -4.49 -58.04 -3.01
C ALA F 241 -4.62 -56.79 -2.16
N TYR F 242 -5.09 -55.70 -2.75
CA TYR F 242 -5.33 -54.48 -2.00
C TYR F 242 -6.48 -54.66 -1.02
N ILE F 243 -7.57 -55.30 -1.46
CA ILE F 243 -8.69 -55.58 -0.55
C ILE F 243 -8.24 -56.47 0.60
N TYR F 244 -7.35 -57.44 0.31
CA TYR F 244 -6.82 -58.31 1.36
C TYR F 244 -6.17 -57.50 2.47
N LEU F 245 -5.27 -56.58 2.10
CA LEU F 245 -4.56 -55.79 3.10
C LEU F 245 -5.50 -54.90 3.89
N MET F 246 -6.72 -54.68 3.41
CA MET F 246 -7.70 -53.94 4.19
C MET F 246 -8.38 -54.80 5.26
N LYS F 247 -8.56 -56.09 4.99
CA LYS F 247 -9.27 -56.96 5.93
C LYS F 247 -8.39 -57.67 6.94
N ASP F 248 -7.12 -57.88 6.63
CA ASP F 248 -6.30 -58.55 7.58
C ASP F 248 -5.58 -57.41 8.29
N HIS F 249 -5.97 -57.15 9.53
CA HIS F 249 -5.47 -56.05 10.34
C HIS F 249 -4.16 -56.37 11.06
N TYR F 250 -3.52 -57.48 10.74
CA TYR F 250 -2.20 -57.82 11.26
C TYR F 250 -1.11 -57.61 10.21
N ALA F 251 -1.46 -57.31 8.96
CA ALA F 251 -0.47 -57.18 7.91
C ALA F 251 0.17 -55.79 7.87
N SER F 252 1.49 -55.72 8.09
CA SER F 252 2.39 -54.57 7.92
C SER F 252 3.84 -55.01 7.78
N GLY F 253 4.60 -54.16 7.09
CA GLY F 253 5.99 -54.39 6.73
C GLY F 253 6.09 -55.41 5.63
N SER F 254 4.96 -55.68 4.94
CA SER F 254 4.75 -56.83 4.06
C SER F 254 4.91 -56.48 2.59
N VAL F 255 5.23 -57.52 1.81
CA VAL F 255 5.28 -57.44 0.36
C VAL F 255 4.35 -58.52 -0.18
N VAL F 256 3.26 -58.09 -0.80
CA VAL F 256 2.33 -59.03 -1.44
C VAL F 256 2.64 -59.08 -2.93
N SER F 257 3.27 -60.17 -3.34
CA SER F 257 3.70 -60.36 -4.72
C SER F 257 2.68 -61.24 -5.43
N THR F 258 2.14 -60.72 -6.53
CA THR F 258 1.24 -61.51 -7.39
C THR F 258 1.84 -61.41 -8.79
N ASN F 259 2.52 -62.49 -9.21
CA ASN F 259 3.33 -62.41 -10.42
C ASN F 259 3.17 -63.64 -11.31
N GLY F 260 2.23 -64.53 -11.02
CA GLY F 260 2.02 -65.70 -11.86
C GLY F 260 3.21 -66.62 -11.92
N GLY F 261 4.06 -66.64 -10.89
CA GLY F 261 5.22 -67.49 -10.92
C GLY F 261 6.28 -67.09 -11.93
N MET F 262 6.33 -65.82 -12.37
CA MET F 262 7.23 -65.47 -13.45
C MET F 262 8.66 -65.72 -13.05
N LEU F 263 8.94 -65.56 -11.76
CA LEU F 263 10.28 -65.63 -11.20
C LEU F 263 10.75 -67.07 -10.99
N LEU F 264 9.90 -68.05 -11.27
CA LEU F 264 10.25 -69.46 -11.14
C LEU F 264 10.73 -70.06 -12.45
N VAL F 265 10.49 -69.38 -13.56
CA VAL F 265 10.79 -69.92 -14.88
C VAL F 265 11.77 -69.01 -15.60
#